data_3IEI
#
_entry.id   3IEI
#
_cell.length_a   106.036
_cell.length_b   81.127
_cell.length_c   82.816
_cell.angle_alpha   105.41
_cell.angle_beta   93.97
_cell.angle_gamma   104.29
#
_symmetry.space_group_name_H-M   'P 1'
#
loop_
_entity.id
_entity.type
_entity.pdbx_description
1 polymer 'Leucine carboxyl methyltransferase 1'
2 non-polymer S-ADENOSYL-L-HOMOCYSTEINE
3 non-polymer GLYCEROL
4 non-polymer '2-(N-MORPHOLINO)-ETHANESULFONIC ACID'
5 water water
#
_entity_poly.entity_id   1
_entity_poly.type   'polypeptide(L)'
_entity_poly.pdbx_seq_one_letter_code
;MATRQRESSITSCCSTSSMDENDEGVRGTCEDASLCKRFAVSIGYWHDPYIQHFVRLSKERKAPEINRGYFARVHGVSQL
IKAFLRKTECHCQIVNLGAGMDTTFWRLKDEDLLSSKYFEVDFPMIVTRKLHSIKCKPPLSSPILELHSEDTLQMDGHIL
DSKRYAVIGADLRDLSELEEKLKKCNMNTQLPTLLIAECVLVYMTPEQSANLLKWAANSFERAMFINYEQVNMGDRFGQI
MIENLRRRQCDLAGVETCKSLESQKERLLSNGWETASAVDMMELYNRLPRAEVSRIESLEFLDEMELLEQLMRHYCLCWA
TKGGNELGLKEITY
;
_entity_poly.pdbx_strand_id   A,B,C,D,E,F,G,H
#
loop_
_chem_comp.id
_chem_comp.type
_chem_comp.name
_chem_comp.formula
GOL non-polymer GLYCEROL 'C3 H8 O3'
MES non-polymer '2-(N-MORPHOLINO)-ETHANESULFONIC ACID' 'C6 H13 N O4 S'
#
# COMPACT_ATOMS: atom_id res chain seq x y z
N GLY A 25 34.12 29.26 -22.14
CA GLY A 25 33.94 27.80 -22.40
C GLY A 25 32.73 27.22 -21.69
N VAL A 26 32.51 27.61 -20.43
CA VAL A 26 31.41 27.07 -19.63
C VAL A 26 30.03 27.45 -20.19
N ARG A 27 29.85 28.72 -20.56
CA ARG A 27 28.61 29.15 -21.21
C ARG A 27 28.31 28.38 -22.51
N GLY A 28 29.36 28.08 -23.27
CA GLY A 28 29.27 27.28 -24.50
C GLY A 28 28.65 25.89 -24.37
N THR A 29 28.69 25.34 -23.16
CA THR A 29 28.09 24.03 -22.87
C THR A 29 26.56 24.03 -23.02
N CYS A 30 25.94 25.20 -22.81
CA CYS A 30 24.51 25.35 -22.97
C CYS A 30 24.11 25.02 -24.42
N GLU A 31 24.85 25.59 -25.37
CA GLU A 31 24.58 25.37 -26.79
C GLU A 31 24.80 23.91 -27.17
N ASP A 32 25.91 23.33 -26.71
CA ASP A 32 26.22 21.92 -26.97
C ASP A 32 25.11 20.99 -26.47
N ALA A 33 24.65 21.21 -25.23
CA ALA A 33 23.57 20.43 -24.65
C ALA A 33 22.26 20.56 -25.43
N SER A 34 21.88 21.79 -25.77
CA SER A 34 20.68 22.06 -26.57
C SER A 34 20.78 21.43 -27.96
N LEU A 35 21.94 21.57 -28.60
CA LEU A 35 22.16 21.00 -29.92
C LEU A 35 21.99 19.48 -29.89
N CYS A 36 22.55 18.83 -28.88
CA CYS A 36 22.51 17.38 -28.76
C CYS A 36 21.11 16.89 -28.45
N LYS A 37 20.42 17.58 -27.55
CA LYS A 37 19.06 17.20 -27.21
C LYS A 37 18.12 17.36 -28.42
N ARG A 38 18.21 18.49 -29.14
CA ARG A 38 17.31 18.67 -30.27
C ARG A 38 17.57 17.60 -31.33
N PHE A 39 18.85 17.28 -31.56
CA PHE A 39 19.21 16.23 -32.50
C PHE A 39 18.57 14.88 -32.12
N ALA A 40 18.72 14.47 -30.86
CA ALA A 40 18.12 13.23 -30.37
C ALA A 40 16.59 13.22 -30.51
N VAL A 41 15.96 14.35 -30.19
CA VAL A 41 14.51 14.54 -30.37
C VAL A 41 14.09 14.37 -31.84
N SER A 42 14.89 14.92 -32.75
CA SER A 42 14.59 14.87 -34.19
C SER A 42 14.60 13.43 -34.73
N ILE A 43 15.35 12.54 -34.07
CA ILE A 43 15.47 11.12 -34.43
C ILE A 43 14.38 10.30 -33.75
N GLY A 44 13.73 10.88 -32.73
CA GLY A 44 12.63 10.22 -32.06
C GLY A 44 12.91 9.65 -30.68
N TYR A 45 14.04 10.03 -30.07
CA TYR A 45 14.38 9.51 -28.74
C TYR A 45 13.38 9.88 -27.65
N TRP A 46 12.90 11.12 -27.70
CA TRP A 46 11.79 11.53 -26.86
C TRP A 46 11.06 12.71 -27.51
N HIS A 47 9.89 13.04 -26.96
CA HIS A 47 9.00 14.01 -27.56
C HIS A 47 9.25 15.39 -26.94
N ASP A 48 9.55 16.37 -27.79
CA ASP A 48 9.77 17.75 -27.31
C ASP A 48 9.52 18.74 -28.44
N PRO A 49 8.29 19.26 -28.53
CA PRO A 49 7.92 20.23 -29.58
C PRO A 49 8.43 21.65 -29.32
N TYR A 50 9.13 21.85 -28.21
CA TYR A 50 9.55 23.19 -27.79
C TYR A 50 11.01 23.51 -28.06
N ILE A 51 11.86 22.49 -28.00
CA ILE A 51 13.31 22.68 -28.11
C ILE A 51 13.76 23.33 -29.42
N GLN A 52 12.97 23.12 -30.49
CA GLN A 52 13.22 23.73 -31.80
C GLN A 52 13.29 25.26 -31.74
N HIS A 53 12.62 25.84 -30.76
CA HIS A 53 12.57 27.30 -30.61
C HIS A 53 13.81 27.92 -29.96
N PHE A 54 14.69 27.08 -29.41
CA PHE A 54 15.86 27.55 -28.67
C PHE A 54 17.20 27.25 -29.34
N VAL A 55 17.18 26.38 -30.35
CA VAL A 55 18.43 25.88 -30.94
C VAL A 55 18.17 25.36 -32.36
N ARG A 56 19.16 25.46 -33.22
CA ARG A 56 19.07 24.94 -34.59
C ARG A 56 19.17 23.41 -34.56
N LEU A 57 18.78 22.79 -35.68
CA LEU A 57 18.92 21.35 -35.84
C LEU A 57 20.28 21.03 -36.47
N SER A 58 21.13 20.37 -35.68
CA SER A 58 22.46 19.96 -36.14
C SER A 58 22.34 19.03 -37.35
N LYS A 59 23.26 19.18 -38.29
CA LYS A 59 23.17 18.43 -39.55
C LYS A 59 24.19 17.30 -39.72
N GLU A 60 25.11 17.12 -38.77
CA GLU A 60 26.15 16.08 -38.90
C GLU A 60 25.88 14.76 -38.15
N ARG A 61 26.53 13.68 -38.59
CA ARG A 61 26.33 12.34 -38.01
C ARG A 61 26.96 12.20 -36.62
N LYS A 62 26.22 11.54 -35.72
CA LYS A 62 26.63 11.37 -34.33
C LYS A 62 26.76 9.90 -33.98
N ALA A 63 27.54 9.61 -32.94
CA ALA A 63 27.53 8.26 -32.38
C ALA A 63 26.14 8.02 -31.78
N PRO A 64 25.50 6.91 -32.16
CA PRO A 64 24.23 6.54 -31.52
C PRO A 64 24.39 6.37 -30.00
N GLU A 65 25.61 6.04 -29.54
CA GLU A 65 25.91 5.94 -28.10
C GLU A 65 25.62 7.24 -27.36
N ILE A 66 25.89 8.36 -28.02
CA ILE A 66 25.65 9.69 -27.47
C ILE A 66 24.15 9.96 -27.33
N ASN A 67 23.38 9.64 -28.35
CA ASN A 67 21.93 9.81 -28.31
C ASN A 67 21.27 8.95 -27.22
N ARG A 68 21.74 7.71 -27.09
CA ARG A 68 21.21 6.81 -26.07
C ARG A 68 21.54 7.34 -24.67
N GLY A 69 22.75 7.87 -24.52
CA GLY A 69 23.18 8.53 -23.29
C GLY A 69 22.31 9.72 -22.94
N TYR A 70 22.01 10.58 -23.93
CA TYR A 70 21.10 11.70 -23.70
C TYR A 70 19.70 11.23 -23.31
N PHE A 71 19.19 10.21 -23.99
CA PHE A 71 17.90 9.67 -23.63
C PHE A 71 17.88 9.18 -22.17
N ALA A 72 18.88 8.39 -21.79
CA ALA A 72 18.94 7.87 -20.40
C ALA A 72 19.01 9.01 -19.38
N ARG A 73 19.82 10.03 -19.67
CA ARG A 73 19.93 11.24 -18.85
C ARG A 73 18.57 11.91 -18.65
N VAL A 74 17.92 12.24 -19.77
CA VAL A 74 16.63 12.95 -19.74
C VAL A 74 15.54 12.11 -19.07
N HIS A 75 15.49 10.81 -19.38
CA HIS A 75 14.50 9.91 -18.78
C HIS A 75 14.67 9.81 -17.26
N GLY A 76 15.91 9.56 -16.82
CA GLY A 76 16.23 9.42 -15.40
C GLY A 76 15.88 10.67 -14.61
N VAL A 77 16.34 11.82 -15.08
CA VAL A 77 15.99 13.11 -14.45
C VAL A 77 14.46 13.31 -14.41
N SER A 78 13.78 13.06 -15.53
CA SER A 78 12.32 13.18 -15.61
C SER A 78 11.56 12.28 -14.62
N GLN A 79 12.02 11.04 -14.50
CA GLN A 79 11.42 10.08 -13.57
C GLN A 79 11.46 10.59 -12.13
N LEU A 80 12.62 11.11 -11.73
CA LEU A 80 12.82 11.69 -10.40
C LEU A 80 11.96 12.92 -10.15
N ILE A 81 11.88 13.82 -11.13
CA ILE A 81 11.00 15.00 -11.04
C ILE A 81 9.54 14.59 -10.87
N LYS A 82 9.08 13.63 -11.68
CA LYS A 82 7.70 13.16 -11.60
C LYS A 82 7.37 12.48 -10.26
N ALA A 83 8.35 11.76 -9.70
CA ALA A 83 8.20 11.10 -8.40
C ALA A 83 8.05 12.14 -7.30
N PHE A 84 8.83 13.21 -7.40
CA PHE A 84 8.74 14.31 -6.46
C PHE A 84 7.37 15.00 -6.55
N LEU A 85 6.89 15.23 -7.77
CA LEU A 85 5.59 15.88 -7.99
C LEU A 85 4.41 15.03 -7.49
N ARG A 86 4.52 13.71 -7.65
CA ARG A 86 3.55 12.77 -7.08
C ARG A 86 3.49 12.82 -5.55
N LYS A 87 4.65 12.82 -4.90
CA LYS A 87 4.74 12.82 -3.43
C LYS A 87 4.23 14.12 -2.81
N THR A 88 4.42 15.23 -3.52
CA THR A 88 4.03 16.54 -3.03
C THR A 88 2.68 16.98 -3.60
N GLU A 89 2.08 16.15 -4.45
CA GLU A 89 0.85 16.48 -5.19
C GLU A 89 0.96 17.85 -5.86
N CYS A 90 2.15 18.15 -6.36
CA CYS A 90 2.45 19.39 -7.09
C CYS A 90 2.39 20.66 -6.24
N HIS A 91 2.31 20.50 -4.92
CA HIS A 91 2.32 21.61 -3.98
C HIS A 91 3.76 21.81 -3.54
N CYS A 92 4.53 22.47 -4.41
CA CYS A 92 5.99 22.49 -4.31
C CYS A 92 6.58 23.49 -5.29
N GLN A 93 7.89 23.69 -5.17
CA GLN A 93 8.66 24.45 -6.14
C GLN A 93 9.72 23.57 -6.80
N ILE A 94 9.99 23.86 -8.06
CA ILE A 94 11.14 23.29 -8.75
C ILE A 94 12.12 24.41 -9.08
N VAL A 95 13.38 24.23 -8.72
CA VAL A 95 14.45 25.16 -9.11
C VAL A 95 15.51 24.42 -9.95
N ASN A 96 15.56 24.76 -11.24
CA ASN A 96 16.58 24.21 -12.14
C ASN A 96 17.80 25.12 -12.26
N LEU A 97 18.89 24.70 -11.61
CA LEU A 97 20.15 25.45 -11.56
C LEU A 97 21.02 25.12 -12.77
N GLY A 98 21.42 26.13 -13.52
CA GLY A 98 22.15 25.91 -14.79
C GLY A 98 21.24 25.25 -15.83
N ALA A 99 20.01 25.77 -15.93
CA ALA A 99 18.96 25.17 -16.74
C ALA A 99 19.18 25.24 -18.26
N GLY A 100 20.01 26.17 -18.71
CA GLY A 100 20.24 26.39 -20.15
C GLY A 100 18.91 26.56 -20.89
N MET A 101 18.77 25.87 -22.02
CA MET A 101 17.53 25.90 -22.82
C MET A 101 16.56 24.75 -22.52
N ASP A 102 16.58 24.27 -21.29
CA ASP A 102 15.68 23.20 -20.87
C ASP A 102 14.21 23.61 -21.10
N THR A 103 13.39 22.65 -21.55
CA THR A 103 11.98 22.88 -21.88
C THR A 103 11.04 22.18 -20.89
N THR A 104 11.57 21.77 -19.75
CA THR A 104 10.83 20.95 -18.79
C THR A 104 9.53 21.63 -18.33
N PHE A 105 9.53 22.95 -18.15
CA PHE A 105 8.31 23.66 -17.74
C PHE A 105 7.13 23.41 -18.70
N TRP A 106 7.39 23.58 -20.00
CA TRP A 106 6.37 23.39 -21.04
C TRP A 106 5.95 21.93 -21.17
N ARG A 107 6.92 21.02 -21.11
CA ARG A 107 6.62 19.59 -21.23
C ARG A 107 5.77 19.09 -20.06
N LEU A 108 6.09 19.56 -18.84
CA LEU A 108 5.26 19.26 -17.68
C LEU A 108 3.83 19.81 -17.77
N LYS A 109 3.69 21.08 -18.17
CA LYS A 109 2.38 21.68 -18.37
C LYS A 109 1.51 20.83 -19.29
N ASP A 110 2.09 20.37 -20.39
CA ASP A 110 1.39 19.48 -21.34
C ASP A 110 0.91 18.18 -20.70
N GLU A 111 1.65 17.73 -19.69
CA GLU A 111 1.31 16.49 -18.99
C GLU A 111 0.43 16.76 -17.76
N ASP A 112 -0.06 17.99 -17.67
CA ASP A 112 -0.85 18.46 -16.53
C ASP A 112 -0.14 18.25 -15.21
N LEU A 113 1.17 18.47 -15.24
CA LEU A 113 2.01 18.46 -14.07
C LEU A 113 2.58 19.87 -14.00
N LEU A 114 2.19 20.60 -12.98
CA LEU A 114 2.60 21.98 -12.84
C LEU A 114 2.88 22.13 -11.36
N SER A 115 4.11 22.50 -11.02
CA SER A 115 4.43 22.81 -9.63
C SER A 115 3.81 24.16 -9.30
N SER A 116 3.78 24.52 -8.02
CA SER A 116 3.28 25.82 -7.59
C SER A 116 4.03 26.92 -8.33
N LYS A 117 5.35 26.81 -8.36
CA LYS A 117 6.17 27.68 -9.18
C LYS A 117 7.43 26.97 -9.64
N TYR A 118 7.82 27.23 -10.88
CA TYR A 118 8.98 26.61 -11.50
C TYR A 118 10.01 27.71 -11.78
N PHE A 119 11.23 27.54 -11.25
CA PHE A 119 12.29 28.55 -11.37
C PHE A 119 13.46 28.01 -12.16
N GLU A 120 14.01 28.83 -13.06
CA GLU A 120 15.24 28.49 -13.77
C GLU A 120 16.32 29.52 -13.48
N VAL A 121 17.55 29.05 -13.37
CA VAL A 121 18.71 29.92 -13.16
C VAL A 121 19.80 29.60 -14.17
N ASP A 122 20.36 30.63 -14.81
CA ASP A 122 21.57 30.47 -15.60
C ASP A 122 22.33 31.78 -15.65
N PHE A 123 23.49 31.80 -16.30
CA PHE A 123 24.23 33.04 -16.51
C PHE A 123 23.34 34.06 -17.21
N PRO A 124 23.49 35.35 -16.86
CA PRO A 124 22.72 36.41 -17.52
C PRO A 124 22.68 36.33 -19.06
N MET A 125 23.81 36.06 -19.69
CA MET A 125 23.87 35.94 -21.16
C MET A 125 22.95 34.84 -21.70
N ILE A 126 22.95 33.70 -21.01
CA ILE A 126 22.15 32.55 -21.40
C ILE A 126 20.68 32.88 -21.20
N VAL A 127 20.37 33.59 -20.12
CA VAL A 127 18.98 33.97 -19.84
C VAL A 127 18.47 34.96 -20.87
N THR A 128 19.32 35.90 -21.28
CA THR A 128 18.97 36.86 -22.33
C THR A 128 18.57 36.12 -23.61
N ARG A 129 19.37 35.14 -24.00
CA ARG A 129 19.07 34.31 -25.17
C ARG A 129 17.74 33.60 -25.02
N LYS A 130 17.50 33.04 -23.83
CA LYS A 130 16.29 32.26 -23.61
C LYS A 130 15.03 33.14 -23.63
N LEU A 131 15.13 34.32 -23.02
CA LEU A 131 14.01 35.28 -22.99
C LEU A 131 13.68 35.80 -24.40
N HIS A 132 14.72 35.98 -25.21
CA HIS A 132 14.56 36.41 -26.60
C HIS A 132 13.75 35.39 -27.39
N SER A 133 14.07 34.11 -27.20
CA SER A 133 13.32 33.03 -27.84
C SER A 133 11.86 33.02 -27.41
N ILE A 134 11.63 33.15 -26.11
CA ILE A 134 10.28 33.19 -25.55
C ILE A 134 9.48 34.38 -26.10
N LYS A 135 10.10 35.56 -26.10
CA LYS A 135 9.46 36.79 -26.57
C LYS A 135 9.14 36.75 -28.07
N CYS A 136 9.98 36.09 -28.84
CA CYS A 136 9.77 35.97 -30.29
C CYS A 136 8.74 34.91 -30.66
N LYS A 137 8.54 33.92 -29.80
CA LYS A 137 7.76 32.74 -30.20
C LYS A 137 6.52 32.52 -29.34
N PRO A 138 5.32 32.85 -29.88
CA PRO A 138 4.06 32.62 -29.17
C PRO A 138 3.84 31.19 -28.63
N PRO A 139 4.29 30.13 -29.35
CA PRO A 139 4.21 28.80 -28.74
C PRO A 139 4.92 28.66 -27.36
N LEU A 140 5.90 29.52 -27.10
CA LEU A 140 6.58 29.55 -25.79
C LEU A 140 5.94 30.53 -24.80
N SER A 141 5.65 31.74 -25.26
CA SER A 141 5.13 32.78 -24.37
C SER A 141 3.67 32.54 -23.96
N SER A 142 2.85 32.03 -24.89
CA SER A 142 1.43 31.81 -24.59
C SER A 142 1.12 30.93 -23.38
N PRO A 143 1.70 29.71 -23.30
CA PRO A 143 1.49 28.88 -22.11
C PRO A 143 1.87 29.57 -20.79
N ILE A 144 2.92 30.39 -20.79
CA ILE A 144 3.31 31.14 -19.61
C ILE A 144 2.22 32.15 -19.25
N LEU A 145 1.80 32.92 -20.26
CA LEU A 145 0.77 33.95 -20.09
C LEU A 145 -0.58 33.41 -19.65
N GLU A 146 -0.95 32.22 -20.15
CA GLU A 146 -2.20 31.56 -19.76
C GLU A 146 -2.32 31.37 -18.26
N LEU A 147 -1.19 31.15 -17.60
CA LEU A 147 -1.16 30.84 -16.17
C LEU A 147 -0.83 32.06 -15.31
N HIS A 148 -0.49 33.16 -15.97
CA HIS A 148 -0.09 34.38 -15.26
C HIS A 148 -1.30 35.21 -14.81
N SER A 149 -1.06 36.09 -13.85
CA SER A 149 -2.09 36.93 -13.25
C SER A 149 -2.21 38.29 -13.94
N GLU A 150 -1.31 38.55 -14.88
CA GLU A 150 -1.32 39.78 -15.68
C GLU A 150 -1.50 39.45 -17.16
N ASP A 151 -1.91 40.44 -17.95
CA ASP A 151 -2.12 40.22 -19.37
C ASP A 151 -0.84 40.43 -20.18
N THR A 152 0.27 40.65 -19.48
CA THR A 152 1.57 40.86 -20.11
C THR A 152 2.72 40.27 -19.28
N LEU A 153 3.82 39.94 -19.96
CA LEU A 153 5.04 39.49 -19.29
C LEU A 153 6.10 40.60 -19.30
N GLN A 154 6.59 40.95 -18.11
CA GLN A 154 7.73 41.85 -17.99
C GLN A 154 9.03 41.04 -17.99
N MET A 155 9.77 41.20 -19.08
CA MET A 155 10.91 40.36 -19.40
C MET A 155 12.13 41.21 -19.74
N ASP A 156 12.15 42.44 -19.23
CA ASP A 156 13.28 43.33 -19.46
C ASP A 156 14.50 42.86 -18.69
N GLY A 157 15.64 42.84 -19.37
CA GLY A 157 16.91 42.49 -18.75
C GLY A 157 17.10 41.00 -18.55
N HIS A 158 17.54 40.63 -17.36
CA HIS A 158 17.99 39.27 -17.08
C HIS A 158 17.04 38.47 -16.22
N ILE A 159 15.78 38.92 -16.14
CA ILE A 159 14.76 38.24 -15.35
C ILE A 159 13.42 38.21 -16.08
N LEU A 160 12.82 37.03 -16.12
CA LEU A 160 11.42 36.88 -16.45
C LEU A 160 10.73 36.40 -15.17
N ASP A 161 9.72 37.15 -14.75
CA ASP A 161 8.91 36.70 -13.62
C ASP A 161 7.46 36.62 -14.05
N SER A 162 6.79 35.55 -13.62
CA SER A 162 5.38 35.31 -13.91
C SER A 162 4.85 34.49 -12.75
N LYS A 163 3.55 34.25 -12.72
CA LYS A 163 2.95 33.55 -11.58
C LYS A 163 3.52 32.15 -11.35
N ARG A 164 3.69 31.39 -12.42
CA ARG A 164 4.05 29.97 -12.31
C ARG A 164 5.45 29.64 -12.83
N TYR A 165 6.15 30.63 -13.36
CA TYR A 165 7.42 30.40 -14.05
C TYR A 165 8.33 31.62 -13.99
N ALA A 166 9.57 31.41 -13.57
CA ALA A 166 10.55 32.48 -13.49
C ALA A 166 11.88 32.02 -14.08
N VAL A 167 12.54 32.92 -14.82
CA VAL A 167 13.87 32.67 -15.36
C VAL A 167 14.79 33.78 -14.90
N ILE A 168 15.87 33.39 -14.24
CA ILE A 168 16.71 34.31 -13.48
C ILE A 168 18.17 34.22 -13.92
N GLY A 169 18.74 35.35 -14.35
CA GLY A 169 20.17 35.45 -14.63
C GLY A 169 21.00 35.68 -13.38
N ALA A 170 21.71 34.65 -12.94
CA ALA A 170 22.58 34.74 -11.76
C ALA A 170 23.75 33.78 -11.89
N ASP A 171 24.88 34.13 -11.28
CA ASP A 171 26.05 33.26 -11.22
C ASP A 171 25.88 32.37 -9.99
N LEU A 172 25.86 31.06 -10.21
CA LEU A 172 25.67 30.10 -9.11
C LEU A 172 26.80 30.09 -8.08
N ARG A 173 27.92 30.70 -8.43
CA ARG A 173 29.08 30.82 -7.53
C ARG A 173 28.95 32.06 -6.65
N ASP A 174 27.93 32.88 -6.93
CA ASP A 174 27.60 34.05 -6.11
C ASP A 174 26.27 33.79 -5.39
N LEU A 175 26.35 33.19 -4.21
CA LEU A 175 25.14 32.71 -3.54
C LEU A 175 24.21 33.83 -3.05
N SER A 176 24.80 34.99 -2.76
CA SER A 176 24.03 36.18 -2.40
C SER A 176 23.17 36.64 -3.57
N GLU A 177 23.75 36.73 -4.77
CA GLU A 177 22.99 37.07 -5.97
C GLU A 177 21.88 36.05 -6.24
N LEU A 178 22.24 34.77 -6.16
CA LEU A 178 21.29 33.68 -6.36
C LEU A 178 20.05 33.81 -5.46
N GLU A 179 20.29 33.86 -4.16
CA GLU A 179 19.22 33.92 -3.19
C GLU A 179 18.40 35.21 -3.37
N GLU A 180 19.08 36.34 -3.54
CA GLU A 180 18.39 37.63 -3.68
C GLU A 180 17.39 37.58 -4.84
N LYS A 181 17.86 37.12 -6.00
CA LYS A 181 17.03 37.09 -7.20
C LYS A 181 15.94 36.04 -7.18
N LEU A 182 16.20 34.87 -6.58
CA LEU A 182 15.13 33.89 -6.37
C LEU A 182 14.04 34.46 -5.46
N LYS A 183 14.44 35.12 -4.38
CA LYS A 183 13.44 35.70 -3.46
C LYS A 183 12.68 36.88 -4.10
N LYS A 184 13.36 37.62 -4.97
CA LYS A 184 12.71 38.70 -5.73
C LYS A 184 11.57 38.14 -6.60
N CYS A 185 11.75 36.90 -7.07
CA CYS A 185 10.72 36.18 -7.82
C CYS A 185 9.82 35.31 -6.93
N ASN A 186 9.76 35.65 -5.65
CA ASN A 186 8.84 35.05 -4.68
C ASN A 186 9.02 33.55 -4.43
N MET A 187 10.28 33.10 -4.44
CA MET A 187 10.60 31.76 -3.99
C MET A 187 10.32 31.69 -2.49
N ASN A 188 9.57 30.66 -2.12
CA ASN A 188 9.09 30.49 -0.76
C ASN A 188 9.81 29.31 -0.11
N THR A 189 10.65 29.61 0.87
CA THR A 189 11.47 28.59 1.54
C THR A 189 10.64 27.61 2.38
N GLN A 190 9.34 27.85 2.50
CA GLN A 190 8.43 26.99 3.26
C GLN A 190 7.73 25.90 2.45
N LEU A 191 7.88 25.93 1.13
CA LEU A 191 7.36 24.88 0.27
C LEU A 191 8.41 23.78 0.07
N PRO A 192 7.96 22.51 -0.04
CA PRO A 192 8.89 21.42 -0.40
C PRO A 192 9.49 21.80 -1.74
N THR A 193 10.80 21.72 -1.86
CA THR A 193 11.49 22.24 -3.05
C THR A 193 12.47 21.25 -3.65
N LEU A 194 12.35 21.06 -4.96
CA LEU A 194 13.28 20.22 -5.71
C LEU A 194 14.25 21.07 -6.49
N LEU A 195 15.54 20.86 -6.28
CA LEU A 195 16.57 21.59 -7.01
C LEU A 195 17.26 20.62 -7.95
N ILE A 196 17.58 21.09 -9.15
CA ILE A 196 18.15 20.23 -10.18
C ILE A 196 19.44 20.83 -10.73
N ALA A 197 20.48 20.02 -10.82
CA ALA A 197 21.72 20.46 -11.46
C ALA A 197 22.08 19.37 -12.45
N GLU A 198 21.64 19.55 -13.70
CA GLU A 198 21.87 18.55 -14.73
C GLU A 198 23.07 19.00 -15.56
N CYS A 199 24.22 18.38 -15.27
CA CYS A 199 25.51 18.67 -15.91
C CYS A 199 25.96 20.10 -15.69
N VAL A 200 26.04 20.48 -14.41
CA VAL A 200 26.32 21.86 -14.02
C VAL A 200 27.45 21.97 -12.98
N LEU A 201 27.36 21.17 -11.92
CA LEU A 201 28.26 21.31 -10.77
C LEU A 201 29.73 21.07 -11.13
N VAL A 202 29.95 20.19 -12.11
CA VAL A 202 31.29 19.85 -12.59
C VAL A 202 32.07 21.06 -13.16
N TYR A 203 31.35 22.14 -13.49
CA TYR A 203 32.00 23.33 -14.06
C TYR A 203 32.47 24.34 -13.03
N MET A 204 32.10 24.14 -11.76
CA MET A 204 32.59 25.01 -10.70
C MET A 204 33.55 24.25 -9.78
N THR A 205 34.30 24.99 -8.98
CA THR A 205 35.24 24.35 -8.06
C THR A 205 34.51 23.48 -7.05
N PRO A 206 35.20 22.47 -6.48
CA PRO A 206 34.60 21.66 -5.42
C PRO A 206 34.08 22.49 -4.24
N GLU A 207 34.75 23.58 -3.92
CA GLU A 207 34.31 24.46 -2.82
C GLU A 207 33.00 25.17 -3.19
N GLN A 208 32.92 25.64 -4.44
CA GLN A 208 31.74 26.36 -4.95
C GLN A 208 30.50 25.46 -5.04
N SER A 209 30.67 24.22 -5.46
CA SER A 209 29.53 23.31 -5.55
C SER A 209 29.08 22.84 -4.17
N ALA A 210 30.06 22.59 -3.29
CA ALA A 210 29.77 22.27 -1.90
C ALA A 210 28.99 23.42 -1.24
N ASN A 211 29.43 24.66 -1.47
CA ASN A 211 28.76 25.83 -0.89
C ASN A 211 27.32 25.96 -1.41
N LEU A 212 27.13 25.68 -2.70
CA LEU A 212 25.79 25.69 -3.32
C LEU A 212 24.87 24.64 -2.69
N LEU A 213 25.42 23.45 -2.47
CA LEU A 213 24.65 22.33 -1.89
C LEU A 213 24.26 22.62 -0.46
N LYS A 214 25.21 23.19 0.29
CA LYS A 214 25.00 23.61 1.67
C LYS A 214 23.98 24.75 1.73
N TRP A 215 24.10 25.73 0.83
CA TRP A 215 23.11 26.80 0.74
C TRP A 215 21.71 26.21 0.55
N ALA A 216 21.57 25.26 -0.37
CA ALA A 216 20.26 24.68 -0.65
C ALA A 216 19.69 23.97 0.57
N ALA A 217 20.55 23.19 1.24
CA ALA A 217 20.15 22.44 2.44
C ALA A 217 19.74 23.38 3.58
N ASN A 218 20.54 24.41 3.82
CA ASN A 218 20.23 25.45 4.82
C ASN A 218 18.93 26.21 4.52
N SER A 219 18.65 26.42 3.24
CA SER A 219 17.50 27.23 2.82
C SER A 219 16.14 26.54 2.98
N PHE A 220 16.10 25.21 2.82
CA PHE A 220 14.84 24.47 2.78
C PHE A 220 14.74 23.33 3.79
N GLU A 221 13.72 23.39 4.64
CA GLU A 221 13.40 22.33 5.59
C GLU A 221 13.03 21.00 4.92
N ARG A 222 12.25 21.06 3.83
CA ARG A 222 11.84 19.87 3.10
C ARG A 222 12.29 20.02 1.65
N ALA A 223 13.21 19.17 1.21
CA ALA A 223 13.82 19.35 -0.09
C ALA A 223 14.38 18.07 -0.72
N MET A 224 14.64 18.16 -2.02
CA MET A 224 15.30 17.12 -2.79
C MET A 224 16.26 17.80 -3.79
N PHE A 225 17.40 17.16 -4.05
CA PHE A 225 18.38 17.73 -4.96
C PHE A 225 18.74 16.63 -5.95
N ILE A 226 18.68 16.92 -7.24
CA ILE A 226 19.11 15.99 -8.28
C ILE A 226 20.41 16.49 -8.89
N ASN A 227 21.42 15.61 -8.96
CA ASN A 227 22.66 15.94 -9.64
C ASN A 227 22.95 14.90 -10.72
N TYR A 228 23.06 15.34 -11.97
CA TYR A 228 23.50 14.47 -13.05
C TYR A 228 24.85 15.00 -13.56
N GLU A 229 25.85 14.12 -13.65
CA GLU A 229 27.14 14.48 -14.23
C GLU A 229 28.05 13.28 -14.34
N GLN A 230 29.33 13.55 -14.61
CA GLN A 230 30.32 12.49 -14.82
C GLN A 230 30.63 11.74 -13.53
N VAL A 231 31.18 10.54 -13.69
CA VAL A 231 31.56 9.67 -12.57
C VAL A 231 32.67 8.72 -13.04
N ASN A 232 33.37 8.10 -12.09
CA ASN A 232 34.47 7.17 -12.41
C ASN A 232 35.56 7.79 -13.29
N MET A 233 35.87 9.05 -13.04
CA MET A 233 36.69 9.84 -13.96
C MET A 233 38.22 9.66 -13.82
N GLY A 234 38.63 8.82 -12.87
CA GLY A 234 40.05 8.60 -12.60
C GLY A 234 40.74 7.66 -13.57
N ASP A 235 39.96 6.86 -14.30
CA ASP A 235 40.56 5.91 -15.26
C ASP A 235 40.98 6.59 -16.56
N ARG A 236 41.59 5.82 -17.46
CA ARG A 236 42.09 6.37 -18.72
C ARG A 236 41.00 7.04 -19.55
N PHE A 237 39.86 6.38 -19.67
CA PHE A 237 38.72 6.92 -20.42
C PHE A 237 38.31 8.29 -19.87
N GLY A 238 38.26 8.40 -18.55
CA GLY A 238 37.96 9.67 -17.87
C GLY A 238 39.00 10.74 -18.12
N GLN A 239 40.27 10.36 -18.09
CA GLN A 239 41.35 11.32 -18.34
C GLN A 239 41.30 11.89 -19.76
N ILE A 240 40.96 11.02 -20.72
CA ILE A 240 40.76 11.43 -22.12
C ILE A 240 39.58 12.39 -22.27
N MET A 241 38.49 12.10 -21.55
CA MET A 241 37.32 12.97 -21.58
C MET A 241 37.65 14.36 -21.06
N ILE A 242 38.39 14.41 -19.95
CA ILE A 242 38.83 15.66 -19.34
C ILE A 242 39.66 16.51 -20.30
N GLU A 243 40.63 15.87 -20.96
CA GLU A 243 41.50 16.56 -21.91
C GLU A 243 40.75 17.04 -23.16
N ASN A 244 39.79 16.26 -23.63
CA ASN A 244 38.95 16.68 -24.76
C ASN A 244 38.12 17.92 -24.44
N LEU A 245 37.73 18.07 -23.18
CA LEU A 245 36.97 19.24 -22.74
C LEU A 245 37.88 20.44 -22.42
N ARG A 246 39.07 20.18 -21.88
CA ARG A 246 40.08 21.23 -21.69
C ARG A 246 40.61 21.78 -23.02
N ARG A 247 40.51 20.96 -24.07
CA ARG A 247 40.89 21.33 -25.44
C ARG A 247 39.92 22.35 -26.05
N ARG A 248 38.73 22.44 -25.47
CA ARG A 248 37.71 23.38 -25.92
C ARG A 248 37.52 24.48 -24.87
N GLN A 249 38.61 24.80 -24.17
CA GLN A 249 38.65 25.86 -23.14
C GLN A 249 37.54 25.71 -22.09
N CYS A 250 37.11 24.48 -21.83
CA CYS A 250 36.05 24.21 -20.87
C CYS A 250 36.51 23.25 -19.79
N ASP A 251 37.08 23.79 -18.73
CA ASP A 251 37.67 22.99 -17.66
C ASP A 251 36.59 22.33 -16.79
N LEU A 252 36.81 21.06 -16.45
CA LEU A 252 35.94 20.39 -15.49
C LEU A 252 36.47 20.68 -14.10
N ALA A 253 36.24 21.92 -13.64
CA ALA A 253 36.78 22.43 -12.38
C ALA A 253 36.40 21.58 -11.18
N GLY A 254 35.25 20.88 -11.28
CA GLY A 254 34.76 20.06 -10.18
C GLY A 254 34.92 18.56 -10.37
N VAL A 255 35.79 18.16 -11.29
CA VAL A 255 35.92 16.73 -11.64
C VAL A 255 36.41 15.85 -10.47
N GLU A 256 37.09 16.44 -9.49
CA GLU A 256 37.54 15.69 -8.31
C GLU A 256 36.37 14.95 -7.65
N THR A 257 35.20 15.60 -7.64
CA THR A 257 34.04 15.01 -7.00
C THR A 257 33.47 13.84 -7.82
N CYS A 258 33.86 13.78 -9.10
CA CYS A 258 33.38 12.75 -10.03
C CYS A 258 34.23 11.48 -9.99
N LYS A 259 35.05 11.33 -8.93
CA LYS A 259 35.89 10.14 -8.78
C LYS A 259 35.06 8.86 -8.81
N SER A 260 33.95 8.88 -8.09
CA SER A 260 33.16 7.68 -7.86
C SER A 260 31.74 8.02 -7.43
N LEU A 261 30.87 7.02 -7.49
CA LEU A 261 29.53 7.16 -6.92
C LEU A 261 29.60 7.50 -5.44
N GLU A 262 30.63 6.97 -4.77
CA GLU A 262 30.86 7.28 -3.34
C GLU A 262 31.20 8.73 -3.08
N SER A 263 32.04 9.32 -3.94
CA SER A 263 32.43 10.72 -3.76
C SER A 263 31.26 11.64 -4.10
N GLN A 264 30.42 11.20 -5.04
CA GLN A 264 29.20 11.92 -5.37
C GLN A 264 28.19 11.93 -4.21
N LYS A 265 27.99 10.77 -3.59
CA LYS A 265 27.12 10.66 -2.41
C LYS A 265 27.67 11.45 -1.23
N GLU A 266 29.00 11.36 -1.00
CA GLU A 266 29.63 12.06 0.14
C GLU A 266 29.51 13.58 0.08
N ARG A 267 29.63 14.14 -1.11
CA ARG A 267 29.45 15.58 -1.28
C ARG A 267 28.04 16.05 -0.86
N LEU A 268 27.05 15.19 -1.10
CA LEU A 268 25.67 15.47 -0.68
C LEU A 268 25.51 15.36 0.84
N LEU A 269 25.92 14.22 1.40
CA LEU A 269 25.79 13.99 2.85
C LEU A 269 26.63 14.96 3.71
N SER A 270 27.77 15.40 3.20
CA SER A 270 28.63 16.26 4.01
C SER A 270 28.28 17.75 3.88
N ASN A 271 27.24 18.05 3.10
CA ASN A 271 26.78 19.43 2.91
C ASN A 271 25.30 19.60 3.20
N GLY A 272 24.84 18.94 4.26
CA GLY A 272 23.52 19.19 4.85
C GLY A 272 22.38 18.29 4.42
N TRP A 273 22.65 17.33 3.54
CA TRP A 273 21.57 16.46 3.06
C TRP A 273 21.48 15.19 3.90
N GLU A 274 20.26 14.69 4.06
CA GLU A 274 20.01 13.58 4.98
C GLU A 274 20.10 12.21 4.32
N THR A 275 19.75 12.15 3.03
CA THR A 275 19.83 10.90 2.26
C THR A 275 20.64 11.16 0.99
N ALA A 276 21.29 10.12 0.45
CA ALA A 276 21.98 10.26 -0.83
C ALA A 276 21.96 8.91 -1.54
N SER A 277 21.39 8.91 -2.73
CA SER A 277 21.37 7.74 -3.62
C SER A 277 22.10 8.12 -4.91
N ALA A 278 22.77 7.15 -5.52
CA ALA A 278 23.46 7.41 -6.78
C ALA A 278 23.53 6.13 -7.61
N VAL A 279 23.39 6.28 -8.92
CA VAL A 279 23.42 5.15 -9.83
C VAL A 279 24.24 5.58 -11.05
N ASP A 280 25.07 4.69 -11.60
CA ASP A 280 25.69 5.04 -12.88
C ASP A 280 24.65 4.82 -13.99
N MET A 281 24.87 5.43 -15.15
CA MET A 281 23.84 5.47 -16.18
C MET A 281 23.67 4.13 -16.90
N MET A 282 24.68 3.26 -16.85
CA MET A 282 24.53 1.92 -17.40
C MET A 282 23.54 1.09 -16.58
N GLU A 283 23.66 1.17 -15.25
CA GLU A 283 22.71 0.45 -14.41
C GLU A 283 21.29 0.98 -14.64
N LEU A 284 21.15 2.31 -14.69
CA LEU A 284 19.84 2.93 -14.97
C LEU A 284 19.26 2.42 -16.29
N TYR A 285 20.08 2.44 -17.34
CA TYR A 285 19.72 1.95 -18.67
C TYR A 285 19.31 0.48 -18.64
N ASN A 286 20.10 -0.33 -17.94
CA ASN A 286 19.80 -1.76 -17.78
C ASN A 286 18.49 -2.01 -17.02
N ARG A 287 18.09 -1.05 -16.18
CA ARG A 287 16.86 -1.16 -15.39
C ARG A 287 15.64 -0.47 -16.02
N LEU A 288 15.81 0.06 -17.23
CA LEU A 288 14.70 0.65 -17.98
C LEU A 288 13.67 -0.44 -18.32
N PRO A 289 12.37 -0.07 -18.45
CA PRO A 289 11.40 -1.08 -18.90
C PRO A 289 11.79 -1.63 -20.28
N ARG A 290 11.59 -2.93 -20.49
CA ARG A 290 11.88 -3.57 -21.77
C ARG A 290 11.30 -2.84 -22.98
N ALA A 291 10.08 -2.32 -22.83
CA ALA A 291 9.41 -1.57 -23.92
C ALA A 291 10.17 -0.32 -24.33
N GLU A 292 10.68 0.41 -23.33
CA GLU A 292 11.46 1.62 -23.60
C GLU A 292 12.77 1.30 -24.30
N VAL A 293 13.44 0.25 -23.82
CA VAL A 293 14.72 -0.18 -24.40
C VAL A 293 14.52 -0.65 -25.85
N SER A 294 13.51 -1.48 -26.09
CA SER A 294 13.19 -1.89 -27.47
C SER A 294 12.90 -0.70 -28.38
N ARG A 295 12.11 0.25 -27.92
CA ARG A 295 11.81 1.44 -28.73
C ARG A 295 13.08 2.21 -29.06
N ILE A 296 13.89 2.47 -28.04
CA ILE A 296 15.14 3.23 -28.15
C ILE A 296 16.09 2.56 -29.14
N GLU A 297 16.28 1.26 -28.95
CA GLU A 297 17.26 0.51 -29.71
C GLU A 297 16.82 0.34 -31.15
N SER A 298 15.51 0.50 -31.39
CA SER A 298 14.93 0.48 -32.74
C SER A 298 15.30 1.70 -33.61
N LEU A 299 15.65 2.80 -32.97
CA LEU A 299 15.87 4.06 -33.68
C LEU A 299 17.16 4.12 -34.51
N GLU A 300 18.24 3.53 -33.99
CA GLU A 300 19.56 3.58 -34.63
C GLU A 300 20.32 2.31 -34.36
N PHE A 301 21.13 1.89 -35.33
CA PHE A 301 22.02 0.74 -35.15
C PHE A 301 23.26 1.13 -34.35
N LEU A 302 23.61 0.28 -33.39
CA LEU A 302 24.80 0.47 -32.56
C LEU A 302 25.68 -0.77 -32.65
N ASP A 303 26.90 -0.63 -33.18
CA ASP A 303 27.72 -1.82 -33.48
C ASP A 303 28.47 -2.45 -32.28
N GLU A 304 29.17 -1.63 -31.49
CA GLU A 304 29.90 -2.13 -30.33
C GLU A 304 29.29 -1.63 -29.02
N MET A 305 28.79 -2.59 -28.23
CA MET A 305 28.15 -2.31 -26.95
C MET A 305 29.13 -1.75 -25.92
N GLU A 306 30.43 -1.99 -26.12
CA GLU A 306 31.45 -1.58 -25.16
C GLU A 306 31.70 -0.07 -25.13
N LEU A 307 31.61 0.61 -26.27
CA LEU A 307 31.71 2.07 -26.26
C LEU A 307 30.55 2.63 -25.44
N LEU A 308 29.36 2.05 -25.65
CA LEU A 308 28.15 2.42 -24.91
C LEU A 308 28.30 2.20 -23.43
N GLU A 309 28.69 0.97 -23.05
CA GLU A 309 28.89 0.62 -21.65
C GLU A 309 29.90 1.58 -21.03
N GLN A 310 31.00 1.82 -21.72
CA GLN A 310 32.02 2.74 -21.24
C GLN A 310 31.48 4.15 -20.97
N LEU A 311 30.77 4.73 -21.95
CA LEU A 311 30.22 6.06 -21.79
C LEU A 311 29.20 6.12 -20.64
N MET A 312 28.30 5.14 -20.60
CA MET A 312 27.25 5.07 -19.57
C MET A 312 27.80 4.88 -18.16
N ARG A 313 28.90 4.14 -18.04
CA ARG A 313 29.55 3.94 -16.74
C ARG A 313 30.33 5.17 -16.28
N HIS A 314 30.44 6.20 -17.12
CA HIS A 314 31.12 7.46 -16.73
C HIS A 314 30.17 8.64 -16.53
N TYR A 315 28.87 8.36 -16.45
CA TYR A 315 27.88 9.34 -15.99
C TYR A 315 27.06 8.76 -14.86
N CYS A 316 26.46 9.64 -14.05
CA CYS A 316 25.70 9.19 -12.92
C CYS A 316 24.50 10.09 -12.66
N LEU A 317 23.51 9.51 -12.03
CA LEU A 317 22.36 10.27 -11.53
C LEU A 317 22.33 10.12 -10.02
N CYS A 318 22.40 11.25 -9.30
CA CYS A 318 22.40 11.24 -7.84
C CYS A 318 21.23 12.07 -7.34
N TRP A 319 20.69 11.68 -6.20
CA TRP A 319 19.65 12.49 -5.59
C TRP A 319 19.73 12.40 -4.08
N ALA A 320 19.40 13.52 -3.43
CA ALA A 320 19.50 13.63 -2.00
C ALA A 320 18.19 14.22 -1.50
N THR A 321 17.81 13.87 -0.27
CA THR A 321 16.62 14.49 0.34
C THR A 321 16.91 14.99 1.75
N LYS A 322 16.03 15.84 2.25
CA LYS A 322 16.04 16.23 3.66
C LYS A 322 14.61 16.59 4.09
N GLY A 323 14.29 16.25 5.33
CA GLY A 323 12.98 16.56 5.93
C GLY A 323 11.78 15.93 5.25
N GLY A 324 12.02 14.85 4.52
CA GLY A 324 11.00 14.30 3.64
C GLY A 324 10.17 13.15 4.16
N ASN A 325 10.35 12.75 5.42
CA ASN A 325 9.68 11.54 5.94
C ASN A 325 8.16 11.54 5.88
N GLU A 326 7.56 12.69 6.21
CA GLU A 326 6.10 12.84 6.12
C GLU A 326 5.61 12.73 4.65
N LEU A 327 6.41 13.25 3.72
CA LEU A 327 6.07 13.17 2.29
C LEU A 327 6.51 11.86 1.62
N GLY A 328 7.41 11.14 2.28
CA GLY A 328 7.94 9.88 1.74
C GLY A 328 9.00 10.09 0.68
N LEU A 329 9.73 11.21 0.79
CA LEU A 329 10.77 11.58 -0.18
C LEU A 329 11.92 10.58 -0.30
N LYS A 330 12.29 9.95 0.82
CA LYS A 330 13.42 9.00 0.81
C LYS A 330 13.09 7.72 0.01
N GLU A 331 11.81 7.52 -0.31
CA GLU A 331 11.36 6.37 -1.07
C GLU A 331 11.39 6.60 -2.59
N ILE A 332 11.59 7.85 -2.99
CA ILE A 332 11.67 8.21 -4.40
C ILE A 332 12.85 7.49 -5.08
N THR A 333 12.60 6.93 -6.24
CA THR A 333 13.68 6.36 -7.06
C THR A 333 13.39 6.62 -8.53
N TYR A 334 14.33 6.25 -9.41
CA TYR A 334 14.19 6.45 -10.85
C TYR A 334 13.40 5.33 -11.53
N GLY B 25 17.95 -16.99 23.25
CA GLY B 25 17.17 -16.08 22.35
C GLY B 25 17.79 -15.97 20.97
N VAL B 26 19.03 -15.46 20.94
CA VAL B 26 19.79 -15.31 19.69
C VAL B 26 20.00 -16.65 18.99
N ARG B 27 20.25 -17.71 19.75
CA ARG B 27 20.39 -19.06 19.18
C ARG B 27 19.11 -19.53 18.48
N GLY B 28 17.97 -19.33 19.15
CA GLY B 28 16.63 -19.65 18.61
C GLY B 28 16.27 -19.04 17.26
N THR B 29 17.05 -18.07 16.80
CA THR B 29 16.81 -17.42 15.52
C THR B 29 17.09 -18.34 14.33
N CYS B 30 18.09 -19.21 14.48
CA CYS B 30 18.41 -20.21 13.46
C CYS B 30 17.21 -21.11 13.15
N GLU B 31 16.54 -21.59 14.19
CA GLU B 31 15.37 -22.42 14.02
C GLU B 31 14.24 -21.66 13.30
N ASP B 32 13.97 -20.45 13.76
CA ASP B 32 12.92 -19.61 13.17
C ASP B 32 13.15 -19.39 11.67
N ALA B 33 14.37 -19.00 11.31
CA ALA B 33 14.74 -18.76 9.90
C ALA B 33 14.51 -20.00 9.05
N SER B 34 14.98 -21.14 9.55
CA SER B 34 14.86 -22.42 8.85
C SER B 34 13.41 -22.86 8.71
N LEU B 35 12.65 -22.75 9.79
CA LEU B 35 11.21 -23.06 9.76
C LEU B 35 10.50 -22.27 8.67
N CYS B 36 10.71 -20.95 8.66
CA CYS B 36 10.06 -20.05 7.69
C CYS B 36 10.48 -20.34 6.26
N LYS B 37 11.78 -20.59 6.08
CA LYS B 37 12.28 -20.88 4.75
C LYS B 37 11.75 -22.21 4.22
N ARG B 38 11.75 -23.26 5.05
CA ARG B 38 11.18 -24.53 4.57
C ARG B 38 9.69 -24.43 4.22
N PHE B 39 8.94 -23.68 5.03
CA PHE B 39 7.51 -23.45 4.80
C PHE B 39 7.27 -22.76 3.45
N ALA B 40 8.03 -21.71 3.17
CA ALA B 40 7.91 -20.97 1.91
C ALA B 40 8.27 -21.86 0.72
N VAL B 41 9.32 -22.67 0.89
CA VAL B 41 9.72 -23.67 -0.11
C VAL B 41 8.64 -24.73 -0.38
N SER B 42 7.95 -25.16 0.67
CA SER B 42 6.89 -26.19 0.50
C SER B 42 5.69 -25.67 -0.29
N ILE B 43 5.43 -24.36 -0.20
CA ILE B 43 4.38 -23.70 -0.98
C ILE B 43 4.86 -23.39 -2.42
N GLY B 44 6.17 -23.39 -2.63
CA GLY B 44 6.75 -23.26 -3.96
C GLY B 44 7.38 -21.92 -4.29
N TYR B 45 7.67 -21.10 -3.26
CA TYR B 45 8.32 -19.80 -3.48
C TYR B 45 9.69 -19.91 -4.16
N TRP B 46 10.46 -20.94 -3.80
CA TRP B 46 11.70 -21.27 -4.51
C TRP B 46 12.06 -22.75 -4.33
N HIS B 47 13.01 -23.24 -5.11
CA HIS B 47 13.36 -24.65 -5.14
C HIS B 47 14.53 -24.94 -4.21
N ASP B 48 14.31 -25.83 -3.25
CA ASP B 48 15.32 -26.22 -2.28
C ASP B 48 14.98 -27.60 -1.72
N PRO B 49 15.54 -28.66 -2.34
CA PRO B 49 15.31 -30.03 -1.89
C PRO B 49 16.13 -30.46 -0.66
N TYR B 50 16.96 -29.56 -0.14
CA TYR B 50 17.90 -29.91 0.93
C TYR B 50 17.45 -29.44 2.31
N ILE B 51 16.67 -28.35 2.35
CA ILE B 51 16.23 -27.75 3.64
C ILE B 51 15.40 -28.69 4.52
N GLN B 52 14.70 -29.63 3.88
CA GLN B 52 13.92 -30.65 4.59
C GLN B 52 14.76 -31.46 5.58
N HIS B 53 16.04 -31.63 5.28
CA HIS B 53 16.94 -32.42 6.12
C HIS B 53 17.43 -31.68 7.39
N PHE B 54 17.14 -30.37 7.47
CA PHE B 54 17.63 -29.53 8.58
C PHE B 54 16.56 -29.05 9.56
N VAL B 55 15.30 -29.08 9.14
CA VAL B 55 14.19 -28.54 9.96
C VAL B 55 12.87 -29.23 9.58
N ARG B 56 11.94 -29.30 10.53
CA ARG B 56 10.60 -29.84 10.30
C ARG B 56 9.79 -28.92 9.39
N LEU B 57 8.76 -29.48 8.76
CA LEU B 57 7.77 -28.67 8.07
C LEU B 57 6.76 -28.10 9.07
N SER B 58 6.77 -26.78 9.23
CA SER B 58 5.86 -26.09 10.15
C SER B 58 4.41 -26.31 9.70
N LYS B 59 3.52 -26.51 10.67
CA LYS B 59 2.12 -26.83 10.39
C LYS B 59 1.16 -25.66 10.59
N GLU B 60 1.70 -24.51 10.98
CA GLU B 60 0.88 -23.33 11.29
C GLU B 60 0.66 -22.39 10.10
N ARG B 61 -0.32 -21.49 10.23
CA ARG B 61 -0.68 -20.58 9.16
C ARG B 61 -0.14 -19.17 9.41
N LYS B 62 0.25 -18.50 8.33
CA LYS B 62 0.92 -17.19 8.42
C LYS B 62 0.66 -16.31 7.20
N ALA B 63 0.85 -15.01 7.39
CA ALA B 63 0.67 -14.03 6.33
C ALA B 63 1.46 -14.38 5.05
N PRO B 64 0.79 -14.37 3.89
CA PRO B 64 1.52 -14.46 2.62
C PRO B 64 2.60 -13.39 2.50
N GLU B 65 2.38 -12.25 3.16
CA GLU B 65 3.37 -11.16 3.25
C GLU B 65 4.72 -11.67 3.76
N ILE B 66 4.68 -12.57 4.74
CA ILE B 66 5.90 -13.12 5.31
C ILE B 66 6.62 -13.99 4.27
N ASN B 67 5.89 -14.83 3.57
CA ASN B 67 6.49 -15.71 2.56
C ASN B 67 7.10 -14.93 1.39
N ARG B 68 6.40 -13.88 0.95
CA ARG B 68 6.92 -12.97 -0.09
C ARG B 68 8.20 -12.26 0.35
N GLY B 69 8.22 -11.85 1.63
CA GLY B 69 9.40 -11.21 2.24
C GLY B 69 10.60 -12.15 2.27
N TYR B 70 10.38 -13.40 2.69
CA TYR B 70 11.45 -14.40 2.61
C TYR B 70 11.93 -14.65 1.18
N PHE B 71 10.99 -14.71 0.24
CA PHE B 71 11.35 -14.87 -1.16
C PHE B 71 12.26 -13.74 -1.66
N ALA B 72 11.85 -12.50 -1.39
CA ALA B 72 12.62 -11.33 -1.81
C ALA B 72 14.03 -11.37 -1.19
N ARG B 73 14.10 -11.69 0.10
CA ARG B 73 15.35 -11.84 0.85
C ARG B 73 16.29 -12.85 0.18
N VAL B 74 15.81 -14.08 0.01
CA VAL B 74 16.60 -15.15 -0.58
C VAL B 74 16.99 -14.83 -2.03
N HIS B 75 16.06 -14.23 -2.76
CA HIS B 75 16.31 -13.88 -4.16
C HIS B 75 17.40 -12.81 -4.30
N GLY B 76 17.29 -11.74 -3.52
CA GLY B 76 18.28 -10.65 -3.57
C GLY B 76 19.67 -11.07 -3.13
N VAL B 77 19.75 -11.82 -2.04
CA VAL B 77 21.04 -12.35 -1.58
C VAL B 77 21.62 -13.25 -2.67
N SER B 78 20.79 -14.13 -3.22
CA SER B 78 21.24 -15.05 -4.25
C SER B 78 21.77 -14.32 -5.48
N GLN B 79 21.07 -13.29 -5.92
CA GLN B 79 21.51 -12.50 -7.08
C GLN B 79 22.87 -11.84 -6.86
N LEU B 80 23.13 -11.38 -5.65
CA LEU B 80 24.42 -10.75 -5.36
C LEU B 80 25.53 -11.78 -5.32
N ILE B 81 25.24 -12.96 -4.76
CA ILE B 81 26.19 -14.07 -4.75
C ILE B 81 26.57 -14.46 -6.17
N LYS B 82 25.58 -14.72 -7.01
CA LYS B 82 25.82 -15.11 -8.40
C LYS B 82 26.58 -14.06 -9.21
N ALA B 83 26.34 -12.78 -8.93
CA ALA B 83 27.04 -11.69 -9.60
C ALA B 83 28.53 -11.67 -9.23
N PHE B 84 28.82 -11.90 -7.96
CA PHE B 84 30.20 -12.03 -7.47
C PHE B 84 30.91 -13.22 -8.12
N LEU B 85 30.21 -14.36 -8.13
CA LEU B 85 30.73 -15.58 -8.76
C LEU B 85 30.99 -15.41 -10.26
N ARG B 86 30.10 -14.69 -10.95
CA ARG B 86 30.31 -14.34 -12.36
C ARG B 86 31.53 -13.44 -12.59
N LYS B 87 31.73 -12.44 -11.75
CA LYS B 87 32.88 -11.54 -11.87
C LYS B 87 34.21 -12.27 -11.63
N THR B 88 34.20 -13.20 -10.69
CA THR B 88 35.41 -13.93 -10.30
C THR B 88 35.60 -15.23 -11.08
N GLU B 89 34.64 -15.52 -11.96
CA GLU B 89 34.49 -16.83 -12.59
C GLU B 89 34.70 -17.98 -11.59
N CYS B 90 34.13 -17.82 -10.39
CA CYS B 90 34.18 -18.80 -9.30
C CYS B 90 35.58 -19.07 -8.69
N HIS B 91 36.59 -18.30 -9.10
CA HIS B 91 37.91 -18.33 -8.46
C HIS B 91 37.90 -17.39 -7.25
N CYS B 92 37.37 -17.88 -6.13
CA CYS B 92 37.06 -17.00 -5.00
C CYS B 92 36.67 -17.85 -3.79
N GLN B 93 36.56 -17.21 -2.63
CA GLN B 93 36.00 -17.87 -1.47
C GLN B 93 34.68 -17.20 -1.10
N ILE B 94 33.77 -17.98 -0.53
CA ILE B 94 32.57 -17.43 0.10
C ILE B 94 32.57 -17.82 1.57
N VAL B 95 32.32 -16.83 2.43
CA VAL B 95 32.22 -17.05 3.86
C VAL B 95 30.86 -16.52 4.29
N ASN B 96 29.98 -17.45 4.68
CA ASN B 96 28.67 -17.13 5.21
C ASN B 96 28.71 -17.10 6.74
N LEU B 97 28.65 -15.89 7.29
CA LEU B 97 28.72 -15.64 8.73
C LEU B 97 27.35 -15.72 9.39
N GLY B 98 27.22 -16.56 10.42
CA GLY B 98 25.91 -16.87 11.02
C GLY B 98 25.01 -17.59 10.02
N ALA B 99 25.56 -18.62 9.37
CA ALA B 99 24.88 -19.33 8.27
C ALA B 99 23.63 -20.11 8.66
N GLY B 100 23.52 -20.48 9.93
CA GLY B 100 22.42 -21.37 10.37
C GLY B 100 22.34 -22.62 9.50
N MET B 101 21.12 -23.02 9.14
CA MET B 101 20.88 -24.19 8.28
C MET B 101 20.82 -23.86 6.78
N ASP B 102 21.55 -22.83 6.38
CA ASP B 102 21.59 -22.42 4.98
C ASP B 102 22.04 -23.58 4.07
N THR B 103 21.43 -23.65 2.89
CA THR B 103 21.63 -24.77 1.96
C THR B 103 22.31 -24.30 0.69
N THR B 104 22.86 -23.08 0.74
CA THR B 104 23.40 -22.41 -0.44
C THR B 104 24.50 -23.21 -1.16
N PHE B 105 25.36 -23.89 -0.41
CA PHE B 105 26.42 -24.73 -1.01
C PHE B 105 25.88 -25.80 -1.97
N TRP B 106 24.84 -26.51 -1.54
CA TRP B 106 24.25 -27.59 -2.33
C TRP B 106 23.55 -27.02 -3.55
N ARG B 107 22.82 -25.92 -3.35
CA ARG B 107 22.05 -25.29 -4.42
C ARG B 107 22.96 -24.66 -5.48
N LEU B 108 24.06 -24.06 -5.04
CA LEU B 108 25.05 -23.58 -5.99
C LEU B 108 25.69 -24.72 -6.78
N LYS B 109 25.97 -25.82 -6.08
CA LYS B 109 26.55 -27.01 -6.70
C LYS B 109 25.66 -27.55 -7.83
N ASP B 110 24.36 -27.55 -7.60
CA ASP B 110 23.39 -28.04 -8.59
C ASP B 110 23.29 -27.10 -9.79
N GLU B 111 23.67 -25.84 -9.59
CA GLU B 111 23.62 -24.84 -10.67
C GLU B 111 24.96 -24.68 -11.38
N ASP B 112 25.88 -25.61 -11.11
CA ASP B 112 27.25 -25.60 -11.64
C ASP B 112 28.04 -24.34 -11.25
N LEU B 113 27.81 -23.91 -10.01
CA LEU B 113 28.49 -22.78 -9.45
C LEU B 113 29.04 -23.21 -8.11
N LEU B 114 30.33 -23.49 -8.10
CA LEU B 114 31.05 -23.80 -6.87
C LEU B 114 32.18 -22.78 -6.79
N SER B 115 32.32 -22.12 -5.64
CA SER B 115 33.50 -21.28 -5.40
C SER B 115 34.70 -22.19 -5.14
N SER B 116 35.91 -21.61 -5.06
CA SER B 116 37.10 -22.41 -4.73
C SER B 116 36.85 -23.15 -3.42
N LYS B 117 36.39 -22.41 -2.41
CA LYS B 117 35.95 -23.03 -1.17
C LYS B 117 34.83 -22.21 -0.53
N TYR B 118 33.86 -22.90 0.03
CA TYR B 118 32.70 -22.29 0.68
C TYR B 118 32.80 -22.54 2.18
N PHE B 119 32.74 -21.46 2.97
CA PHE B 119 32.90 -21.54 4.42
C PHE B 119 31.63 -21.06 5.13
N GLU B 120 31.19 -21.81 6.14
CA GLU B 120 30.10 -21.34 7.00
C GLU B 120 30.56 -21.24 8.44
N VAL B 121 30.07 -20.22 9.13
CA VAL B 121 30.36 -20.05 10.55
C VAL B 121 29.05 -19.89 11.30
N ASP B 122 28.96 -20.50 12.48
CA ASP B 122 27.84 -20.23 13.40
C ASP B 122 28.26 -20.65 14.81
N PHE B 123 27.39 -20.46 15.80
CA PHE B 123 27.68 -20.96 17.16
C PHE B 123 27.97 -22.47 17.16
N PRO B 124 28.88 -22.92 18.04
CA PRO B 124 29.17 -24.36 18.13
C PRO B 124 27.92 -25.25 18.23
N MET B 125 26.91 -24.82 18.99
CA MET B 125 25.67 -25.58 19.15
C MET B 125 24.94 -25.78 17.83
N ILE B 126 24.85 -24.71 17.04
CA ILE B 126 24.19 -24.75 15.74
C ILE B 126 24.99 -25.62 14.79
N VAL B 127 26.30 -25.45 14.77
CA VAL B 127 27.16 -26.25 13.92
C VAL B 127 26.99 -27.74 14.26
N THR B 128 26.87 -28.06 15.55
CA THR B 128 26.65 -29.46 15.99
C THR B 128 25.38 -30.04 15.38
N ARG B 129 24.29 -29.27 15.44
CA ARG B 129 23.02 -29.66 14.81
C ARG B 129 23.20 -29.88 13.32
N LYS B 130 23.87 -28.94 12.67
CA LYS B 130 24.02 -28.99 11.21
C LYS B 130 24.83 -30.20 10.78
N LEU B 131 25.93 -30.48 11.49
CA LEU B 131 26.80 -31.61 11.14
C LEU B 131 26.09 -32.94 11.39
N HIS B 132 25.20 -32.97 12.38
CA HIS B 132 24.37 -34.15 12.66
C HIS B 132 23.46 -34.50 11.48
N SER B 133 22.72 -33.50 10.98
CA SER B 133 21.91 -33.68 9.77
C SER B 133 22.74 -34.18 8.59
N ILE B 134 23.92 -33.60 8.42
CA ILE B 134 24.79 -33.96 7.30
C ILE B 134 25.23 -35.42 7.43
N LYS B 135 25.70 -35.77 8.64
CA LYS B 135 26.16 -37.12 8.94
C LYS B 135 25.05 -38.17 8.80
N CYS B 136 23.82 -37.79 9.18
CA CYS B 136 22.68 -38.69 9.12
C CYS B 136 22.10 -38.89 7.72
N LYS B 137 22.31 -37.90 6.85
CA LYS B 137 21.63 -37.89 5.54
C LYS B 137 22.57 -37.94 4.34
N PRO B 138 22.67 -39.12 3.68
CA PRO B 138 23.45 -39.22 2.44
C PRO B 138 23.16 -38.13 1.38
N PRO B 139 21.87 -37.70 1.22
CA PRO B 139 21.63 -36.60 0.27
C PRO B 139 22.42 -35.32 0.57
N LEU B 140 22.81 -35.12 1.83
CA LEU B 140 23.64 -33.98 2.24
C LEU B 140 25.14 -34.27 2.15
N SER B 141 25.56 -35.40 2.72
CA SER B 141 26.98 -35.77 2.77
C SER B 141 27.60 -36.19 1.43
N SER B 142 26.84 -36.88 0.58
CA SER B 142 27.39 -37.36 -0.71
C SER B 142 27.92 -36.28 -1.66
N PRO B 143 27.16 -35.18 -1.86
CA PRO B 143 27.67 -34.09 -2.70
C PRO B 143 28.95 -33.47 -2.15
N ILE B 144 29.10 -33.43 -0.83
CA ILE B 144 30.32 -32.92 -0.21
C ILE B 144 31.47 -33.87 -0.48
N LEU B 145 31.25 -35.16 -0.23
CA LEU B 145 32.26 -36.20 -0.46
C LEU B 145 32.72 -36.28 -1.91
N GLU B 146 31.78 -36.11 -2.83
CA GLU B 146 32.05 -36.08 -4.27
C GLU B 146 33.21 -35.15 -4.62
N LEU B 147 33.27 -34.01 -3.92
CA LEU B 147 34.25 -32.96 -4.22
C LEU B 147 35.48 -33.01 -3.32
N HIS B 148 35.46 -33.94 -2.36
CA HIS B 148 36.53 -34.06 -1.39
C HIS B 148 37.72 -34.87 -1.92
N SER B 149 38.87 -34.70 -1.27
CA SER B 149 40.10 -35.38 -1.65
C SER B 149 40.40 -36.59 -0.76
N GLU B 150 39.44 -36.95 0.10
CA GLU B 150 39.48 -38.20 0.86
C GLU B 150 38.16 -38.95 0.67
N ASP B 151 38.14 -40.23 1.04
CA ASP B 151 36.92 -41.05 0.91
C ASP B 151 35.94 -40.81 2.06
N THR B 152 36.42 -40.18 3.12
CA THR B 152 35.61 -39.95 4.32
C THR B 152 35.73 -38.50 4.78
N LEU B 153 34.67 -38.00 5.42
CA LEU B 153 34.66 -36.64 5.96
C LEU B 153 35.10 -36.62 7.42
N GLN B 154 35.98 -35.69 7.75
CA GLN B 154 36.33 -35.45 9.14
C GLN B 154 35.38 -34.41 9.75
N MET B 155 34.55 -34.89 10.68
CA MET B 155 33.48 -34.10 11.27
C MET B 155 33.56 -34.18 12.79
N ASP B 156 34.76 -34.02 13.33
CA ASP B 156 34.98 -34.15 14.76
C ASP B 156 34.63 -32.86 15.49
N GLY B 157 33.71 -32.98 16.45
CA GLY B 157 33.30 -31.87 17.30
C GLY B 157 32.58 -30.76 16.54
N HIS B 158 33.15 -29.56 16.59
CA HIS B 158 32.49 -28.36 16.08
C HIS B 158 33.06 -27.86 14.75
N ILE B 159 33.70 -28.76 14.00
CA ILE B 159 34.27 -28.40 12.71
C ILE B 159 34.08 -29.53 11.69
N LEU B 160 33.54 -29.16 10.53
CA LEU B 160 33.58 -30.01 9.35
C LEU B 160 34.51 -29.30 8.38
N ASP B 161 35.55 -29.99 7.95
CA ASP B 161 36.41 -29.44 6.91
C ASP B 161 36.51 -30.47 5.79
N SER B 162 36.34 -29.97 4.56
CA SER B 162 36.46 -30.78 3.35
C SER B 162 37.11 -29.89 2.32
N LYS B 163 37.45 -30.45 1.16
CA LYS B 163 38.13 -29.68 0.10
C LYS B 163 37.34 -28.42 -0.33
N ARG B 164 36.04 -28.54 -0.52
CA ARG B 164 35.23 -27.46 -1.10
C ARG B 164 34.26 -26.79 -0.11
N TYR B 165 34.16 -27.34 1.09
CA TYR B 165 33.15 -26.94 2.06
C TYR B 165 33.64 -27.13 3.48
N ALA B 166 33.43 -26.11 4.31
CA ALA B 166 33.79 -26.19 5.72
C ALA B 166 32.71 -25.51 6.55
N VAL B 167 32.38 -26.12 7.69
CA VAL B 167 31.44 -25.56 8.64
C VAL B 167 32.14 -25.43 9.98
N ILE B 168 32.17 -24.19 10.50
CA ILE B 168 33.01 -23.85 11.65
C ILE B 168 32.18 -23.31 12.80
N GLY B 169 32.31 -23.94 13.97
CA GLY B 169 31.73 -23.41 15.20
C GLY B 169 32.60 -22.33 15.82
N ALA B 170 32.09 -21.11 15.85
CA ALA B 170 32.83 -19.97 16.42
C ALA B 170 31.87 -18.83 16.74
N ASP B 171 32.22 -18.05 17.76
CA ASP B 171 31.47 -16.86 18.15
C ASP B 171 31.97 -15.67 17.34
N LEU B 172 31.08 -15.06 16.55
CA LEU B 172 31.44 -13.92 15.69
C LEU B 172 31.88 -12.69 16.48
N ARG B 173 31.66 -12.70 17.79
CA ARG B 173 32.15 -11.63 18.67
C ARG B 173 33.56 -11.91 19.19
N ASP B 174 34.13 -13.05 18.80
CA ASP B 174 35.51 -13.37 19.13
C ASP B 174 36.32 -13.50 17.86
N LEU B 175 36.94 -12.40 17.43
CA LEU B 175 37.58 -12.34 16.11
C LEU B 175 38.87 -13.13 15.98
N SER B 176 39.64 -13.26 17.06
CA SER B 176 40.85 -14.09 17.00
C SER B 176 40.49 -15.57 16.84
N GLU B 177 39.46 -16.03 17.55
CA GLU B 177 38.92 -17.39 17.38
C GLU B 177 38.36 -17.59 15.98
N LEU B 178 37.59 -16.62 15.51
CA LEU B 178 37.04 -16.66 14.16
C LEU B 178 38.14 -16.84 13.13
N GLU B 179 39.11 -15.93 13.13
CA GLU B 179 40.22 -15.95 12.17
C GLU B 179 41.06 -17.23 12.29
N GLU B 180 41.39 -17.62 13.52
CA GLU B 180 42.15 -18.85 13.78
C GLU B 180 41.49 -20.07 13.13
N LYS B 181 40.20 -20.24 13.39
CA LYS B 181 39.48 -21.42 12.91
C LYS B 181 39.27 -21.42 11.40
N LEU B 182 38.97 -20.27 10.82
CA LEU B 182 38.87 -20.15 9.37
C LEU B 182 40.19 -20.52 8.69
N LYS B 183 41.29 -20.01 9.23
CA LYS B 183 42.62 -20.32 8.70
C LYS B 183 43.03 -21.78 8.92
N LYS B 184 42.55 -22.38 10.01
CA LYS B 184 42.74 -23.81 10.29
C LYS B 184 42.08 -24.64 9.19
N CYS B 185 40.98 -24.12 8.65
CA CYS B 185 40.26 -24.74 7.54
C CYS B 185 40.75 -24.23 6.18
N ASN B 186 41.91 -23.60 6.18
CA ASN B 186 42.62 -23.18 4.97
C ASN B 186 41.95 -22.10 4.13
N MET B 187 41.24 -21.20 4.82
CA MET B 187 40.88 -19.95 4.20
C MET B 187 42.18 -19.17 4.01
N ASN B 188 42.39 -18.68 2.80
CA ASN B 188 43.53 -17.82 2.53
C ASN B 188 43.02 -16.40 2.34
N THR B 189 43.92 -15.43 2.28
CA THR B 189 43.49 -14.04 2.16
C THR B 189 43.86 -13.43 0.81
N GLN B 190 44.33 -14.27 -0.10
CA GLN B 190 44.77 -13.84 -1.43
C GLN B 190 43.67 -13.92 -2.48
N LEU B 191 42.72 -14.83 -2.28
CA LEU B 191 41.60 -14.95 -3.22
C LEU B 191 40.55 -13.86 -2.94
N PRO B 192 39.88 -13.38 -4.00
CA PRO B 192 38.73 -12.47 -3.76
C PRO B 192 37.70 -13.21 -2.92
N THR B 193 37.17 -12.55 -1.90
CA THR B 193 36.35 -13.24 -0.92
C THR B 193 35.06 -12.48 -0.68
N LEU B 194 33.95 -13.20 -0.75
CA LEU B 194 32.62 -12.66 -0.45
C LEU B 194 32.21 -13.13 0.94
N LEU B 195 31.84 -12.19 1.80
CA LEU B 195 31.33 -12.52 3.13
C LEU B 195 29.86 -12.13 3.22
N ILE B 196 29.06 -12.96 3.89
CA ILE B 196 27.60 -12.79 3.95
C ILE B 196 27.10 -12.79 5.38
N ALA B 197 26.25 -11.80 5.71
CA ALA B 197 25.58 -11.77 7.00
C ALA B 197 24.09 -11.55 6.76
N GLU B 198 23.35 -12.64 6.67
CA GLU B 198 21.92 -12.58 6.39
C GLU B 198 21.17 -12.72 7.72
N CYS B 199 20.64 -11.60 8.20
CA CYS B 199 19.93 -11.53 9.47
C CYS B 199 20.77 -11.99 10.66
N VAL B 200 21.93 -11.37 10.83
CA VAL B 200 22.94 -11.79 11.81
C VAL B 200 23.48 -10.59 12.60
N LEU B 201 23.87 -9.53 11.91
CA LEU B 201 24.54 -8.39 12.56
C LEU B 201 23.67 -7.72 13.62
N VAL B 202 22.36 -7.75 13.43
CA VAL B 202 21.41 -7.13 14.34
C VAL B 202 21.38 -7.81 15.74
N TYR B 203 21.94 -9.02 15.84
CA TYR B 203 22.00 -9.76 17.10
C TYR B 203 23.27 -9.55 17.93
N MET B 204 24.15 -8.67 17.48
CA MET B 204 25.29 -8.26 18.29
C MET B 204 25.25 -6.74 18.47
N THR B 205 26.09 -6.22 19.36
CA THR B 205 26.14 -4.78 19.63
C THR B 205 26.69 -4.04 18.41
N PRO B 206 26.36 -2.74 18.24
CA PRO B 206 26.93 -1.98 17.13
C PRO B 206 28.46 -2.00 17.08
N GLU B 207 29.12 -2.07 18.25
CA GLU B 207 30.57 -2.16 18.31
C GLU B 207 31.10 -3.52 17.82
N GLN B 208 30.41 -4.61 18.18
CA GLN B 208 30.78 -5.96 17.76
C GLN B 208 30.64 -6.16 16.24
N SER B 209 29.55 -5.67 15.65
CA SER B 209 29.38 -5.75 14.20
C SER B 209 30.34 -4.84 13.45
N ALA B 210 30.57 -3.63 13.94
CA ALA B 210 31.60 -2.74 13.40
C ALA B 210 32.97 -3.44 13.39
N ASN B 211 33.32 -4.05 14.53
CA ASN B 211 34.58 -4.78 14.66
C ASN B 211 34.68 -5.92 13.64
N LEU B 212 33.58 -6.65 13.48
CA LEU B 212 33.51 -7.74 12.49
C LEU B 212 33.71 -7.24 11.06
N LEU B 213 33.01 -6.17 10.70
CA LEU B 213 33.14 -5.57 9.38
C LEU B 213 34.55 -5.05 9.11
N LYS B 214 35.14 -4.42 10.13
CA LYS B 214 36.51 -3.94 10.02
C LYS B 214 37.50 -5.09 9.89
N TRP B 215 37.31 -6.16 10.67
CA TRP B 215 38.16 -7.35 10.57
C TRP B 215 38.11 -7.90 9.15
N ALA B 216 36.90 -7.98 8.60
CA ALA B 216 36.68 -8.50 7.26
C ALA B 216 37.43 -7.65 6.23
N ALA B 217 37.22 -6.34 6.28
CA ALA B 217 37.90 -5.41 5.36
C ALA B 217 39.43 -5.49 5.47
N ASN B 218 39.94 -5.52 6.70
CA ASN B 218 41.39 -5.58 6.93
C ASN B 218 42.02 -6.91 6.48
N SER B 219 41.24 -7.99 6.50
CA SER B 219 41.74 -9.32 6.13
C SER B 219 41.98 -9.53 4.65
N PHE B 220 41.22 -8.85 3.80
CA PHE B 220 41.22 -9.14 2.36
C PHE B 220 41.46 -7.88 1.51
N GLU B 221 42.36 -7.98 0.54
CA GLU B 221 42.59 -6.89 -0.41
C GLU B 221 41.40 -6.73 -1.36
N ARG B 222 40.78 -7.86 -1.72
CA ARG B 222 39.70 -7.85 -2.70
C ARG B 222 38.54 -8.63 -2.10
N ALA B 223 37.42 -7.93 -1.87
CA ALA B 223 36.34 -8.51 -1.10
C ALA B 223 35.00 -7.82 -1.31
N MET B 224 33.94 -8.54 -0.98
CA MET B 224 32.58 -8.02 -1.00
C MET B 224 31.89 -8.49 0.28
N PHE B 225 31.03 -7.64 0.83
CA PHE B 225 30.27 -8.01 2.01
C PHE B 225 28.79 -7.80 1.70
N ILE B 226 27.95 -8.78 2.01
CA ILE B 226 26.49 -8.64 1.88
C ILE B 226 25.88 -8.64 3.27
N ASN B 227 24.98 -7.68 3.51
CA ASN B 227 24.26 -7.60 4.77
C ASN B 227 22.76 -7.48 4.50
N TYR B 228 21.99 -8.42 5.06
CA TYR B 228 20.52 -8.33 5.03
C TYR B 228 20.00 -8.21 6.46
N GLU B 229 19.18 -7.20 6.72
CA GLU B 229 18.53 -7.06 8.02
C GLU B 229 17.47 -5.95 8.03
N GLN B 230 16.93 -5.68 9.21
CA GLN B 230 15.93 -4.62 9.39
C GLN B 230 16.45 -3.23 9.02
N VAL B 231 15.53 -2.33 8.69
CA VAL B 231 15.83 -0.95 8.35
C VAL B 231 14.63 -0.07 8.69
N ASN B 232 14.86 1.24 8.80
CA ASN B 232 13.81 2.22 9.12
C ASN B 232 13.09 1.89 10.44
N MET B 233 13.85 1.41 11.42
CA MET B 233 13.24 0.88 12.64
C MET B 233 12.83 1.96 13.65
N GLY B 234 13.16 3.21 13.36
CA GLY B 234 12.79 4.33 14.24
C GLY B 234 11.36 4.81 14.07
N ASP B 235 10.74 4.50 12.94
CA ASP B 235 9.37 4.94 12.70
C ASP B 235 8.37 4.09 13.49
N ARG B 236 7.08 4.38 13.31
CA ARG B 236 6.03 3.79 14.13
C ARG B 236 5.92 2.28 13.96
N PHE B 237 5.94 1.82 12.72
CA PHE B 237 5.87 0.39 12.43
C PHE B 237 7.13 -0.31 12.91
N GLY B 238 8.26 0.38 12.78
CA GLY B 238 9.53 -0.10 13.29
C GLY B 238 9.47 -0.37 14.78
N GLN B 239 8.87 0.55 15.52
CA GLN B 239 8.73 0.38 16.97
C GLN B 239 7.79 -0.77 17.34
N ILE B 240 6.73 -0.95 16.54
CA ILE B 240 5.82 -2.09 16.70
C ILE B 240 6.55 -3.43 16.50
N MET B 241 7.39 -3.50 15.46
CA MET B 241 8.21 -4.69 15.18
C MET B 241 9.12 -5.07 16.35
N ILE B 242 9.73 -4.04 16.97
CA ILE B 242 10.65 -4.24 18.09
C ILE B 242 9.93 -4.75 19.35
N GLU B 243 8.79 -4.16 19.65
CA GLU B 243 7.99 -4.56 20.81
C GLU B 243 7.35 -5.93 20.64
N ASN B 244 6.97 -6.26 19.40
CA ASN B 244 6.50 -7.61 19.06
C ASN B 244 7.58 -8.66 19.30
N LEU B 245 8.82 -8.29 19.04
CA LEU B 245 9.96 -9.17 19.24
C LEU B 245 10.36 -9.20 20.71
N ARG B 246 10.06 -8.11 21.43
CA ARG B 246 10.42 -7.97 22.84
C ARG B 246 9.68 -8.98 23.71
N ARG B 247 8.38 -9.16 23.44
CA ARG B 247 7.55 -10.12 24.16
C ARG B 247 7.95 -11.57 23.83
N ARG B 248 8.29 -11.82 22.57
CA ARG B 248 8.81 -13.13 22.15
C ARG B 248 10.23 -13.35 22.68
N GLN B 249 10.64 -12.49 23.61
CA GLN B 249 11.93 -12.55 24.32
C GLN B 249 13.15 -12.41 23.39
N CYS B 250 12.98 -11.62 22.33
CA CYS B 250 14.03 -11.41 21.34
C CYS B 250 14.48 -9.96 21.35
N ASP B 251 15.74 -9.75 21.76
CA ASP B 251 16.31 -8.41 21.79
C ASP B 251 17.24 -8.22 20.58
N LEU B 252 17.12 -7.05 19.95
CA LEU B 252 17.96 -6.72 18.81
C LEU B 252 19.05 -5.77 19.27
N ALA B 253 20.18 -6.33 19.68
CA ALA B 253 21.30 -5.56 20.22
C ALA B 253 21.88 -4.53 19.25
N GLY B 254 21.75 -4.79 17.95
CA GLY B 254 22.31 -3.89 16.94
C GLY B 254 21.30 -3.04 16.18
N VAL B 255 20.10 -2.89 16.75
CA VAL B 255 19.01 -2.18 16.08
C VAL B 255 19.28 -0.69 15.80
N GLU B 256 20.18 -0.10 16.57
CA GLU B 256 20.61 1.30 16.36
C GLU B 256 21.08 1.52 14.92
N THR B 257 21.81 0.54 14.38
CA THR B 257 22.33 0.64 13.02
C THR B 257 21.24 0.45 11.95
N CYS B 258 20.10 -0.09 12.37
CA CYS B 258 18.94 -0.28 11.48
C CYS B 258 18.05 0.97 11.36
N LYS B 259 18.58 2.13 11.72
CA LYS B 259 17.81 3.38 11.67
C LYS B 259 17.35 3.71 10.24
N SER B 260 18.25 3.56 9.28
CA SER B 260 17.98 3.95 7.89
C SER B 260 18.96 3.28 6.94
N LEU B 261 18.68 3.39 5.64
CA LEU B 261 19.63 2.90 4.63
C LEU B 261 20.95 3.66 4.76
N GLU B 262 20.84 4.92 5.19
CA GLU B 262 22.02 5.75 5.41
C GLU B 262 22.89 5.19 6.54
N SER B 263 22.28 4.85 7.66
CA SER B 263 23.07 4.33 8.78
C SER B 263 23.69 2.97 8.42
N GLN B 264 22.94 2.17 7.64
CA GLN B 264 23.42 0.89 7.14
C GLN B 264 24.65 1.06 6.25
N LYS B 265 24.61 2.03 5.35
CA LYS B 265 25.74 2.29 4.46
C LYS B 265 26.95 2.85 5.22
N GLU B 266 26.68 3.71 6.20
CA GLU B 266 27.76 4.39 6.95
C GLU B 266 28.56 3.39 7.78
N ARG B 267 27.87 2.39 8.32
CA ARG B 267 28.51 1.31 9.06
C ARG B 267 29.55 0.58 8.19
N LEU B 268 29.22 0.38 6.92
CA LEU B 268 30.17 -0.22 5.96
C LEU B 268 31.33 0.71 5.60
N LEU B 269 31.02 1.93 5.17
CA LEU B 269 32.04 2.89 4.75
C LEU B 269 33.05 3.28 5.85
N SER B 270 32.56 3.36 7.08
CA SER B 270 33.39 3.78 8.21
C SER B 270 34.16 2.62 8.84
N ASN B 271 33.97 1.42 8.31
CA ASN B 271 34.64 0.24 8.83
C ASN B 271 35.45 -0.50 7.79
N GLY B 272 36.09 0.27 6.90
CA GLY B 272 37.08 -0.25 5.96
C GLY B 272 36.64 -0.53 4.53
N TRP B 273 35.34 -0.39 4.25
CA TRP B 273 34.85 -0.69 2.91
C TRP B 273 34.85 0.52 1.99
N GLU B 274 35.12 0.27 0.72
CA GLU B 274 35.33 1.32 -0.27
C GLU B 274 34.03 1.78 -0.94
N THR B 275 33.11 0.85 -1.14
CA THR B 275 31.78 1.16 -1.69
C THR B 275 30.70 0.64 -0.73
N ALA B 276 29.54 1.28 -0.73
CA ALA B 276 28.39 0.73 -0.02
C ALA B 276 27.12 1.08 -0.77
N SER B 277 26.36 0.05 -1.11
CA SER B 277 25.04 0.19 -1.73
C SER B 277 23.99 -0.42 -0.82
N ALA B 278 22.76 0.10 -0.88
CA ALA B 278 21.69 -0.42 -0.03
C ALA B 278 20.34 -0.12 -0.67
N VAL B 279 19.44 -1.08 -0.57
CA VAL B 279 18.08 -0.94 -1.08
C VAL B 279 17.14 -1.52 -0.03
N ASP B 280 15.97 -0.90 0.16
CA ASP B 280 14.94 -1.55 0.94
C ASP B 280 14.26 -2.61 0.07
N MET B 281 13.64 -3.59 0.73
CA MET B 281 13.15 -4.76 0.03
C MET B 281 11.92 -4.49 -0.85
N MET B 282 11.20 -3.41 -0.59
CA MET B 282 10.07 -3.03 -1.45
C MET B 282 10.54 -2.55 -2.81
N GLU B 283 11.60 -1.74 -2.84
CA GLU B 283 12.19 -1.34 -4.13
C GLU B 283 12.71 -2.56 -4.89
N LEU B 284 13.47 -3.41 -4.18
CA LEU B 284 13.93 -4.67 -4.80
C LEU B 284 12.76 -5.46 -5.36
N TYR B 285 11.71 -5.62 -4.57
CA TYR B 285 10.52 -6.36 -5.00
C TYR B 285 9.89 -5.71 -6.24
N ASN B 286 9.74 -4.39 -6.21
CA ASN B 286 9.22 -3.64 -7.37
C ASN B 286 10.07 -3.76 -8.63
N ARG B 287 11.33 -4.16 -8.47
CA ARG B 287 12.22 -4.26 -9.61
C ARG B 287 12.42 -5.68 -10.10
N LEU B 288 11.71 -6.63 -9.49
CA LEU B 288 11.77 -8.03 -9.92
C LEU B 288 11.25 -8.18 -11.35
N PRO B 289 11.80 -9.14 -12.12
CA PRO B 289 11.24 -9.41 -13.45
C PRO B 289 9.74 -9.69 -13.33
N ARG B 290 8.96 -9.21 -14.28
CA ARG B 290 7.49 -9.34 -14.23
C ARG B 290 7.01 -10.79 -14.10
N ALA B 291 7.72 -11.71 -14.77
CA ALA B 291 7.35 -13.13 -14.76
C ALA B 291 7.55 -13.76 -13.38
N GLU B 292 8.57 -13.30 -12.66
CA GLU B 292 8.79 -13.74 -11.29
C GLU B 292 7.69 -13.26 -10.34
N VAL B 293 7.29 -11.99 -10.51
CA VAL B 293 6.23 -11.40 -9.71
C VAL B 293 4.91 -12.13 -9.91
N SER B 294 4.56 -12.43 -11.17
CA SER B 294 3.29 -13.11 -11.43
C SER B 294 3.30 -14.55 -10.92
N ARG B 295 4.44 -15.21 -11.00
CA ARG B 295 4.59 -16.56 -10.43
C ARG B 295 4.37 -16.53 -8.92
N ILE B 296 5.01 -15.56 -8.26
CA ILE B 296 4.90 -15.34 -6.82
C ILE B 296 3.45 -15.07 -6.39
N GLU B 297 2.81 -14.16 -7.13
CA GLU B 297 1.44 -13.74 -6.82
C GLU B 297 0.41 -14.86 -6.99
N SER B 298 0.72 -15.83 -7.85
CA SER B 298 -0.16 -16.96 -8.12
C SER B 298 -0.11 -18.03 -7.02
N LEU B 299 0.95 -18.00 -6.22
CA LEU B 299 1.12 -18.97 -5.13
C LEU B 299 0.12 -18.78 -3.99
N GLU B 300 -0.06 -17.53 -3.58
CA GLU B 300 -0.98 -17.17 -2.50
C GLU B 300 -1.65 -15.84 -2.86
N PHE B 301 -2.94 -15.74 -2.55
CA PHE B 301 -3.65 -14.48 -2.79
C PHE B 301 -3.36 -13.46 -1.71
N LEU B 302 -2.99 -12.26 -2.14
CA LEU B 302 -2.82 -11.13 -1.25
C LEU B 302 -3.79 -10.02 -1.66
N ASP B 303 -4.43 -9.45 -0.67
CA ASP B 303 -5.61 -8.60 -0.84
C ASP B 303 -5.28 -7.11 -0.77
N GLU B 304 -4.98 -6.65 0.44
CA GLU B 304 -4.53 -5.28 0.69
C GLU B 304 -3.01 -5.30 0.73
N MET B 305 -2.41 -4.31 0.08
CA MET B 305 -0.96 -4.29 -0.13
C MET B 305 -0.20 -3.59 0.99
N GLU B 306 -0.93 -2.92 1.89
CA GLU B 306 -0.32 -2.06 2.90
C GLU B 306 0.64 -2.78 3.84
N LEU B 307 0.26 -3.97 4.33
CA LEU B 307 1.12 -4.72 5.24
C LEU B 307 2.38 -5.18 4.52
N LEU B 308 2.21 -5.63 3.28
CA LEU B 308 3.35 -6.05 2.46
C LEU B 308 4.33 -4.91 2.32
N GLU B 309 3.83 -3.75 1.89
CA GLU B 309 4.63 -2.54 1.71
C GLU B 309 5.38 -2.16 2.99
N GLN B 310 4.68 -2.20 4.12
CA GLN B 310 5.27 -1.82 5.40
C GLN B 310 6.37 -2.79 5.83
N LEU B 311 6.08 -4.08 5.79
CA LEU B 311 7.10 -5.12 6.05
C LEU B 311 8.32 -4.98 5.12
N MET B 312 8.06 -4.81 3.81
CA MET B 312 9.14 -4.76 2.83
C MET B 312 10.00 -3.51 2.97
N ARG B 313 9.39 -2.41 3.40
CA ARG B 313 10.14 -1.17 3.66
C ARG B 313 10.92 -1.20 4.97
N HIS B 314 10.78 -2.27 5.75
CA HIS B 314 11.53 -2.40 7.02
C HIS B 314 12.62 -3.47 7.02
N TYR B 315 12.97 -3.94 5.83
CA TYR B 315 14.15 -4.76 5.64
C TYR B 315 14.97 -4.19 4.50
N CYS B 316 16.28 -4.43 4.53
CA CYS B 316 17.16 -3.93 3.50
C CYS B 316 18.18 -4.97 3.10
N LEU B 317 18.71 -4.78 1.90
CA LEU B 317 19.82 -5.54 1.38
C LEU B 317 20.94 -4.56 1.08
N CYS B 318 22.07 -4.74 1.77
CA CYS B 318 23.24 -3.87 1.60
C CYS B 318 24.44 -4.68 1.13
N TRP B 319 25.30 -4.03 0.37
CA TRP B 319 26.52 -4.67 -0.09
C TRP B 319 27.65 -3.69 -0.27
N ALA B 320 28.84 -4.11 0.14
CA ALA B 320 30.04 -3.29 0.15
C ALA B 320 31.14 -4.03 -0.60
N THR B 321 32.05 -3.28 -1.21
CA THR B 321 33.20 -3.87 -1.91
C THR B 321 34.50 -3.12 -1.57
N LYS B 322 35.63 -3.79 -1.77
CA LYS B 322 36.95 -3.17 -1.70
C LYS B 322 37.93 -3.87 -2.65
N GLY B 323 38.86 -3.09 -3.20
CA GLY B 323 39.89 -3.58 -4.10
C GLY B 323 39.38 -4.25 -5.36
N GLY B 324 38.14 -3.96 -5.74
CA GLY B 324 37.47 -4.69 -6.80
C GLY B 324 37.50 -4.17 -8.22
N ASN B 325 38.17 -3.05 -8.47
CA ASN B 325 38.11 -2.40 -9.78
C ASN B 325 38.55 -3.27 -10.98
N GLU B 326 39.57 -4.08 -10.79
CA GLU B 326 40.02 -4.98 -11.87
C GLU B 326 38.95 -6.05 -12.19
N LEU B 327 38.20 -6.47 -11.18
CA LEU B 327 37.13 -7.46 -11.38
C LEU B 327 35.79 -6.80 -11.70
N GLY B 328 35.67 -5.50 -11.42
CA GLY B 328 34.43 -4.76 -11.64
C GLY B 328 33.42 -5.04 -10.52
N LEU B 329 33.92 -5.23 -9.31
CA LEU B 329 33.07 -5.52 -8.15
C LEU B 329 32.07 -4.39 -7.85
N LYS B 330 32.51 -3.13 -8.00
CA LYS B 330 31.63 -1.97 -7.74
C LYS B 330 30.40 -1.92 -8.64
N GLU B 331 30.44 -2.67 -9.75
CA GLU B 331 29.33 -2.69 -10.70
C GLU B 331 28.23 -3.69 -10.35
N ILE B 332 28.57 -4.64 -9.47
CA ILE B 332 27.61 -5.67 -9.04
C ILE B 332 26.33 -5.04 -8.46
N THR B 333 25.19 -5.55 -8.89
CA THR B 333 23.90 -5.12 -8.33
C THR B 333 22.95 -6.32 -8.22
N TYR B 334 21.80 -6.12 -7.59
CA TYR B 334 20.81 -7.18 -7.36
C TYR B 334 19.92 -7.45 -8.60
N GLY C 25 -22.80 15.39 6.48
CA GLY C 25 -22.27 16.49 5.62
C GLY C 25 -22.39 17.87 6.27
N VAL C 26 -23.61 18.24 6.62
CA VAL C 26 -23.90 19.54 7.24
C VAL C 26 -23.48 19.60 8.71
N ARG C 27 -23.64 18.49 9.44
CA ARG C 27 -23.27 18.50 10.86
C ARG C 27 -21.76 18.60 11.11
N GLY C 28 -20.93 18.12 10.17
CA GLY C 28 -19.46 18.28 10.25
C GLY C 28 -18.95 19.72 10.22
N THR C 29 -19.82 20.65 9.82
CA THR C 29 -19.44 22.05 9.68
C THR C 29 -19.20 22.74 11.03
N CYS C 30 -19.97 22.34 12.05
CA CYS C 30 -19.76 22.86 13.42
C CYS C 30 -18.32 22.64 13.89
N GLU C 31 -17.83 21.41 13.74
CA GLU C 31 -16.47 21.06 14.14
C GLU C 31 -15.44 21.87 13.36
N ASP C 32 -15.64 22.00 12.05
CA ASP C 32 -14.71 22.76 11.22
C ASP C 32 -14.62 24.23 11.64
N ALA C 33 -15.78 24.87 11.82
CA ALA C 33 -15.80 26.26 12.29
C ALA C 33 -15.08 26.42 13.63
N SER C 34 -15.38 25.52 14.57
CA SER C 34 -14.81 25.58 15.91
C SER C 34 -13.30 25.33 15.89
N LEU C 35 -12.87 24.37 15.07
CA LEU C 35 -11.45 24.07 14.91
C LEU C 35 -10.69 25.30 14.40
N CYS C 36 -11.23 25.90 13.35
CA CYS C 36 -10.58 27.07 12.77
C CYS C 36 -10.55 28.23 13.74
N LYS C 37 -11.66 28.45 14.44
CA LYS C 37 -11.74 29.55 15.40
C LYS C 37 -10.77 29.38 16.57
N ARG C 38 -10.71 28.19 17.15
CA ARG C 38 -9.77 27.98 18.26
C ARG C 38 -8.33 28.18 17.81
N PHE C 39 -8.00 27.65 16.63
CA PHE C 39 -6.65 27.82 16.09
C PHE C 39 -6.26 29.30 15.94
N ALA C 40 -7.15 30.09 15.34
CA ALA C 40 -6.91 31.52 15.16
C ALA C 40 -6.74 32.23 16.50
N VAL C 41 -7.59 31.90 17.47
CA VAL C 41 -7.48 32.39 18.83
C VAL C 41 -6.13 32.01 19.49
N SER C 42 -5.67 30.78 19.25
CA SER C 42 -4.40 30.31 19.82
C SER C 42 -3.18 31.12 19.33
N ILE C 43 -3.26 31.61 18.09
CA ILE C 43 -2.26 32.49 17.46
C ILE C 43 -2.41 33.96 17.88
N GLY C 44 -3.53 34.33 18.50
CA GLY C 44 -3.72 35.70 18.99
C GLY C 44 -4.66 36.61 18.21
N TYR C 45 -5.38 36.06 17.24
CA TYR C 45 -6.29 36.88 16.41
C TYR C 45 -7.39 37.59 17.19
N TRP C 46 -7.97 36.91 18.18
CA TRP C 46 -8.91 37.55 19.12
C TRP C 46 -8.92 36.82 20.47
N HIS C 47 -9.51 37.45 21.47
CA HIS C 47 -9.56 36.90 22.82
C HIS C 47 -10.79 36.01 23.03
N ASP C 48 -10.54 34.75 23.36
CA ASP C 48 -11.61 33.79 23.66
C ASP C 48 -11.09 32.66 24.56
N PRO C 49 -11.19 32.83 25.89
CA PRO C 49 -10.73 31.77 26.78
C PRO C 49 -11.73 30.61 26.88
N TYR C 50 -12.84 30.69 26.17
CA TYR C 50 -13.92 29.69 26.31
C TYR C 50 -13.93 28.61 25.24
N ILE C 51 -13.47 28.95 24.03
CA ILE C 51 -13.52 28.02 22.88
C ILE C 51 -12.75 26.70 23.11
N GLN C 52 -11.68 26.74 23.91
CA GLN C 52 -10.89 25.55 24.26
C GLN C 52 -11.76 24.42 24.84
N HIS C 53 -12.86 24.77 25.50
CA HIS C 53 -13.72 23.77 26.13
C HIS C 53 -14.61 23.00 25.14
N PHE C 54 -14.68 23.47 23.90
CA PHE C 54 -15.59 22.88 22.91
C PHE C 54 -14.93 22.12 21.76
N VAL C 55 -13.61 22.26 21.62
CA VAL C 55 -12.92 21.67 20.48
C VAL C 55 -11.43 21.53 20.77
N ARG C 56 -10.79 20.56 20.13
CA ARG C 56 -9.34 20.36 20.24
C ARG C 56 -8.62 21.51 19.51
N LEU C 57 -7.31 21.64 19.80
CA LEU C 57 -6.44 22.55 19.07
C LEU C 57 -5.84 21.82 17.87
N SER C 58 -6.10 22.35 16.68
CA SER C 58 -5.56 21.79 15.45
C SER C 58 -4.05 22.06 15.41
N LYS C 59 -3.29 21.15 14.81
CA LYS C 59 -1.84 21.29 14.76
C LYS C 59 -1.26 21.36 13.35
N GLU C 60 -2.14 21.47 12.36
CA GLU C 60 -1.69 21.53 10.97
C GLU C 60 -1.42 22.97 10.45
N ARG C 61 -0.64 23.04 9.38
CA ARG C 61 -0.30 24.29 8.69
C ARG C 61 -1.55 24.95 8.11
N LYS C 62 -1.66 26.27 8.28
CA LYS C 62 -2.78 27.05 7.73
C LYS C 62 -2.28 28.22 6.90
N ALA C 63 -3.06 28.58 5.89
CA ALA C 63 -2.86 29.85 5.20
C ALA C 63 -3.26 30.97 6.16
N PRO C 64 -2.37 31.96 6.37
CA PRO C 64 -2.74 33.17 7.11
C PRO C 64 -4.01 33.84 6.58
N GLU C 65 -4.28 33.73 5.27
CA GLU C 65 -5.49 34.27 4.65
C GLU C 65 -6.76 33.75 5.33
N ILE C 66 -6.76 32.46 5.69
CA ILE C 66 -7.91 31.86 6.38
C ILE C 66 -8.09 32.46 7.77
N ASN C 67 -7.00 32.61 8.52
CA ASN C 67 -7.07 33.19 9.85
C ASN C 67 -7.58 34.63 9.84
N ARG C 68 -7.11 35.41 8.86
CA ARG C 68 -7.57 36.79 8.70
C ARG C 68 -9.04 36.84 8.33
N GLY C 69 -9.49 35.87 7.53
CA GLY C 69 -10.90 35.77 7.12
C GLY C 69 -11.77 35.48 8.33
N TYR C 70 -11.35 34.51 9.14
CA TYR C 70 -12.05 34.23 10.41
C TYR C 70 -12.11 35.45 11.35
N PHE C 71 -11.01 36.19 11.45
CA PHE C 71 -10.99 37.40 12.28
C PHE C 71 -11.99 38.45 11.78
N ALA C 72 -11.98 38.72 10.48
CA ALA C 72 -12.86 39.74 9.89
C ALA C 72 -14.33 39.39 10.12
N ARG C 73 -14.64 38.10 9.94
CA ARG C 73 -15.96 37.51 10.17
C ARG C 73 -16.39 37.76 11.62
N VAL C 74 -15.56 37.34 12.56
CA VAL C 74 -15.92 37.44 13.99
C VAL C 74 -15.99 38.90 14.43
N HIS C 75 -15.04 39.72 13.96
CA HIS C 75 -15.03 41.15 14.25
C HIS C 75 -16.29 41.84 13.72
N GLY C 76 -16.62 41.55 12.46
CA GLY C 76 -17.76 42.18 11.79
C GLY C 76 -19.08 41.81 12.46
N VAL C 77 -19.31 40.51 12.66
CA VAL C 77 -20.50 40.06 13.38
C VAL C 77 -20.56 40.69 14.78
N SER C 78 -19.43 40.68 15.49
CA SER C 78 -19.37 41.23 16.84
C SER C 78 -19.72 42.73 16.89
N GLN C 79 -19.23 43.51 15.91
CA GLN C 79 -19.53 44.95 15.86
C GLN C 79 -21.02 45.20 15.67
N LEU C 80 -21.65 44.40 14.79
CA LEU C 80 -23.08 44.50 14.58
C LEU C 80 -23.89 44.14 15.84
N ILE C 81 -23.48 43.08 16.52
CA ILE C 81 -24.12 42.71 17.81
C ILE C 81 -24.03 43.85 18.82
N LYS C 82 -22.83 44.38 19.01
CA LYS C 82 -22.57 45.45 19.99
C LYS C 82 -23.35 46.74 19.69
N ALA C 83 -23.48 47.06 18.40
CA ALA C 83 -24.31 48.19 17.94
C ALA C 83 -25.78 47.97 18.29
N PHE C 84 -26.27 46.76 18.08
CA PHE C 84 -27.64 46.44 18.42
C PHE C 84 -27.87 46.57 19.94
N LEU C 85 -26.93 46.04 20.72
CA LEU C 85 -27.01 46.10 22.18
C LEU C 85 -26.97 47.55 22.69
N ARG C 86 -26.13 48.37 22.06
CA ARG C 86 -26.06 49.80 22.35
C ARG C 86 -27.38 50.55 22.12
N LYS C 87 -27.97 50.37 20.94
CA LYS C 87 -29.26 50.98 20.58
C LYS C 87 -30.40 50.57 21.51
N THR C 88 -30.40 49.30 21.93
CA THR C 88 -31.49 48.77 22.76
C THR C 88 -31.20 48.86 24.24
N GLU C 89 -30.02 49.38 24.59
CA GLU C 89 -29.52 49.41 25.96
C GLU C 89 -29.59 48.02 26.63
N CYS C 90 -29.42 46.98 25.83
CA CYS C 90 -29.43 45.58 26.28
C CYS C 90 -30.81 45.08 26.74
N HIS C 91 -31.85 45.86 26.49
CA HIS C 91 -33.22 45.45 26.75
C HIS C 91 -33.73 44.85 25.43
N CYS C 92 -33.45 43.56 25.26
CA CYS C 92 -33.58 42.89 23.97
C CYS C 92 -33.29 41.40 24.11
N GLN C 93 -33.51 40.66 23.03
CA GLN C 93 -33.08 39.25 22.93
C GLN C 93 -32.12 39.07 21.76
N ILE C 94 -31.21 38.11 21.92
CA ILE C 94 -30.35 37.63 20.84
C ILE C 94 -30.66 36.15 20.60
N VAL C 95 -30.88 35.79 19.33
CA VAL C 95 -31.11 34.41 18.95
C VAL C 95 -30.08 34.03 17.89
N ASN C 96 -29.12 33.19 18.28
CA ASN C 96 -28.09 32.71 17.37
C ASN C 96 -28.54 31.38 16.77
N LEU C 97 -28.88 31.43 15.49
CA LEU C 97 -29.44 30.29 14.76
C LEU C 97 -28.31 29.52 14.09
N GLY C 98 -28.25 28.21 14.35
CA GLY C 98 -27.10 27.39 13.95
C GLY C 98 -25.85 27.82 14.68
N ALA C 99 -25.97 28.01 16.01
CA ALA C 99 -24.92 28.61 16.83
C ALA C 99 -23.61 27.82 16.93
N GLY C 100 -23.69 26.50 16.70
CA GLY C 100 -22.53 25.63 16.86
C GLY C 100 -21.92 25.78 18.25
N MET C 101 -20.58 25.85 18.30
CA MET C 101 -19.85 26.04 19.56
C MET C 101 -19.52 27.51 19.85
N ASP C 102 -20.34 28.42 19.37
CA ASP C 102 -20.15 29.86 19.62
C ASP C 102 -20.08 30.19 21.12
N THR C 103 -19.17 31.10 21.45
CA THR C 103 -18.88 31.47 22.85
C THR C 103 -19.34 32.90 23.15
N THR C 104 -20.09 33.48 22.22
CA THR C 104 -20.51 34.88 22.31
C THR C 104 -21.15 35.25 23.65
N PHE C 105 -21.97 34.36 24.19
CA PHE C 105 -22.60 34.63 25.47
C PHE C 105 -21.60 34.97 26.59
N TRP C 106 -20.60 34.11 26.77
CA TRP C 106 -19.60 34.30 27.82
C TRP C 106 -18.71 35.52 27.55
N ARG C 107 -18.33 35.71 26.29
CA ARG C 107 -17.45 36.82 25.91
C ARG C 107 -18.14 38.17 26.08
N LEU C 108 -19.44 38.23 25.80
CA LEU C 108 -20.21 39.44 26.05
C LEU C 108 -20.39 39.67 27.54
N LYS C 109 -20.60 38.60 28.30
CA LYS C 109 -20.74 38.68 29.75
C LYS C 109 -19.50 39.33 30.38
N ASP C 110 -18.33 38.92 29.88
CA ASP C 110 -17.04 39.45 30.31
C ASP C 110 -16.82 40.91 29.95
N GLU C 111 -17.56 41.40 28.95
CA GLU C 111 -17.53 42.81 28.58
C GLU C 111 -18.68 43.59 29.21
N ASP C 112 -19.34 42.96 30.20
CA ASP C 112 -20.52 43.50 30.87
C ASP C 112 -21.60 43.90 29.88
N LEU C 113 -21.84 43.00 28.93
CA LEU C 113 -22.89 43.15 27.95
C LEU C 113 -23.70 41.87 28.00
N LEU C 114 -24.91 41.98 28.51
CA LEU C 114 -25.82 40.87 28.62
C LEU C 114 -27.11 41.35 28.03
N SER C 115 -27.65 40.63 27.06
CA SER C 115 -29.01 40.89 26.63
C SER C 115 -29.96 40.34 27.72
N SER C 116 -31.24 40.68 27.61
CA SER C 116 -32.25 40.19 28.55
C SER C 116 -32.24 38.67 28.58
N LYS C 117 -32.17 38.06 27.39
CA LYS C 117 -31.99 36.63 27.27
C LYS C 117 -31.32 36.31 25.95
N TYR C 118 -30.37 35.37 26.00
CA TYR C 118 -29.59 34.95 24.85
C TYR C 118 -29.99 33.52 24.52
N PHE C 119 -30.39 33.28 23.27
CA PHE C 119 -30.84 31.94 22.85
C PHE C 119 -29.92 31.41 21.77
N GLU C 120 -29.62 30.12 21.85
CA GLU C 120 -28.89 29.45 20.78
C GLU C 120 -29.70 28.28 20.26
N VAL C 121 -29.67 28.07 18.95
CA VAL C 121 -30.34 26.94 18.31
C VAL C 121 -29.38 26.17 17.41
N ASP C 122 -29.37 24.84 17.54
CA ASP C 122 -28.65 23.99 16.59
C ASP C 122 -29.28 22.60 16.58
N PHE C 123 -28.79 21.71 15.73
CA PHE C 123 -29.28 20.32 15.68
C PHE C 123 -29.11 19.69 17.08
N PRO C 124 -30.06 18.81 17.48
CA PRO C 124 -29.95 18.09 18.77
C PRO C 124 -28.57 17.49 19.05
N MET C 125 -27.95 16.86 18.06
CA MET C 125 -26.63 16.27 18.26
C MET C 125 -25.57 17.30 18.67
N ILE C 126 -25.61 18.46 18.01
CA ILE C 126 -24.66 19.54 18.30
C ILE C 126 -24.90 20.07 19.71
N VAL C 127 -26.17 20.28 20.05
CA VAL C 127 -26.56 20.79 21.37
C VAL C 127 -26.14 19.80 22.48
N THR C 128 -26.31 18.50 22.22
CA THR C 128 -25.88 17.47 23.16
C THR C 128 -24.38 17.59 23.44
N ARG C 129 -23.58 17.75 22.41
CA ARG C 129 -22.14 17.99 22.57
C ARG C 129 -21.86 19.27 23.35
N LYS C 130 -22.56 20.34 23.01
CA LYS C 130 -22.30 21.65 23.65
C LYS C 130 -22.67 21.62 25.14
N LEU C 131 -23.83 21.05 25.46
CA LEU C 131 -24.26 20.89 26.86
C LEU C 131 -23.34 19.99 27.67
N HIS C 132 -22.75 19.00 27.03
CA HIS C 132 -21.76 18.12 27.69
C HIS C 132 -20.53 18.90 28.13
N SER C 133 -20.04 19.75 27.24
CA SER C 133 -18.89 20.62 27.55
C SER C 133 -19.23 21.52 28.72
N ILE C 134 -20.42 22.12 28.67
CA ILE C 134 -20.88 23.03 29.72
C ILE C 134 -20.92 22.30 31.07
N LYS C 135 -21.52 21.11 31.10
CA LYS C 135 -21.68 20.33 32.33
C LYS C 135 -20.32 19.85 32.87
N CYS C 136 -19.39 19.55 31.98
CA CYS C 136 -18.06 19.08 32.39
C CYS C 136 -17.18 20.21 32.92
N LYS C 137 -17.42 21.45 32.47
CA LYS C 137 -16.49 22.55 32.73
C LYS C 137 -17.08 23.71 33.53
N PRO C 138 -16.71 23.80 34.83
CA PRO C 138 -17.11 24.93 35.67
C PRO C 138 -16.90 26.34 35.06
N PRO C 139 -15.80 26.57 34.30
CA PRO C 139 -15.67 27.90 33.68
C PRO C 139 -16.81 28.25 32.72
N LEU C 140 -17.47 27.24 32.16
CA LEU C 140 -18.66 27.48 31.33
C LEU C 140 -19.96 27.53 32.13
N SER C 141 -20.15 26.56 33.04
CA SER C 141 -21.42 26.46 33.78
C SER C 141 -21.60 27.54 34.86
N SER C 142 -20.50 27.91 35.52
CA SER C 142 -20.55 28.88 36.63
C SER C 142 -21.13 30.26 36.26
N PRO C 143 -20.67 30.86 35.14
CA PRO C 143 -21.25 32.14 34.72
C PRO C 143 -22.74 32.07 34.41
N ILE C 144 -23.21 30.95 33.86
CA ILE C 144 -24.63 30.74 33.61
C ILE C 144 -25.40 30.62 34.92
N LEU C 145 -24.90 29.76 35.82
CA LEU C 145 -25.49 29.60 37.15
C LEU C 145 -25.53 30.89 37.95
N GLU C 146 -24.46 31.68 37.84
CA GLU C 146 -24.36 33.04 38.39
C GLU C 146 -25.62 33.89 38.18
N LEU C 147 -26.14 33.86 36.96
CA LEU C 147 -27.23 34.72 36.53
C LEU C 147 -28.59 34.05 36.60
N HIS C 148 -28.58 32.77 36.96
CA HIS C 148 -29.80 31.97 36.97
C HIS C 148 -30.61 32.13 38.26
N SER C 149 -31.89 31.77 38.19
CA SER C 149 -32.83 31.87 39.32
C SER C 149 -32.84 30.64 40.23
N GLU C 150 -32.14 29.59 39.83
CA GLU C 150 -32.04 28.35 40.62
C GLU C 150 -30.57 28.04 40.90
N ASP C 151 -30.30 27.14 41.84
CA ASP C 151 -28.91 26.75 42.15
C ASP C 151 -28.41 25.61 41.26
N THR C 152 -29.30 25.09 40.42
CA THR C 152 -28.99 23.99 39.53
C THR C 152 -29.35 24.36 38.08
N LEU C 153 -28.55 23.87 37.14
CA LEU C 153 -28.91 23.93 35.72
C LEU C 153 -29.59 22.64 35.32
N GLN C 154 -30.76 22.78 34.69
CA GLN C 154 -31.52 21.64 34.19
C GLN C 154 -31.28 21.48 32.69
N MET C 155 -30.42 20.52 32.36
CA MET C 155 -29.95 20.30 31.01
C MET C 155 -30.39 18.90 30.58
N ASP C 156 -31.71 18.73 30.49
CA ASP C 156 -32.31 17.44 30.19
C ASP C 156 -32.45 17.27 28.68
N GLY C 157 -31.72 16.30 28.15
CA GLY C 157 -31.75 15.98 26.73
C GLY C 157 -31.14 17.07 25.86
N HIS C 158 -31.97 17.69 25.04
CA HIS C 158 -31.49 18.62 24.02
C HIS C 158 -31.88 20.07 24.30
N ILE C 159 -32.13 20.40 25.56
CA ILE C 159 -32.44 21.78 25.94
C ILE C 159 -31.78 22.17 27.27
N LEU C 160 -31.02 23.26 27.24
CA LEU C 160 -30.62 23.94 28.47
C LEU C 160 -31.46 25.21 28.55
N ASP C 161 -32.22 25.36 29.63
CA ASP C 161 -32.91 26.61 29.87
C ASP C 161 -32.46 27.20 31.21
N SER C 162 -32.21 28.51 31.19
CA SER C 162 -31.83 29.27 32.38
C SER C 162 -32.35 30.68 32.19
N LYS C 163 -32.27 31.51 33.23
CA LYS C 163 -32.86 32.85 33.19
C LYS C 163 -32.33 33.69 32.03
N ARG C 164 -31.03 33.61 31.75
CA ARG C 164 -30.39 34.53 30.81
C ARG C 164 -29.82 33.85 29.55
N TYR C 165 -29.84 32.51 29.54
CA TYR C 165 -29.19 31.74 28.47
C TYR C 165 -29.94 30.45 28.21
N ALA C 166 -30.31 30.21 26.95
CA ALA C 166 -30.95 28.96 26.57
C ALA C 166 -30.27 28.36 25.32
N VAL C 167 -30.13 27.04 25.31
CA VAL C 167 -29.58 26.32 24.17
C VAL C 167 -30.62 25.27 23.76
N ILE C 168 -31.09 25.35 22.53
CA ILE C 168 -32.22 24.56 22.05
C ILE C 168 -31.84 23.70 20.84
N GLY C 169 -31.98 22.39 20.99
CA GLY C 169 -31.82 21.47 19.88
C GLY C 169 -33.10 21.49 19.05
N ALA C 170 -32.98 21.96 17.81
CA ALA C 170 -34.11 22.04 16.87
C ALA C 170 -33.59 22.18 15.45
N ASP C 171 -34.34 21.61 14.50
CA ASP C 171 -34.02 21.74 13.08
C ASP C 171 -34.62 23.05 12.55
N LEU C 172 -33.76 23.92 11.99
CA LEU C 172 -34.19 25.23 11.48
C LEU C 172 -35.15 25.10 10.29
N ARG C 173 -35.24 23.90 9.73
CA ARG C 173 -36.16 23.62 8.62
C ARG C 173 -37.57 23.25 9.11
N ASP C 174 -37.74 23.07 10.42
CA ASP C 174 -39.04 22.80 11.04
C ASP C 174 -39.45 23.98 11.90
N LEU C 175 -40.13 24.94 11.29
CA LEU C 175 -40.40 26.23 11.92
C LEU C 175 -41.43 26.17 13.06
N SER C 176 -42.41 25.27 12.96
CA SER C 176 -43.41 25.19 14.01
C SER C 176 -42.76 24.71 15.30
N GLU C 177 -41.88 23.71 15.17
CA GLU C 177 -41.10 23.17 16.28
C GLU C 177 -40.12 24.21 16.85
N LEU C 178 -39.46 24.95 15.98
CA LEU C 178 -38.53 26.00 16.37
C LEU C 178 -39.23 27.05 17.24
N GLU C 179 -40.35 27.59 16.76
CA GLU C 179 -41.12 28.59 17.49
C GLU C 179 -41.59 28.07 18.85
N GLU C 180 -42.13 26.86 18.84
CA GLU C 180 -42.65 26.21 20.04
C GLU C 180 -41.57 26.07 21.13
N LYS C 181 -40.42 25.55 20.74
CA LYS C 181 -39.29 25.35 21.66
C LYS C 181 -38.75 26.68 22.22
N LEU C 182 -38.64 27.69 21.37
CA LEU C 182 -38.18 29.02 21.79
C LEU C 182 -39.14 29.65 22.79
N LYS C 183 -40.44 29.56 22.48
CA LYS C 183 -41.47 30.10 23.37
C LYS C 183 -41.54 29.41 24.74
N LYS C 184 -41.32 28.09 24.75
CA LYS C 184 -41.15 27.35 26.00
C LYS C 184 -39.99 27.87 26.87
N CYS C 185 -38.94 28.37 26.21
CA CYS C 185 -37.79 28.96 26.91
C CYS C 185 -37.96 30.48 27.13
N ASN C 186 -39.22 30.91 27.16
CA ASN C 186 -39.62 32.29 27.40
C ASN C 186 -39.08 33.31 26.39
N MET C 187 -39.03 32.94 25.12
CA MET C 187 -38.75 33.93 24.08
C MET C 187 -39.96 34.83 23.93
N ASN C 188 -39.74 36.11 24.19
CA ASN C 188 -40.79 37.12 24.17
C ASN C 188 -40.74 37.90 22.86
N THR C 189 -41.80 37.78 22.05
CA THR C 189 -41.85 38.47 20.75
C THR C 189 -42.08 39.99 20.88
N GLN C 190 -42.26 40.47 22.11
CA GLN C 190 -42.46 41.90 22.36
C GLN C 190 -41.14 42.66 22.55
N LEU C 191 -40.04 41.94 22.77
CA LEU C 191 -38.73 42.58 22.90
C LEU C 191 -38.07 42.76 21.54
N PRO C 192 -37.28 43.85 21.36
CA PRO C 192 -36.46 43.95 20.14
C PRO C 192 -35.55 42.73 20.08
N THR C 193 -35.49 42.07 18.92
CA THR C 193 -34.76 40.80 18.84
C THR C 193 -33.78 40.76 17.67
N LEU C 194 -32.53 40.42 17.98
CA LEU C 194 -31.48 40.21 16.99
C LEU C 194 -31.30 38.73 16.70
N LEU C 195 -31.45 38.36 15.44
CA LEU C 195 -31.25 36.98 15.03
C LEU C 195 -30.00 36.90 14.18
N ILE C 196 -29.22 35.84 14.36
CA ILE C 196 -27.92 35.71 13.72
C ILE C 196 -27.83 34.37 13.01
N ALA C 197 -27.35 34.38 11.77
CA ALA C 197 -27.05 33.15 11.06
C ALA C 197 -25.66 33.27 10.48
N GLU C 198 -24.67 32.79 11.23
CA GLU C 198 -23.27 32.89 10.83
C GLU C 198 -22.83 31.59 10.15
N CYS C 199 -22.75 31.63 8.82
CA CYS C 199 -22.41 30.45 8.00
C CYS C 199 -23.39 29.30 8.22
N VAL C 200 -24.67 29.59 8.03
CA VAL C 200 -25.76 28.65 8.33
C VAL C 200 -26.74 28.52 7.15
N LEU C 201 -27.25 29.64 6.65
CA LEU C 201 -28.31 29.61 5.62
C LEU C 201 -27.90 28.85 4.37
N VAL C 202 -26.60 28.86 4.06
CA VAL C 202 -26.03 28.19 2.90
C VAL C 202 -26.21 26.65 2.97
N TYR C 203 -26.49 26.14 4.16
CA TYR C 203 -26.69 24.69 4.33
C TYR C 203 -28.14 24.21 4.18
N MET C 204 -29.06 25.12 3.93
CA MET C 204 -30.42 24.73 3.61
C MET C 204 -30.82 25.19 2.21
N THR C 205 -31.95 24.71 1.72
CA THR C 205 -32.41 25.09 0.38
C THR C 205 -32.82 26.57 0.41
N PRO C 206 -32.80 27.25 -0.75
CA PRO C 206 -33.25 28.64 -0.81
C PRO C 206 -34.66 28.85 -0.26
N GLU C 207 -35.55 27.87 -0.45
CA GLU C 207 -36.90 27.96 0.12
C GLU C 207 -36.89 27.87 1.65
N GLN C 208 -36.10 26.95 2.19
CA GLN C 208 -36.02 26.76 3.64
C GLN C 208 -35.44 28.00 4.33
N SER C 209 -34.41 28.61 3.75
CA SER C 209 -33.84 29.84 4.34
C SER C 209 -34.76 31.05 4.18
N ALA C 210 -35.41 31.15 3.02
CA ALA C 210 -36.41 32.20 2.80
C ALA C 210 -37.53 32.08 3.84
N ASN C 211 -37.99 30.86 4.08
CA ASN C 211 -39.04 30.61 5.07
C ASN C 211 -38.62 30.99 6.50
N LEU C 212 -37.36 30.71 6.82
CA LEU C 212 -36.81 31.08 8.12
C LEU C 212 -36.75 32.60 8.29
N LEU C 213 -36.31 33.29 7.24
CA LEU C 213 -36.24 34.74 7.26
C LEU C 213 -37.63 35.37 7.44
N LYS C 214 -38.60 34.80 6.73
CA LYS C 214 -39.99 35.27 6.76
C LYS C 214 -40.62 35.02 8.14
N TRP C 215 -40.35 33.84 8.72
CA TRP C 215 -40.84 33.51 10.05
C TRP C 215 -40.32 34.49 11.10
N ALA C 216 -39.01 34.77 11.04
CA ALA C 216 -38.39 35.74 11.94
C ALA C 216 -39.01 37.11 11.78
N ALA C 217 -39.17 37.56 10.52
CA ALA C 217 -39.80 38.85 10.24
C ALA C 217 -41.23 38.88 10.80
N ASN C 218 -42.01 37.83 10.54
CA ASN C 218 -43.41 37.74 11.00
C ASN C 218 -43.56 37.71 12.52
N SER C 219 -42.57 37.15 13.20
CA SER C 219 -42.65 36.95 14.64
C SER C 219 -42.38 38.19 15.47
N PHE C 220 -41.59 39.12 14.94
CA PHE C 220 -41.11 40.26 15.69
C PHE C 220 -41.41 41.59 15.01
N GLU C 221 -42.05 42.50 15.76
CA GLU C 221 -42.31 43.85 15.28
C GLU C 221 -41.05 44.69 15.19
N ARG C 222 -40.16 44.55 16.16
CA ARG C 222 -38.87 45.25 16.13
C ARG C 222 -37.74 44.22 16.12
N ALA C 223 -36.96 44.19 15.03
CA ALA C 223 -35.96 43.13 14.86
C ALA C 223 -34.80 43.49 13.92
N MET C 224 -33.74 42.70 14.04
CA MET C 224 -32.57 42.80 13.20
C MET C 224 -32.11 41.38 12.90
N PHE C 225 -31.64 41.15 11.69
CA PHE C 225 -31.11 39.85 11.32
C PHE C 225 -29.70 40.05 10.74
N ILE C 226 -28.76 39.21 11.17
CA ILE C 226 -27.41 39.21 10.62
C ILE C 226 -27.19 37.88 9.89
N ASN C 227 -26.69 37.98 8.67
CA ASN C 227 -26.30 36.83 7.87
C ASN C 227 -24.85 36.99 7.42
N TYR C 228 -24.01 35.99 7.71
CA TYR C 228 -22.65 35.92 7.16
C TYR C 228 -22.55 34.65 6.34
N GLU C 229 -22.10 34.77 5.09
CA GLU C 229 -21.83 33.57 4.27
C GLU C 229 -21.16 33.90 2.96
N GLN C 230 -21.10 32.92 2.06
CA GLN C 230 -20.42 33.09 0.78
C GLN C 230 -21.16 34.09 -0.10
N VAL C 231 -20.44 34.62 -1.09
CA VAL C 231 -20.98 35.57 -2.06
C VAL C 231 -20.13 35.52 -3.33
N ASN C 232 -20.69 36.01 -4.45
CA ASN C 232 -19.98 36.04 -5.73
C ASN C 232 -19.57 34.65 -6.20
N MET C 233 -20.39 33.66 -5.86
CA MET C 233 -20.02 32.26 -6.03
C MET C 233 -20.13 31.76 -7.47
N GLY C 234 -20.65 32.60 -8.36
CA GLY C 234 -20.81 32.24 -9.77
C GLY C 234 -19.59 32.51 -10.62
N ASP C 235 -18.68 33.34 -10.12
CA ASP C 235 -17.48 33.68 -10.91
C ASP C 235 -16.42 32.57 -10.88
N ARG C 236 -15.30 32.81 -11.56
CA ARG C 236 -14.24 31.82 -11.72
C ARG C 236 -13.76 31.26 -10.37
N PHE C 237 -13.41 32.15 -9.44
CA PHE C 237 -12.92 31.74 -8.12
C PHE C 237 -13.99 31.04 -7.27
N GLY C 238 -15.24 31.51 -7.39
CA GLY C 238 -16.35 30.91 -6.67
C GLY C 238 -16.62 29.46 -7.08
N GLN C 239 -16.51 29.19 -8.38
CA GLN C 239 -16.69 27.84 -8.89
C GLN C 239 -15.57 26.91 -8.41
N ILE C 240 -14.36 27.42 -8.32
CA ILE C 240 -13.24 26.70 -7.71
C ILE C 240 -13.54 26.36 -6.24
N MET C 241 -14.02 27.35 -5.48
CA MET C 241 -14.44 27.14 -4.09
C MET C 241 -15.47 26.02 -3.95
N ILE C 242 -16.51 26.06 -4.79
CA ILE C 242 -17.56 25.03 -4.79
C ILE C 242 -16.95 23.68 -5.18
N GLU C 243 -16.01 23.69 -6.13
CA GLU C 243 -15.30 22.47 -6.52
C GLU C 243 -14.51 21.84 -5.38
N ASN C 244 -13.74 22.67 -4.66
CA ASN C 244 -12.97 22.21 -3.49
C ASN C 244 -13.85 21.67 -2.36
N LEU C 245 -15.07 22.18 -2.24
CA LEU C 245 -16.02 21.68 -1.25
C LEU C 245 -16.66 20.36 -1.69
N ARG C 246 -16.78 20.15 -3.00
CA ARG C 246 -17.28 18.89 -3.56
C ARG C 246 -16.31 17.73 -3.31
N ARG C 247 -15.02 18.01 -3.39
CA ARG C 247 -13.95 17.03 -3.13
C ARG C 247 -13.90 16.63 -1.67
N ARG C 248 -14.35 17.53 -0.79
CA ARG C 248 -14.47 17.27 0.64
C ARG C 248 -15.85 16.72 0.99
N GLN C 249 -16.67 16.52 -0.05
CA GLN C 249 -18.04 15.98 0.07
C GLN C 249 -19.04 16.91 0.77
N CYS C 250 -18.72 18.21 0.79
CA CYS C 250 -19.63 19.21 1.37
C CYS C 250 -20.41 19.92 0.28
N ASP C 251 -21.74 19.83 0.37
CA ASP C 251 -22.68 20.41 -0.60
C ASP C 251 -23.33 21.64 0.00
N LEU C 252 -23.38 22.73 -0.77
CA LEU C 252 -24.05 23.95 -0.34
C LEU C 252 -25.44 24.08 -0.94
N ALA C 253 -26.44 23.60 -0.20
CA ALA C 253 -27.83 23.61 -0.66
C ALA C 253 -28.36 25.00 -1.03
N GLY C 254 -27.88 26.04 -0.35
CA GLY C 254 -28.35 27.41 -0.58
C GLY C 254 -27.45 28.29 -1.42
N VAL C 255 -26.53 27.69 -2.16
CA VAL C 255 -25.52 28.45 -2.93
C VAL C 255 -26.08 29.48 -3.94
N GLU C 256 -27.29 29.24 -4.47
CA GLU C 256 -27.84 30.16 -5.46
C GLU C 256 -28.09 31.56 -4.89
N THR C 257 -28.39 31.66 -3.60
CA THR C 257 -28.55 32.98 -2.98
C THR C 257 -27.20 33.70 -2.79
N CYS C 258 -26.10 32.95 -2.90
CA CYS C 258 -24.76 33.50 -2.74
C CYS C 258 -24.22 34.03 -4.08
N LYS C 259 -25.13 34.28 -5.03
CA LYS C 259 -24.74 34.83 -6.33
C LYS C 259 -24.02 36.17 -6.20
N SER C 260 -24.58 37.07 -5.39
CA SER C 260 -24.08 38.43 -5.32
C SER C 260 -24.58 39.09 -4.05
N LEU C 261 -24.03 40.26 -3.74
CA LEU C 261 -24.53 41.05 -2.63
C LEU C 261 -25.98 41.44 -2.91
N GLU C 262 -26.30 41.61 -4.20
CA GLU C 262 -27.69 41.88 -4.59
C GLU C 262 -28.68 40.75 -4.24
N SER C 263 -28.30 39.51 -4.54
CA SER C 263 -29.16 38.36 -4.23
C SER C 263 -29.31 38.16 -2.71
N GLN C 264 -28.23 38.43 -1.98
CA GLN C 264 -28.26 38.41 -0.51
C GLN C 264 -29.22 39.46 0.06
N LYS C 265 -29.15 40.69 -0.44
CA LYS C 265 -30.06 41.75 0.03
C LYS C 265 -31.51 41.44 -0.36
N GLU C 266 -31.70 40.93 -1.57
CA GLU C 266 -33.05 40.66 -2.10
C GLU C 266 -33.78 39.59 -1.28
N ARG C 267 -33.04 38.59 -0.81
CA ARG C 267 -33.61 37.53 0.04
C ARG C 267 -34.22 38.12 1.31
N LEU C 268 -33.55 39.12 1.88
CA LEU C 268 -34.01 39.78 3.09
C LEU C 268 -35.24 40.63 2.83
N LEU C 269 -35.15 41.52 1.84
CA LEU C 269 -36.26 42.42 1.50
C LEU C 269 -37.52 41.69 1.02
N SER C 270 -37.35 40.60 0.30
CA SER C 270 -38.51 39.86 -0.21
C SER C 270 -39.18 39.00 0.87
N ASN C 271 -38.55 38.87 2.02
CA ASN C 271 -39.08 38.01 3.08
C ASN C 271 -39.41 38.75 4.37
N GLY C 272 -39.91 39.98 4.21
CA GLY C 272 -40.52 40.72 5.31
C GLY C 272 -39.64 41.75 6.01
N TRP C 273 -38.39 41.89 5.57
CA TRP C 273 -37.48 42.84 6.19
C TRP C 273 -37.56 44.22 5.53
N GLU C 274 -37.42 45.28 6.31
CA GLU C 274 -37.65 46.64 5.83
C GLU C 274 -36.39 47.31 5.30
N THR C 275 -35.24 46.95 5.86
CA THR C 275 -33.95 47.42 5.36
C THR C 275 -33.04 46.21 5.10
N ALA C 276 -32.10 46.35 4.18
CA ALA C 276 -31.09 45.34 3.91
C ALA C 276 -29.79 45.99 3.47
N SER C 277 -28.72 45.69 4.21
CA SER C 277 -27.38 46.16 3.91
C SER C 277 -26.47 44.96 3.75
N ALA C 278 -25.45 45.10 2.90
CA ALA C 278 -24.49 44.04 2.70
C ALA C 278 -23.17 44.60 2.24
N VAL C 279 -22.11 43.97 2.70
CA VAL C 279 -20.75 44.34 2.34
C VAL C 279 -19.99 43.05 2.12
N ASP C 280 -19.07 43.04 1.15
CA ASP C 280 -18.18 41.90 1.07
C ASP C 280 -17.06 42.07 2.10
N MET C 281 -16.39 40.97 2.41
CA MET C 281 -15.44 40.99 3.52
C MET C 281 -14.14 41.72 3.22
N MET C 282 -13.82 41.92 1.93
CA MET C 282 -12.64 42.71 1.58
C MET C 282 -12.89 44.17 1.91
N GLU C 283 -14.07 44.69 1.58
CA GLU C 283 -14.38 46.07 1.92
C GLU C 283 -14.44 46.25 3.43
N LEU C 284 -15.02 45.29 4.13
CA LEU C 284 -15.02 45.36 5.59
C LEU C 284 -13.57 45.43 6.15
N TYR C 285 -12.73 44.53 5.66
CA TYR C 285 -11.32 44.46 6.05
C TYR C 285 -10.61 45.79 5.79
N ASN C 286 -10.82 46.35 4.61
CA ASN C 286 -10.23 47.64 4.23
C ASN C 286 -10.70 48.81 5.11
N ARG C 287 -11.83 48.63 5.78
CA ARG C 287 -12.42 49.66 6.63
C ARG C 287 -12.19 49.42 8.13
N LEU C 288 -11.43 48.37 8.46
CA LEU C 288 -11.06 48.09 9.85
C LEU C 288 -10.26 49.26 10.44
N PRO C 289 -10.43 49.53 11.76
CA PRO C 289 -9.58 50.53 12.41
C PRO C 289 -8.11 50.20 12.16
N ARG C 290 -7.32 51.22 11.81
CA ARG C 290 -5.90 51.06 11.48
C ARG C 290 -5.12 50.28 12.54
N ALA C 291 -5.47 50.48 13.81
CA ALA C 291 -4.82 49.79 14.93
C ALA C 291 -5.07 48.28 14.94
N GLU C 292 -6.25 47.86 14.49
CA GLU C 292 -6.57 46.43 14.44
C GLU C 292 -5.88 45.73 13.28
N VAL C 293 -5.86 46.40 12.13
CA VAL C 293 -5.15 45.88 10.94
C VAL C 293 -3.67 45.67 11.27
N SER C 294 -3.04 46.67 11.87
CA SER C 294 -1.61 46.57 12.20
C SER C 294 -1.35 45.46 13.23
N ARG C 295 -2.23 45.35 14.23
CA ARG C 295 -2.12 44.26 15.22
C ARG C 295 -2.20 42.91 14.51
N ILE C 296 -3.22 42.74 13.66
CA ILE C 296 -3.46 41.50 12.91
C ILE C 296 -2.29 41.11 11.99
N GLU C 297 -1.75 42.09 11.28
CA GLU C 297 -0.68 41.85 10.29
C GLU C 297 0.66 41.52 10.97
N SER C 298 0.78 41.87 12.24
CA SER C 298 1.95 41.52 13.04
C SER C 298 1.92 40.09 13.57
N LEU C 299 0.79 39.39 13.40
CA LEU C 299 0.69 37.99 13.82
C LEU C 299 1.29 37.05 12.81
N GLU C 300 0.96 37.27 11.53
CA GLU C 300 1.43 36.44 10.43
C GLU C 300 1.72 37.34 9.24
N PHE C 301 2.83 37.09 8.56
CA PHE C 301 3.23 37.94 7.45
C PHE C 301 2.65 37.46 6.12
N LEU C 302 2.11 38.41 5.38
CA LEU C 302 1.60 38.13 4.05
C LEU C 302 2.14 39.18 3.09
N ASP C 303 2.86 38.72 2.08
CA ASP C 303 3.51 39.56 1.07
C ASP C 303 2.58 39.77 -0.14
N GLU C 304 2.16 38.67 -0.73
CA GLU C 304 1.28 38.69 -1.89
C GLU C 304 -0.17 38.66 -1.43
N MET C 305 -0.94 39.64 -1.89
CA MET C 305 -2.31 39.85 -1.40
C MET C 305 -3.40 39.24 -2.28
N GLU C 306 -3.03 38.53 -3.35
CA GLU C 306 -4.05 38.04 -4.29
C GLU C 306 -5.01 37.01 -3.71
N LEU C 307 -4.48 36.03 -2.98
CA LEU C 307 -5.34 35.02 -2.37
C LEU C 307 -6.28 35.67 -1.35
N LEU C 308 -5.72 36.53 -0.50
CA LEU C 308 -6.52 37.25 0.51
C LEU C 308 -7.69 38.00 -0.14
N GLU C 309 -7.39 38.75 -1.19
CA GLU C 309 -8.40 39.54 -1.87
C GLU C 309 -9.50 38.64 -2.44
N GLN C 310 -9.11 37.53 -3.07
CA GLN C 310 -10.09 36.60 -3.64
C GLN C 310 -11.01 35.99 -2.59
N LEU C 311 -10.40 35.54 -1.48
CA LEU C 311 -11.15 34.93 -0.39
C LEU C 311 -12.12 35.91 0.26
N MET C 312 -11.64 37.12 0.54
CA MET C 312 -12.46 38.15 1.20
C MET C 312 -13.59 38.65 0.29
N ARG C 313 -13.34 38.70 -1.02
CA ARG C 313 -14.39 39.07 -1.97
C ARG C 313 -15.47 37.99 -2.15
N HIS C 314 -15.25 36.82 -1.57
CA HIS C 314 -16.22 35.73 -1.69
C HIS C 314 -16.96 35.39 -0.38
N TYR C 315 -16.89 36.30 0.58
CA TYR C 315 -17.72 36.24 1.77
C TYR C 315 -18.37 37.58 1.99
N CYS C 316 -19.53 37.59 2.64
CA CYS C 316 -20.26 38.82 2.87
C CYS C 316 -20.84 38.84 4.26
N LEU C 317 -21.06 40.05 4.74
CA LEU C 317 -21.80 40.30 5.96
C LEU C 317 -23.03 41.13 5.59
N CYS C 318 -24.20 40.57 5.89
CA CYS C 318 -25.48 41.20 5.56
C CYS C 318 -26.26 41.43 6.82
N TRP C 319 -27.05 42.50 6.83
CA TRP C 319 -27.94 42.77 7.95
C TRP C 319 -29.19 43.50 7.54
N ALA C 320 -30.29 43.09 8.18
CA ALA C 320 -31.61 43.60 7.87
C ALA C 320 -32.27 44.06 9.16
N THR C 321 -33.17 45.04 9.05
CA THR C 321 -33.93 45.51 10.21
C THR C 321 -35.42 45.66 9.87
N LYS C 322 -36.25 45.77 10.91
CA LYS C 322 -37.67 46.08 10.75
C LYS C 322 -38.19 46.70 12.04
N GLY C 323 -39.15 47.62 11.89
CA GLY C 323 -39.75 48.36 13.01
C GLY C 323 -38.79 49.14 13.89
N GLY C 324 -37.62 49.48 13.35
CA GLY C 324 -36.52 49.94 14.19
C GLY C 324 -36.29 51.44 14.35
N ASN C 325 -37.16 52.25 13.76
CA ASN C 325 -36.90 53.70 13.68
C ASN C 325 -36.80 54.45 15.00
N GLU C 326 -37.67 54.13 15.96
CA GLU C 326 -37.59 54.69 17.32
C GLU C 326 -36.26 54.37 17.98
N LEU C 327 -35.74 53.17 17.69
CA LEU C 327 -34.47 52.72 18.25
C LEU C 327 -33.26 53.15 17.42
N GLY C 328 -33.49 53.54 16.17
CA GLY C 328 -32.41 53.91 15.24
C GLY C 328 -31.65 52.70 14.70
N LEU C 329 -32.36 51.58 14.54
CA LEU C 329 -31.74 50.33 14.07
C LEU C 329 -31.20 50.43 12.64
N LYS C 330 -31.89 51.17 11.78
CA LYS C 330 -31.45 51.33 10.40
C LYS C 330 -30.12 52.10 10.26
N GLU C 331 -29.70 52.77 11.35
CA GLU C 331 -28.43 53.48 11.39
C GLU C 331 -27.24 52.61 11.80
N ILE C 332 -27.52 51.39 12.29
CA ILE C 332 -26.47 50.44 12.66
C ILE C 332 -25.60 50.09 11.46
N THR C 333 -24.29 50.07 11.68
CA THR C 333 -23.35 49.57 10.67
C THR C 333 -22.19 48.83 11.34
N TYR C 334 -21.29 48.28 10.54
CA TYR C 334 -20.23 47.43 11.07
C TYR C 334 -19.03 48.25 11.49
N GLY D 25 -34.97 9.72 33.50
CA GLY D 25 -34.51 9.13 34.80
C GLY D 25 -33.31 8.24 34.59
N VAL D 26 -33.48 7.22 33.74
CA VAL D 26 -32.42 6.29 33.39
C VAL D 26 -31.26 6.97 32.65
N ARG D 27 -31.56 7.97 31.83
CA ARG D 27 -30.50 8.70 31.12
C ARG D 27 -29.84 9.80 31.95
N GLY D 28 -30.09 9.78 33.27
CA GLY D 28 -29.32 10.56 34.24
C GLY D 28 -28.36 9.67 35.04
N THR D 29 -28.51 8.35 34.89
CA THR D 29 -27.67 7.40 35.62
C THR D 29 -26.21 7.40 35.17
N CYS D 30 -25.98 7.67 33.89
CA CYS D 30 -24.60 7.75 33.37
C CYS D 30 -23.83 8.85 34.11
N GLU D 31 -24.44 10.03 34.19
CA GLU D 31 -23.81 11.17 34.85
C GLU D 31 -23.50 10.85 36.32
N ASP D 32 -24.48 10.26 37.00
CA ASP D 32 -24.34 9.90 38.40
C ASP D 32 -23.19 8.92 38.67
N ALA D 33 -23.13 7.84 37.90
CA ALA D 33 -22.03 6.86 38.00
C ALA D 33 -20.68 7.52 37.76
N SER D 34 -20.59 8.36 36.73
CA SER D 34 -19.36 9.06 36.38
C SER D 34 -18.90 9.99 37.50
N LEU D 35 -19.84 10.76 38.02
CA LEU D 35 -19.55 11.72 39.09
C LEU D 35 -19.01 10.99 40.32
N CYS D 36 -19.70 9.92 40.71
CA CYS D 36 -19.32 9.16 41.90
C CYS D 36 -17.96 8.51 41.75
N LYS D 37 -17.70 7.94 40.57
CA LYS D 37 -16.41 7.31 40.33
C LYS D 37 -15.27 8.34 40.32
N ARG D 38 -15.48 9.49 39.68
CA ARG D 38 -14.40 10.47 39.68
C ARG D 38 -14.13 10.97 41.10
N PHE D 39 -15.20 11.18 41.86
CA PHE D 39 -15.07 11.64 43.23
C PHE D 39 -14.27 10.64 44.09
N ALA D 40 -14.60 9.35 43.97
CA ALA D 40 -13.86 8.31 44.70
C ALA D 40 -12.39 8.24 44.29
N VAL D 41 -12.14 8.31 42.99
CA VAL D 41 -10.78 8.38 42.44
C VAL D 41 -10.02 9.58 43.04
N SER D 42 -10.69 10.73 43.12
CA SER D 42 -10.05 11.94 43.64
C SER D 42 -9.57 11.80 45.10
N ILE D 43 -10.31 11.04 45.90
CA ILE D 43 -9.92 10.73 47.30
C ILE D 43 -8.78 9.71 47.38
N GLY D 44 -8.67 8.87 46.35
CA GLY D 44 -7.55 7.94 46.23
C GLY D 44 -7.94 6.47 46.31
N TYR D 45 -9.23 6.19 46.12
CA TYR D 45 -9.72 4.81 46.21
C TYR D 45 -9.11 3.90 45.15
N TRP D 46 -9.03 4.39 43.91
CA TRP D 46 -8.27 3.72 42.85
C TRP D 46 -7.71 4.74 41.87
N HIS D 47 -6.79 4.29 41.01
CA HIS D 47 -6.13 5.15 40.03
C HIS D 47 -6.89 5.18 38.72
N ASP D 48 -7.20 6.40 38.27
CA ASP D 48 -7.81 6.59 36.96
C ASP D 48 -7.53 8.01 36.44
N PRO D 49 -6.47 8.16 35.62
CA PRO D 49 -6.16 9.49 35.09
C PRO D 49 -7.06 9.92 33.93
N TYR D 50 -8.00 9.07 33.53
CA TYR D 50 -8.82 9.33 32.34
C TYR D 50 -10.20 9.88 32.63
N ILE D 51 -10.74 9.52 33.78
CA ILE D 51 -12.14 9.84 34.11
C ILE D 51 -12.40 11.36 34.16
N GLN D 52 -11.37 12.14 34.47
CA GLN D 52 -11.44 13.61 34.51
C GLN D 52 -11.92 14.23 33.19
N HIS D 53 -11.68 13.53 32.08
CA HIS D 53 -12.00 14.06 30.77
C HIS D 53 -13.47 13.85 30.40
N PHE D 54 -14.19 13.10 31.23
CA PHE D 54 -15.59 12.76 30.95
C PHE D 54 -16.62 13.41 31.87
N VAL D 55 -16.18 13.95 33.00
CA VAL D 55 -17.12 14.41 34.04
C VAL D 55 -16.42 15.41 34.96
N ARG D 56 -17.20 16.31 35.56
CA ARG D 56 -16.67 17.29 36.51
C ARG D 56 -16.30 16.60 37.82
N LEU D 57 -15.51 17.29 38.65
CA LEU D 57 -15.23 16.79 40.01
C LEU D 57 -16.23 17.36 41.00
N SER D 58 -17.07 16.49 41.55
CA SER D 58 -18.02 16.84 42.59
C SER D 58 -17.29 17.42 43.82
N LYS D 59 -17.97 18.35 44.52
CA LYS D 59 -17.36 19.06 45.63
C LYS D 59 -17.95 18.72 47.01
N GLU D 60 -19.00 17.89 47.04
CA GLU D 60 -19.65 17.53 48.31
C GLU D 60 -19.10 16.24 48.93
N ARG D 61 -18.81 16.29 50.23
CA ARG D 61 -18.50 15.08 50.98
C ARG D 61 -19.73 14.19 50.97
N LYS D 62 -19.53 12.88 51.08
CA LYS D 62 -20.64 11.94 51.10
C LYS D 62 -20.32 10.79 52.05
N ALA D 63 -21.33 9.98 52.34
CA ALA D 63 -21.14 8.80 53.17
C ALA D 63 -19.93 8.02 52.68
N PRO D 64 -18.91 7.81 53.55
CA PRO D 64 -17.76 7.00 53.18
C PRO D 64 -18.17 5.59 52.70
N GLU D 65 -19.31 5.10 53.20
CA GLU D 65 -19.88 3.80 52.81
C GLU D 65 -20.13 3.73 51.30
N ILE D 66 -20.56 4.85 50.73
CA ILE D 66 -20.81 4.93 49.29
C ILE D 66 -19.50 4.77 48.53
N ASN D 67 -18.46 5.47 48.96
CA ASN D 67 -17.16 5.42 48.28
C ASN D 67 -16.50 4.05 48.38
N ARG D 68 -16.58 3.44 49.57
CA ARG D 68 -16.09 2.09 49.76
C ARG D 68 -16.85 1.11 48.88
N GLY D 69 -18.17 1.34 48.75
CA GLY D 69 -19.02 0.56 47.86
C GLY D 69 -18.58 0.64 46.41
N TYR D 70 -18.34 1.87 45.93
CA TYR D 70 -17.78 2.06 44.59
C TYR D 70 -16.42 1.36 44.40
N PHE D 71 -15.56 1.45 45.41
CA PHE D 71 -14.30 0.73 45.33
C PHE D 71 -14.46 -0.79 45.19
N ALA D 72 -15.28 -1.40 46.05
CA ALA D 72 -15.48 -2.87 46.00
C ALA D 72 -16.02 -3.30 44.63
N ARG D 73 -16.98 -2.52 44.12
CA ARG D 73 -17.60 -2.74 42.81
C ARG D 73 -16.55 -2.74 41.70
N VAL D 74 -15.75 -1.68 41.65
CA VAL D 74 -14.74 -1.54 40.59
C VAL D 74 -13.63 -2.59 40.74
N HIS D 75 -13.25 -2.90 41.97
CA HIS D 75 -12.25 -3.93 42.22
C HIS D 75 -12.74 -5.32 41.76
N GLY D 76 -13.95 -5.68 42.18
CA GLY D 76 -14.53 -6.99 41.86
C GLY D 76 -14.72 -7.20 40.37
N VAL D 77 -15.36 -6.24 39.71
CA VAL D 77 -15.49 -6.26 38.24
C VAL D 77 -14.12 -6.37 37.54
N SER D 78 -13.15 -5.56 37.97
CA SER D 78 -11.80 -5.58 37.39
C SER D 78 -11.11 -6.95 37.54
N GLN D 79 -11.25 -7.56 38.72
CA GLN D 79 -10.67 -8.88 38.98
C GLN D 79 -11.22 -9.95 38.03
N LEU D 80 -12.53 -9.93 37.82
CA LEU D 80 -13.17 -10.86 36.90
C LEU D 80 -12.75 -10.61 35.44
N ILE D 81 -12.66 -9.35 35.05
CA ILE D 81 -12.18 -9.01 33.70
C ILE D 81 -10.77 -9.55 33.48
N LYS D 82 -9.87 -9.25 34.43
CA LYS D 82 -8.48 -9.67 34.34
C LYS D 82 -8.28 -11.18 34.31
N ALA D 83 -9.10 -11.90 35.08
CA ALA D 83 -9.08 -13.36 35.06
C ALA D 83 -9.49 -13.91 33.70
N PHE D 84 -10.53 -13.33 33.10
CA PHE D 84 -10.97 -13.71 31.75
C PHE D 84 -9.85 -13.48 30.74
N LEU D 85 -9.21 -12.31 30.82
CA LEU D 85 -8.14 -11.93 29.92
C LEU D 85 -6.94 -12.87 30.05
N ARG D 86 -6.67 -13.31 31.27
CA ARG D 86 -5.62 -14.31 31.52
C ARG D 86 -5.95 -15.67 30.90
N LYS D 87 -7.17 -16.17 31.14
CA LYS D 87 -7.62 -17.45 30.60
C LYS D 87 -7.54 -17.46 29.08
N THR D 88 -7.92 -16.33 28.47
CA THR D 88 -7.98 -16.23 27.01
C THR D 88 -6.68 -15.73 26.38
N GLU D 89 -5.67 -15.44 27.20
CA GLU D 89 -4.43 -14.77 26.76
C GLU D 89 -4.71 -13.57 25.84
N CYS D 90 -5.73 -12.79 26.21
CA CYS D 90 -6.15 -11.59 25.48
C CYS D 90 -6.64 -11.80 24.05
N HIS D 91 -6.76 -13.05 23.63
CA HIS D 91 -7.34 -13.41 22.34
C HIS D 91 -8.84 -13.60 22.54
N CYS D 92 -9.59 -12.49 22.47
CA CYS D 92 -10.96 -12.43 22.95
C CYS D 92 -11.57 -11.05 22.67
N GLN D 93 -12.87 -10.93 22.92
CA GLN D 93 -13.56 -9.64 22.91
C GLN D 93 -14.16 -9.30 24.27
N ILE D 94 -14.23 -7.99 24.55
CA ILE D 94 -15.01 -7.46 25.68
C ILE D 94 -16.12 -6.56 25.12
N VAL D 95 -17.33 -6.76 25.63
CA VAL D 95 -18.46 -5.93 25.27
C VAL D 95 -19.07 -5.39 26.56
N ASN D 96 -18.89 -4.10 26.77
CA ASN D 96 -19.43 -3.46 27.95
C ASN D 96 -20.77 -2.82 27.59
N LEU D 97 -21.86 -3.43 28.10
CA LEU D 97 -23.22 -3.01 27.79
C LEU D 97 -23.70 -1.97 28.79
N GLY D 98 -24.17 -0.82 28.31
CA GLY D 98 -24.49 0.33 29.19
C GLY D 98 -23.21 0.88 29.83
N ALA D 99 -22.18 1.04 29.01
CA ALA D 99 -20.83 1.38 29.47
C ALA D 99 -20.68 2.77 30.09
N GLY D 100 -21.59 3.68 29.73
CA GLY D 100 -21.51 5.07 30.21
C GLY D 100 -20.15 5.66 29.89
N MET D 101 -19.60 6.41 30.85
CA MET D 101 -18.29 7.02 30.69
C MET D 101 -17.15 6.16 31.21
N ASP D 102 -17.32 4.84 31.17
CA ASP D 102 -16.32 3.90 31.64
C ASP D 102 -14.96 4.07 30.92
N THR D 103 -13.88 3.95 31.68
CA THR D 103 -12.54 4.22 31.16
C THR D 103 -11.68 2.96 31.10
N THR D 104 -12.34 1.81 31.22
CA THR D 104 -11.65 0.52 31.38
C THR D 104 -10.72 0.21 30.19
N PHE D 105 -11.10 0.62 28.99
CA PHE D 105 -10.24 0.42 27.83
C PHE D 105 -8.84 1.02 28.02
N TRP D 106 -8.79 2.29 28.42
CA TRP D 106 -7.54 3.01 28.65
C TRP D 106 -6.74 2.43 29.81
N ARG D 107 -7.42 2.12 30.91
CA ARG D 107 -6.79 1.56 32.11
C ARG D 107 -6.17 0.19 31.87
N LEU D 108 -6.86 -0.66 31.10
CA LEU D 108 -6.33 -1.97 30.71
C LEU D 108 -5.12 -1.83 29.79
N LYS D 109 -5.20 -0.89 28.85
CA LYS D 109 -4.08 -0.62 27.93
C LYS D 109 -2.83 -0.21 28.72
N ASP D 110 -3.02 0.57 29.78
CA ASP D 110 -1.92 1.02 30.63
C ASP D 110 -1.28 -0.10 31.41
N GLU D 111 -2.03 -1.16 31.67
CA GLU D 111 -1.51 -2.35 32.34
C GLU D 111 -1.09 -3.44 31.34
N ASP D 112 -0.90 -3.06 30.08
CA ASP D 112 -0.52 -3.97 28.99
C ASP D 112 -1.52 -5.13 28.80
N LEU D 113 -2.79 -4.81 28.96
CA LEU D 113 -3.86 -5.77 28.77
C LEU D 113 -4.78 -5.17 27.72
N LEU D 114 -4.80 -5.81 26.57
CA LEU D 114 -5.57 -5.32 25.46
C LEU D 114 -6.24 -6.55 24.88
N SER D 115 -7.56 -6.57 24.89
CA SER D 115 -8.31 -7.61 24.19
C SER D 115 -8.17 -7.38 22.68
N SER D 116 -8.62 -8.35 21.88
CA SER D 116 -8.58 -8.25 20.43
C SER D 116 -9.36 -7.02 19.96
N LYS D 117 -10.57 -6.87 20.50
CA LYS D 117 -11.37 -5.67 20.31
C LYS D 117 -12.25 -5.43 21.51
N TYR D 118 -12.36 -4.18 21.89
CA TYR D 118 -13.14 -3.72 23.03
C TYR D 118 -14.35 -2.93 22.51
N PHE D 119 -15.57 -3.34 22.89
CA PHE D 119 -16.79 -2.69 22.43
C PHE D 119 -17.54 -2.09 23.59
N GLU D 120 -18.05 -0.88 23.41
CA GLU D 120 -18.99 -0.26 24.35
C GLU D 120 -20.33 0.03 23.69
N VAL D 121 -21.40 -0.14 24.44
CA VAL D 121 -22.74 0.19 23.99
C VAL D 121 -23.44 1.07 25.04
N ASP D 122 -24.10 2.14 24.57
CA ASP D 122 -24.98 2.93 25.42
C ASP D 122 -25.98 3.67 24.54
N PHE D 123 -26.91 4.40 25.14
CA PHE D 123 -27.88 5.17 24.36
C PHE D 123 -27.14 6.13 23.43
N PRO D 124 -27.73 6.40 22.25
CA PRO D 124 -27.12 7.35 21.32
C PRO D 124 -26.70 8.67 21.97
N MET D 125 -27.53 9.20 22.86
CA MET D 125 -27.24 10.48 23.53
C MET D 125 -25.97 10.42 24.41
N ILE D 126 -25.81 9.30 25.08
CA ILE D 126 -24.64 9.07 25.93
C ILE D 126 -23.38 8.90 25.08
N VAL D 127 -23.48 8.12 24.01
CA VAL D 127 -22.37 7.91 23.08
C VAL D 127 -21.95 9.25 22.43
N THR D 128 -22.92 10.10 22.11
CA THR D 128 -22.62 11.43 21.55
C THR D 128 -21.70 12.21 22.50
N ARG D 129 -22.06 12.24 23.78
CA ARG D 129 -21.26 12.88 24.82
C ARG D 129 -19.85 12.28 24.92
N LYS D 130 -19.78 10.94 24.99
CA LYS D 130 -18.49 10.25 25.14
C LYS D 130 -17.56 10.50 23.95
N LEU D 131 -18.12 10.44 22.74
CA LEU D 131 -17.35 10.72 21.53
C LEU D 131 -16.89 12.17 21.46
N HIS D 132 -17.68 13.08 22.02
CA HIS D 132 -17.30 14.49 22.06
C HIS D 132 -16.08 14.67 22.96
N SER D 133 -16.09 14.04 24.13
CA SER D 133 -14.94 14.04 25.03
C SER D 133 -13.67 13.50 24.37
N ILE D 134 -13.82 12.36 23.68
CA ILE D 134 -12.69 11.70 23.02
C ILE D 134 -12.09 12.62 21.95
N LYS D 135 -12.96 13.17 21.10
CA LYS D 135 -12.54 14.08 20.05
C LYS D 135 -11.87 15.37 20.55
N CYS D 136 -12.35 15.90 21.68
CA CYS D 136 -11.78 17.14 22.24
C CYS D 136 -10.46 16.94 22.96
N LYS D 137 -10.19 15.72 23.41
CA LYS D 137 -9.09 15.48 24.33
C LYS D 137 -8.07 14.45 23.81
N PRO D 138 -6.93 14.93 23.28
CA PRO D 138 -5.85 14.05 22.82
C PRO D 138 -5.45 12.93 23.78
N PRO D 139 -5.44 13.19 25.11
CA PRO D 139 -5.14 12.08 26.02
C PRO D 139 -6.07 10.86 25.88
N LEU D 140 -7.30 11.07 25.38
CA LEU D 140 -8.24 9.97 25.12
C LEU D 140 -8.13 9.41 23.71
N SER D 141 -8.09 10.31 22.72
CA SER D 141 -8.06 9.93 21.32
C SER D 141 -6.73 9.30 20.91
N SER D 142 -5.63 9.79 21.47
CA SER D 142 -4.30 9.34 21.03
C SER D 142 -3.99 7.87 21.31
N PRO D 143 -4.35 7.35 22.50
CA PRO D 143 -4.10 5.92 22.69
C PRO D 143 -4.91 5.02 21.75
N ILE D 144 -6.12 5.43 21.39
CA ILE D 144 -6.94 4.71 20.42
C ILE D 144 -6.30 4.74 19.02
N LEU D 145 -5.85 5.93 18.61
CA LEU D 145 -5.22 6.11 17.29
C LEU D 145 -3.93 5.31 17.14
N GLU D 146 -3.16 5.25 18.23
CA GLU D 146 -1.97 4.40 18.33
C GLU D 146 -2.21 2.97 17.85
N LEU D 147 -3.40 2.45 18.11
CA LEU D 147 -3.72 1.05 17.87
C LEU D 147 -4.53 0.85 16.60
N HIS D 148 -4.87 1.95 15.93
CA HIS D 148 -5.72 1.91 14.75
C HIS D 148 -4.94 1.68 13.46
N SER D 149 -5.66 1.21 12.44
CA SER D 149 -5.13 0.96 11.10
C SER D 149 -5.21 2.19 10.18
N GLU D 150 -5.68 3.31 10.73
CA GLU D 150 -5.72 4.59 9.99
C GLU D 150 -5.23 5.74 10.87
N ASP D 151 -4.83 6.82 10.23
CA ASP D 151 -4.30 7.99 10.94
C ASP D 151 -5.38 8.89 11.53
N THR D 152 -6.64 8.63 11.15
CA THR D 152 -7.76 9.40 11.68
C THR D 152 -8.83 8.50 12.29
N LEU D 153 -9.65 9.06 13.17
CA LEU D 153 -10.83 8.38 13.69
C LEU D 153 -12.10 8.96 13.07
N GLN D 154 -12.92 8.09 12.48
CA GLN D 154 -14.25 8.46 12.01
C GLN D 154 -15.24 8.26 13.15
N MET D 155 -15.67 9.38 13.73
CA MET D 155 -16.56 9.36 14.87
C MET D 155 -17.87 10.03 14.49
N ASP D 156 -18.48 9.48 13.45
CA ASP D 156 -19.66 10.06 12.84
C ASP D 156 -20.93 9.60 13.52
N GLY D 157 -21.69 10.57 14.01
CA GLY D 157 -22.99 10.34 14.63
C GLY D 157 -22.90 9.55 15.92
N HIS D 158 -23.39 8.32 15.88
CA HIS D 158 -23.53 7.51 17.09
C HIS D 158 -22.59 6.31 17.13
N ILE D 159 -21.58 6.29 16.27
CA ILE D 159 -20.60 5.20 16.25
C ILE D 159 -19.16 5.68 16.09
N LEU D 160 -18.30 5.23 17.02
CA LEU D 160 -16.86 5.29 16.84
C LEU D 160 -16.39 3.87 16.55
N ASP D 161 -15.72 3.68 15.43
CA ASP D 161 -15.12 2.39 15.12
C ASP D 161 -13.64 2.55 14.82
N SER D 162 -12.85 1.70 15.45
CA SER D 162 -11.42 1.63 15.23
C SER D 162 -10.98 0.17 15.36
N LYS D 163 -9.71 -0.10 15.12
CA LYS D 163 -9.23 -1.48 15.12
C LYS D 163 -9.46 -2.18 16.46
N ARG D 164 -9.15 -1.49 17.56
CA ARG D 164 -9.16 -2.13 18.88
C ARG D 164 -10.25 -1.67 19.85
N TYR D 165 -11.06 -0.70 19.41
CA TYR D 165 -12.06 -0.03 20.25
C TYR D 165 -13.23 0.48 19.43
N ALA D 166 -14.45 0.18 19.88
CA ALA D 166 -15.66 0.65 19.24
C ALA D 166 -16.71 1.06 20.28
N VAL D 167 -17.36 2.19 20.02
CA VAL D 167 -18.43 2.71 20.87
C VAL D 167 -19.66 2.89 19.99
N ILE D 168 -20.76 2.26 20.42
CA ILE D 168 -21.97 2.13 19.62
C ILE D 168 -23.17 2.65 20.36
N GLY D 169 -23.87 3.61 19.74
CA GLY D 169 -25.13 4.11 20.29
C GLY D 169 -26.27 3.19 19.89
N ALA D 170 -26.85 2.50 20.85
CA ALA D 170 -27.90 1.53 20.59
C ALA D 170 -28.70 1.27 21.85
N ASP D 171 -30.00 1.03 21.69
CA ASP D 171 -30.88 0.71 22.81
C ASP D 171 -30.80 -0.80 23.08
N LEU D 172 -30.37 -1.15 24.29
CA LEU D 172 -30.22 -2.57 24.68
C LEU D 172 -31.54 -3.34 24.71
N ARG D 173 -32.65 -2.62 24.61
CA ARG D 173 -33.98 -3.21 24.54
C ARG D 173 -34.39 -3.42 23.06
N ASP D 174 -33.51 -3.02 22.13
CA ASP D 174 -33.73 -3.28 20.69
C ASP D 174 -32.62 -4.21 20.18
N LEU D 175 -32.83 -5.50 20.34
CA LEU D 175 -31.76 -6.49 20.10
C LEU D 175 -31.31 -6.62 18.65
N SER D 176 -32.24 -6.49 17.70
CA SER D 176 -31.83 -6.56 16.28
C SER D 176 -30.95 -5.37 15.90
N GLU D 177 -31.30 -4.18 16.42
CA GLU D 177 -30.45 -2.98 16.27
C GLU D 177 -29.07 -3.18 16.91
N LEU D 178 -29.05 -3.68 18.14
CA LEU D 178 -27.80 -3.98 18.87
C LEU D 178 -26.90 -4.90 18.05
N GLU D 179 -27.47 -6.03 17.61
CA GLU D 179 -26.72 -7.02 16.85
C GLU D 179 -26.16 -6.47 15.53
N GLU D 180 -27.03 -5.82 14.75
CA GLU D 180 -26.63 -5.23 13.47
C GLU D 180 -25.47 -4.25 13.64
N LYS D 181 -25.57 -3.35 14.61
CA LYS D 181 -24.51 -2.36 14.83
C LYS D 181 -23.19 -2.97 15.31
N LEU D 182 -23.26 -3.97 16.18
CA LEU D 182 -22.05 -4.67 16.63
C LEU D 182 -21.38 -5.43 15.48
N LYS D 183 -22.21 -6.07 14.66
CA LYS D 183 -21.70 -6.78 13.49
C LYS D 183 -21.07 -5.80 12.48
N LYS D 184 -21.71 -4.65 12.31
CA LYS D 184 -21.14 -3.54 11.52
C LYS D 184 -19.74 -3.12 11.97
N CYS D 185 -19.47 -3.21 13.28
CA CYS D 185 -18.14 -2.89 13.82
C CYS D 185 -17.30 -4.15 13.99
N ASN D 186 -17.65 -5.18 13.23
CA ASN D 186 -16.82 -6.37 13.10
C ASN D 186 -16.68 -7.16 14.40
N MET D 187 -17.75 -7.23 15.18
CA MET D 187 -17.79 -8.15 16.30
C MET D 187 -17.80 -9.57 15.75
N ASN D 188 -16.88 -10.38 16.25
CA ASN D 188 -16.68 -11.74 15.76
C ASN D 188 -17.23 -12.74 16.77
N THR D 189 -18.35 -13.39 16.42
CA THR D 189 -18.99 -14.35 17.31
C THR D 189 -18.16 -15.61 17.57
N GLN D 190 -17.05 -15.77 16.84
CA GLN D 190 -16.18 -16.95 16.97
C GLN D 190 -15.04 -16.75 17.97
N LEU D 191 -15.01 -15.58 18.62
CA LEU D 191 -14.04 -15.32 19.67
C LEU D 191 -14.71 -15.51 21.03
N PRO D 192 -13.93 -15.96 22.03
CA PRO D 192 -14.46 -15.98 23.39
C PRO D 192 -14.75 -14.55 23.78
N THR D 193 -15.93 -14.30 24.34
CA THR D 193 -16.38 -12.92 24.54
C THR D 193 -16.92 -12.70 25.95
N LEU D 194 -16.41 -11.66 26.59
CA LEU D 194 -16.89 -11.25 27.89
C LEU D 194 -17.82 -10.06 27.75
N LEU D 195 -19.03 -10.18 28.30
CA LEU D 195 -20.01 -9.11 28.26
C LEU D 195 -20.24 -8.63 29.68
N ILE D 196 -20.36 -7.31 29.83
CA ILE D 196 -20.45 -6.70 31.16
C ILE D 196 -21.67 -5.79 31.22
N ALA D 197 -22.45 -5.97 32.30
CA ALA D 197 -23.54 -5.05 32.65
C ALA D 197 -23.35 -4.59 34.09
N GLU D 198 -22.70 -3.44 34.25
CA GLU D 198 -22.41 -2.90 35.58
C GLU D 198 -23.45 -1.82 35.91
N CYS D 199 -24.40 -2.17 36.78
N CYS D 199 -24.40 -2.19 36.78
CA CYS D 199 -25.53 -1.28 37.11
CA CYS D 199 -25.55 -1.36 37.15
C CYS D 199 -26.29 -0.85 35.87
C CYS D 199 -26.28 -0.87 35.91
N VAL D 200 -26.81 -1.82 35.13
CA VAL D 200 -27.46 -1.56 33.85
C VAL D 200 -28.79 -2.32 33.78
N LEU D 201 -28.77 -3.62 34.10
CA LEU D 201 -29.94 -4.49 33.91
C LEU D 201 -31.15 -4.05 34.73
N VAL D 202 -30.87 -3.46 35.89
CA VAL D 202 -31.90 -2.95 36.80
C VAL D 202 -32.76 -1.83 36.21
N TYR D 203 -32.29 -1.23 35.12
CA TYR D 203 -33.02 -0.13 34.47
C TYR D 203 -33.97 -0.57 33.35
N MET D 204 -34.01 -1.87 33.06
CA MET D 204 -34.94 -2.39 32.06
C MET D 204 -35.84 -3.44 32.72
N THR D 205 -36.92 -3.85 32.04
CA THR D 205 -37.87 -4.79 32.64
C THR D 205 -37.21 -6.17 32.79
N PRO D 206 -37.73 -7.01 33.69
CA PRO D 206 -37.12 -8.33 33.81
C PRO D 206 -37.16 -9.09 32.48
N GLU D 207 -38.20 -8.88 31.69
CA GLU D 207 -38.31 -9.50 30.37
C GLU D 207 -37.24 -8.97 29.41
N GLN D 208 -36.99 -7.65 29.43
CA GLN D 208 -35.97 -7.05 28.57
C GLN D 208 -34.56 -7.53 28.92
N SER D 209 -34.26 -7.65 30.23
CA SER D 209 -32.95 -8.14 30.64
C SER D 209 -32.76 -9.62 30.34
N ALA D 210 -33.82 -10.40 30.57
CA ALA D 210 -33.82 -11.81 30.18
C ALA D 210 -33.56 -11.97 28.69
N ASN D 211 -34.23 -11.17 27.85
CA ASN D 211 -34.01 -11.24 26.39
C ASN D 211 -32.56 -10.91 26.01
N LEU D 212 -31.98 -9.91 26.67
CA LEU D 212 -30.60 -9.52 26.42
C LEU D 212 -29.59 -10.63 26.78
N LEU D 213 -29.77 -11.24 27.95
CA LEU D 213 -28.90 -12.35 28.38
C LEU D 213 -29.03 -13.58 27.47
N LYS D 214 -30.26 -13.86 27.04
CA LYS D 214 -30.54 -14.96 26.13
C LYS D 214 -29.92 -14.71 24.73
N TRP D 215 -30.05 -13.48 24.22
CA TRP D 215 -29.39 -13.08 22.96
C TRP D 215 -27.89 -13.28 23.05
N ALA D 216 -27.30 -12.86 24.17
CA ALA D 216 -25.87 -13.00 24.38
C ALA D 216 -25.47 -14.48 24.38
N ALA D 217 -26.22 -15.30 25.11
CA ALA D 217 -25.99 -16.74 25.14
C ALA D 217 -26.14 -17.38 23.75
N ASN D 218 -27.20 -17.03 23.03
CA ASN D 218 -27.43 -17.52 21.65
C ASN D 218 -26.31 -17.13 20.70
N SER D 219 -25.75 -15.93 20.91
CA SER D 219 -24.78 -15.35 19.98
C SER D 219 -23.38 -15.92 20.08
N PHE D 220 -22.97 -16.36 21.26
CA PHE D 220 -21.58 -16.77 21.49
C PHE D 220 -21.48 -18.17 22.07
N GLU D 221 -20.72 -19.04 21.39
CA GLU D 221 -20.45 -20.40 21.87
C GLU D 221 -19.62 -20.38 23.16
N ARG D 222 -18.65 -19.46 23.22
CA ARG D 222 -17.74 -19.37 24.36
C ARG D 222 -17.79 -17.96 24.91
N ALA D 223 -18.31 -17.81 26.14
CA ALA D 223 -18.59 -16.48 26.66
C ALA D 223 -18.66 -16.41 28.18
N MET D 224 -18.56 -15.19 28.69
CA MET D 224 -18.75 -14.93 30.11
C MET D 224 -19.58 -13.66 30.23
N PHE D 225 -20.43 -13.62 31.24
CA PHE D 225 -21.24 -12.44 31.48
C PHE D 225 -21.08 -11.99 32.91
N ILE D 226 -20.79 -10.70 33.08
CA ILE D 226 -20.71 -10.10 34.41
C ILE D 226 -21.90 -9.16 34.62
N ASN D 227 -22.58 -9.34 35.76
CA ASN D 227 -23.64 -8.44 36.15
C ASN D 227 -23.36 -7.95 37.55
N TYR D 228 -23.34 -6.63 37.72
CA TYR D 228 -23.27 -5.98 39.04
C TYR D 228 -24.52 -5.14 39.23
N GLU D 229 -25.20 -5.31 40.36
CA GLU D 229 -26.35 -4.48 40.69
C GLU D 229 -26.89 -4.75 42.10
N GLN D 230 -28.06 -4.19 42.39
CA GLN D 230 -28.72 -4.36 43.69
C GLN D 230 -29.14 -5.80 43.98
N VAL D 231 -29.27 -6.13 45.25
CA VAL D 231 -29.72 -7.45 45.66
C VAL D 231 -30.42 -7.33 47.02
N ASN D 232 -31.15 -8.39 47.42
CA ASN D 232 -31.86 -8.41 48.70
C ASN D 232 -32.82 -7.23 48.88
N MET D 233 -33.42 -6.80 47.77
CA MET D 233 -34.16 -5.53 47.70
C MET D 233 -35.59 -5.56 48.27
N GLY D 234 -36.04 -6.72 48.72
CA GLY D 234 -37.37 -6.88 49.31
C GLY D 234 -37.45 -6.68 50.81
N ASP D 235 -36.31 -6.56 51.48
CA ASP D 235 -36.31 -6.38 52.94
C ASP D 235 -36.45 -4.90 53.31
N ARG D 236 -36.50 -4.61 54.61
CA ARG D 236 -36.73 -3.24 55.10
C ARG D 236 -35.77 -2.22 54.51
N PHE D 237 -34.47 -2.50 54.60
CA PHE D 237 -33.47 -1.59 54.07
C PHE D 237 -33.54 -1.42 52.55
N GLY D 238 -33.79 -2.52 51.83
CA GLY D 238 -33.91 -2.48 50.37
C GLY D 238 -35.01 -1.55 49.89
N GLN D 239 -36.12 -1.58 50.58
CA GLN D 239 -37.25 -0.71 50.30
C GLN D 239 -36.88 0.77 50.54
N ILE D 240 -36.09 1.03 51.59
CA ILE D 240 -35.59 2.38 51.85
C ILE D 240 -34.69 2.87 50.72
N MET D 241 -33.79 2.00 50.26
CA MET D 241 -32.97 2.32 49.09
C MET D 241 -33.84 2.70 47.90
N ILE D 242 -34.90 1.92 47.66
CA ILE D 242 -35.78 2.14 46.52
C ILE D 242 -36.46 3.51 46.61
N GLU D 243 -36.94 3.86 47.80
CA GLU D 243 -37.58 5.16 48.01
C GLU D 243 -36.58 6.31 47.86
N ASN D 244 -35.38 6.15 48.41
CA ASN D 244 -34.30 7.12 48.21
C ASN D 244 -34.01 7.38 46.74
N LEU D 245 -34.00 6.33 45.94
CA LEU D 245 -33.80 6.45 44.49
C LEU D 245 -34.97 7.12 43.79
N ARG D 246 -36.19 6.77 44.19
CA ARG D 246 -37.40 7.34 43.60
C ARG D 246 -37.50 8.86 43.81
N ARG D 247 -36.79 9.36 44.82
CA ARG D 247 -36.76 10.78 45.12
C ARG D 247 -35.73 11.50 44.24
N ARG D 248 -34.76 10.74 43.73
CA ARG D 248 -33.79 11.25 42.76
C ARG D 248 -34.28 11.05 41.32
N GLN D 249 -35.61 10.91 41.17
CA GLN D 249 -36.27 10.63 39.89
C GLN D 249 -35.74 9.36 39.17
N CYS D 250 -35.30 8.38 39.95
CA CYS D 250 -34.70 7.17 39.39
C CYS D 250 -35.51 5.94 39.78
N ASP D 251 -36.22 5.35 38.82
CA ASP D 251 -37.01 4.14 39.05
C ASP D 251 -36.22 2.91 38.59
N LEU D 252 -36.42 1.78 39.27
CA LEU D 252 -35.71 0.54 38.92
C LEU D 252 -36.68 -0.48 38.33
N ALA D 253 -36.83 -0.43 37.01
CA ALA D 253 -37.76 -1.32 36.29
C ALA D 253 -37.46 -2.80 36.49
N GLY D 254 -36.20 -3.12 36.79
CA GLY D 254 -35.79 -4.52 36.92
C GLY D 254 -35.62 -5.03 38.33
N VAL D 255 -36.14 -4.29 39.30
CA VAL D 255 -35.91 -4.60 40.72
C VAL D 255 -36.42 -5.99 41.16
N GLU D 256 -37.42 -6.53 40.46
CA GLU D 256 -37.93 -7.88 40.76
C GLU D 256 -36.79 -8.90 40.81
N THR D 257 -35.89 -8.82 39.84
CA THR D 257 -34.80 -9.79 39.73
C THR D 257 -33.72 -9.60 40.81
N CYS D 258 -33.77 -8.45 41.48
CA CYS D 258 -32.86 -8.12 42.59
C CYS D 258 -33.35 -8.68 43.93
N LYS D 259 -34.33 -9.57 43.91
CA LYS D 259 -34.85 -10.18 45.15
C LYS D 259 -33.74 -10.79 46.01
N SER D 260 -32.87 -11.59 45.40
CA SER D 260 -31.90 -12.40 46.13
C SER D 260 -30.79 -12.80 45.19
N LEU D 261 -29.70 -13.32 45.76
CA LEU D 261 -28.62 -13.89 44.95
C LEU D 261 -29.15 -15.04 44.12
N GLU D 262 -30.15 -15.75 44.66
CA GLU D 262 -30.78 -16.87 43.94
C GLU D 262 -31.54 -16.39 42.71
N SER D 263 -32.22 -15.25 42.82
CA SER D 263 -32.96 -14.72 41.67
C SER D 263 -32.00 -14.22 40.61
N GLN D 264 -30.89 -13.64 41.05
CA GLN D 264 -29.84 -13.20 40.16
C GLN D 264 -29.24 -14.36 39.37
N LYS D 265 -28.88 -15.43 40.07
CA LYS D 265 -28.32 -16.61 39.42
C LYS D 265 -29.35 -17.29 38.50
N GLU D 266 -30.60 -17.40 38.96
CA GLU D 266 -31.65 -18.05 38.16
C GLU D 266 -31.87 -17.35 36.82
N ARG D 267 -31.78 -16.02 36.79
CA ARG D 267 -31.95 -15.27 35.54
C ARG D 267 -30.85 -15.62 34.52
N LEU D 268 -29.65 -15.91 35.01
CA LEU D 268 -28.55 -16.33 34.15
C LEU D 268 -28.78 -17.74 33.61
N LEU D 269 -28.97 -18.68 34.52
CA LEU D 269 -29.15 -20.10 34.16
C LEU D 269 -30.34 -20.37 33.23
N SER D 270 -31.45 -19.69 33.48
CA SER D 270 -32.68 -19.90 32.70
C SER D 270 -32.66 -19.17 31.35
N ASN D 271 -31.60 -18.42 31.08
CA ASN D 271 -31.47 -17.70 29.82
C ASN D 271 -30.23 -18.10 29.02
N GLY D 272 -29.87 -19.37 29.12
CA GLY D 272 -28.87 -19.98 28.25
C GLY D 272 -27.43 -20.09 28.74
N TRP D 273 -27.19 -19.64 29.97
CA TRP D 273 -25.85 -19.70 30.53
C TRP D 273 -25.66 -21.02 31.30
N GLU D 274 -24.46 -21.57 31.22
CA GLU D 274 -24.18 -22.89 31.78
C GLU D 274 -23.75 -22.88 33.25
N THR D 275 -23.04 -21.83 33.65
CA THR D 275 -22.64 -21.66 35.06
C THR D 275 -23.16 -20.31 35.57
N ALA D 276 -23.41 -20.20 36.87
CA ALA D 276 -23.75 -18.91 37.45
C ALA D 276 -23.24 -18.85 38.88
N SER D 277 -22.44 -17.83 39.15
CA SER D 277 -21.96 -17.56 40.50
C SER D 277 -22.41 -16.17 40.91
N ALA D 278 -22.59 -15.97 42.20
CA ALA D 278 -22.96 -14.65 42.71
C ALA D 278 -22.48 -14.52 44.15
N VAL D 279 -22.09 -13.30 44.50
CA VAL D 279 -21.63 -13.02 45.84
C VAL D 279 -22.18 -11.63 46.20
N ASP D 280 -22.57 -11.44 47.46
CA ASP D 280 -22.94 -10.09 47.84
C ASP D 280 -21.66 -9.29 48.12
N MET D 281 -21.74 -7.96 48.07
CA MET D 281 -20.53 -7.16 48.12
C MET D 281 -19.84 -7.16 49.49
N MET D 282 -20.59 -7.45 50.56
CA MET D 282 -19.99 -7.59 51.88
C MET D 282 -19.05 -8.79 51.94
N GLU D 283 -19.46 -9.92 51.38
CA GLU D 283 -18.57 -11.07 51.36
C GLU D 283 -17.34 -10.77 50.51
N LEU D 284 -17.55 -10.13 49.37
CA LEU D 284 -16.42 -9.77 48.50
C LEU D 284 -15.46 -8.85 49.28
N TYR D 285 -16.02 -7.84 49.93
CA TYR D 285 -15.26 -6.91 50.78
C TYR D 285 -14.44 -7.64 51.85
N ASN D 286 -15.07 -8.56 52.56
CA ASN D 286 -14.41 -9.35 53.61
C ASN D 286 -13.30 -10.26 53.09
N ARG D 287 -13.33 -10.53 51.79
CA ARG D 287 -12.32 -11.38 51.15
C ARG D 287 -11.24 -10.62 50.40
N LEU D 288 -11.31 -9.28 50.43
CA LEU D 288 -10.28 -8.44 49.80
C LEU D 288 -8.93 -8.68 50.48
N PRO D 289 -7.81 -8.47 49.75
CA PRO D 289 -6.50 -8.53 50.41
C PRO D 289 -6.42 -7.56 51.59
N ARG D 290 -5.83 -8.02 52.70
CA ARG D 290 -5.71 -7.21 53.93
C ARG D 290 -5.13 -5.81 53.73
N ALA D 291 -4.11 -5.71 52.86
CA ALA D 291 -3.42 -4.44 52.62
C ALA D 291 -4.28 -3.47 51.83
N GLU D 292 -5.08 -4.00 50.91
CA GLU D 292 -6.01 -3.17 50.14
C GLU D 292 -7.12 -2.61 51.03
N VAL D 293 -7.70 -3.47 51.87
CA VAL D 293 -8.76 -3.05 52.80
C VAL D 293 -8.22 -2.00 53.78
N SER D 294 -7.03 -2.25 54.34
CA SER D 294 -6.47 -1.30 55.32
C SER D 294 -6.14 0.05 54.67
N ARG D 295 -5.65 0.02 53.43
CA ARG D 295 -5.42 1.26 52.66
C ARG D 295 -6.73 2.03 52.47
N ILE D 296 -7.74 1.34 51.92
CA ILE D 296 -9.04 1.93 51.61
C ILE D 296 -9.73 2.53 52.83
N GLU D 297 -9.75 1.78 53.93
CA GLU D 297 -10.45 2.22 55.12
C GLU D 297 -9.81 3.44 55.78
N SER D 298 -8.52 3.63 55.55
CA SER D 298 -7.81 4.80 56.05
C SER D 298 -8.19 6.11 55.35
N LEU D 299 -8.76 6.02 54.15
CA LEU D 299 -9.03 7.22 53.35
C LEU D 299 -10.10 8.11 53.96
N GLU D 300 -11.07 7.50 54.63
CA GLU D 300 -12.18 8.23 55.24
C GLU D 300 -12.55 7.69 56.61
N PHE D 301 -12.94 8.59 57.51
CA PHE D 301 -13.29 8.21 58.86
C PHE D 301 -14.68 7.59 58.94
N LEU D 302 -14.74 6.38 59.48
CA LEU D 302 -15.99 5.70 59.72
C LEU D 302 -15.91 4.93 61.03
N ASP D 303 -16.76 5.30 61.97
CA ASP D 303 -16.85 4.58 63.25
C ASP D 303 -17.98 3.54 63.27
N GLU D 304 -19.15 3.90 62.73
CA GLU D 304 -20.27 2.96 62.67
C GLU D 304 -20.09 2.01 61.48
N MET D 305 -20.37 0.73 61.70
CA MET D 305 -20.23 -0.27 60.63
C MET D 305 -21.58 -0.70 60.06
N GLU D 306 -22.64 -0.31 60.76
CA GLU D 306 -24.00 -0.78 60.48
C GLU D 306 -24.48 -0.42 59.08
N LEU D 307 -24.29 0.84 58.69
CA LEU D 307 -24.66 1.29 57.36
C LEU D 307 -23.79 0.61 56.27
N LEU D 308 -22.50 0.42 56.56
CA LEU D 308 -21.60 -0.21 55.61
C LEU D 308 -22.08 -1.62 55.30
N GLU D 309 -22.32 -2.40 56.34
CA GLU D 309 -22.77 -3.78 56.19
C GLU D 309 -24.08 -3.85 55.41
N GLN D 310 -25.02 -2.97 55.76
CA GLN D 310 -26.32 -2.86 55.08
C GLN D 310 -26.20 -2.65 53.57
N LEU D 311 -25.45 -1.61 53.21
CA LEU D 311 -25.23 -1.26 51.80
C LEU D 311 -24.53 -2.38 51.05
N MET D 312 -23.46 -2.90 51.63
CA MET D 312 -22.68 -3.97 51.01
C MET D 312 -23.53 -5.23 50.78
N ARG D 313 -24.42 -5.53 51.73
CA ARG D 313 -25.32 -6.70 51.59
C ARG D 313 -26.45 -6.47 50.59
N HIS D 314 -26.54 -5.26 50.03
CA HIS D 314 -27.59 -4.97 49.06
C HIS D 314 -27.07 -4.68 47.66
N TYR D 315 -25.81 -5.01 47.41
CA TYR D 315 -25.30 -5.10 46.05
C TYR D 315 -24.63 -6.46 45.84
N CYS D 316 -24.61 -6.93 44.60
CA CYS D 316 -23.99 -8.21 44.30
C CYS D 316 -23.16 -8.14 43.03
N LEU D 317 -22.23 -9.09 42.93
CA LEU D 317 -21.46 -9.32 41.72
C LEU D 317 -21.79 -10.75 41.28
N CYS D 318 -22.24 -10.88 40.04
CA CYS D 318 -22.68 -12.16 39.48
C CYS D 318 -21.94 -12.37 38.18
N TRP D 319 -21.61 -13.61 37.89
CA TRP D 319 -20.95 -13.94 36.63
C TRP D 319 -21.36 -15.32 36.15
N ALA D 320 -21.59 -15.42 34.84
CA ALA D 320 -21.99 -16.66 34.19
C ALA D 320 -20.99 -16.98 33.09
N THR D 321 -20.87 -18.27 32.75
CA THR D 321 -20.02 -18.71 31.63
C THR D 321 -20.77 -19.75 30.78
N LYS D 322 -20.31 -19.93 29.54
CA LYS D 322 -20.79 -21.02 28.68
C LYS D 322 -19.68 -21.43 27.71
N GLY D 323 -19.58 -22.72 27.43
CA GLY D 323 -18.59 -23.24 26.49
C GLY D 323 -17.14 -23.09 26.89
N GLY D 324 -16.90 -22.82 28.17
CA GLY D 324 -15.57 -22.43 28.63
C GLY D 324 -14.62 -23.51 29.11
N ASN D 325 -15.01 -24.77 29.02
CA ASN D 325 -14.20 -25.84 29.62
C ASN D 325 -12.77 -25.98 29.12
N GLU D 326 -12.54 -25.81 27.81
CA GLU D 326 -11.17 -25.82 27.29
C GLU D 326 -10.34 -24.68 27.88
N LEU D 327 -10.96 -23.51 27.98
CA LEU D 327 -10.29 -22.32 28.51
C LEU D 327 -10.24 -22.30 30.05
N GLY D 328 -11.09 -23.09 30.69
CA GLY D 328 -11.27 -23.08 32.15
C GLY D 328 -12.05 -21.89 32.69
N LEU D 329 -13.02 -21.40 31.92
CA LEU D 329 -13.80 -20.22 32.30
C LEU D 329 -14.60 -20.42 33.60
N LYS D 330 -15.10 -21.63 33.81
CA LYS D 330 -15.87 -21.94 35.03
C LYS D 330 -15.04 -21.82 36.31
N GLU D 331 -13.72 -21.78 36.19
CA GLU D 331 -12.85 -21.66 37.34
C GLU D 331 -12.60 -20.21 37.76
N ILE D 332 -12.95 -19.27 36.90
CA ILE D 332 -12.73 -17.84 37.19
C ILE D 332 -13.47 -17.41 38.46
N THR D 333 -12.81 -16.64 39.30
CA THR D 333 -13.46 -16.07 40.48
C THR D 333 -12.93 -14.66 40.74
N TYR D 334 -13.53 -13.96 41.69
CA TYR D 334 -13.20 -12.57 41.99
C TYR D 334 -12.01 -12.45 42.91
N GLY E 25 -31.51 -28.79 -2.99
CA GLY E 25 -31.47 -29.62 -1.77
C GLY E 25 -30.29 -30.55 -1.82
N VAL E 26 -30.40 -31.58 -2.67
CA VAL E 26 -29.31 -32.52 -2.92
C VAL E 26 -28.12 -31.81 -3.58
N ARG E 27 -28.38 -30.86 -4.46
CA ARG E 27 -27.30 -30.13 -5.12
C ARG E 27 -26.69 -29.01 -4.26
N GLY E 28 -27.03 -29.01 -2.97
CA GLY E 28 -26.29 -28.25 -1.96
C GLY E 28 -25.30 -29.12 -1.21
N THR E 29 -25.44 -30.44 -1.33
CA THR E 29 -24.57 -31.38 -0.59
C THR E 29 -23.11 -31.36 -1.03
N CYS E 30 -22.87 -31.13 -2.32
CA CYS E 30 -21.50 -31.01 -2.83
C CYS E 30 -20.74 -29.90 -2.08
N GLU E 31 -21.37 -28.73 -2.01
CA GLU E 31 -20.78 -27.60 -1.33
C GLU E 31 -20.47 -27.92 0.12
N ASP E 32 -21.45 -28.51 0.83
CA ASP E 32 -21.27 -28.87 2.25
C ASP E 32 -20.13 -29.86 2.48
N ALA E 33 -20.09 -30.93 1.69
CA ALA E 33 -18.99 -31.90 1.77
C ALA E 33 -17.62 -31.23 1.57
N SER E 34 -17.50 -30.40 0.53
CA SER E 34 -16.25 -29.72 0.22
C SER E 34 -15.83 -28.75 1.32
N LEU E 35 -16.80 -27.98 1.81
CA LEU E 35 -16.57 -27.07 2.93
C LEU E 35 -16.02 -27.80 4.14
N CYS E 36 -16.68 -28.90 4.51
CA CYS E 36 -16.30 -29.64 5.70
C CYS E 36 -14.93 -30.28 5.55
N LYS E 37 -14.67 -30.85 4.38
CA LYS E 37 -13.37 -31.46 4.15
C LYS E 37 -12.24 -30.43 4.14
N ARG E 38 -12.45 -29.28 3.51
CA ARG E 38 -11.38 -28.28 3.51
C ARG E 38 -11.12 -27.79 4.95
N PHE E 39 -12.20 -27.61 5.71
CA PHE E 39 -12.10 -27.17 7.12
C PHE E 39 -11.29 -28.15 7.95
N ALA E 40 -11.56 -29.45 7.82
CA ALA E 40 -10.76 -30.47 8.51
C ALA E 40 -9.30 -30.51 8.06
N VAL E 41 -9.07 -30.39 6.76
CA VAL E 41 -7.72 -30.31 6.20
C VAL E 41 -6.97 -29.11 6.82
N SER E 42 -7.64 -27.97 6.91
CA SER E 42 -7.02 -26.76 7.48
C SER E 42 -6.54 -26.94 8.94
N ILE E 43 -7.21 -27.82 9.69
CA ILE E 43 -6.83 -28.13 11.08
C ILE E 43 -5.71 -29.16 11.15
N GLY E 44 -5.57 -29.96 10.10
CA GLY E 44 -4.43 -30.88 9.96
C GLY E 44 -4.79 -32.35 10.03
N TYR E 45 -6.08 -32.66 9.86
CA TYR E 45 -6.55 -34.03 9.91
C TYR E 45 -5.96 -34.92 8.81
N TRP E 46 -5.88 -34.40 7.59
CA TRP E 46 -5.12 -35.03 6.50
C TRP E 46 -4.55 -33.96 5.55
N HIS E 47 -3.65 -34.37 4.67
CA HIS E 47 -2.97 -33.44 3.77
C HIS E 47 -3.70 -33.42 2.42
N ASP E 48 -4.05 -32.22 1.95
CA ASP E 48 -4.73 -32.04 0.66
C ASP E 48 -4.48 -30.62 0.20
N PRO E 49 -3.44 -30.43 -0.65
CA PRO E 49 -3.08 -29.11 -1.20
C PRO E 49 -3.99 -28.67 -2.35
N TYR E 50 -4.90 -29.54 -2.77
CA TYR E 50 -5.74 -29.29 -3.94
C TYR E 50 -7.12 -28.73 -3.61
N ILE E 51 -7.65 -29.06 -2.44
CA ILE E 51 -9.04 -28.75 -2.10
C ILE E 51 -9.31 -27.23 -2.04
N GLN E 52 -8.29 -26.43 -1.72
CA GLN E 52 -8.41 -24.98 -1.68
C GLN E 52 -8.98 -24.41 -2.99
N HIS E 53 -8.68 -25.08 -4.10
CA HIS E 53 -9.06 -24.60 -5.43
C HIS E 53 -10.51 -24.83 -5.79
N PHE E 54 -11.23 -25.60 -4.97
CA PHE E 54 -12.62 -25.94 -5.22
C PHE E 54 -13.65 -25.31 -4.28
N VAL E 55 -13.20 -24.76 -3.15
CA VAL E 55 -14.12 -24.32 -2.12
C VAL E 55 -13.43 -23.33 -1.18
N ARG E 56 -14.21 -22.40 -0.62
CA ARG E 56 -13.70 -21.45 0.39
C ARG E 56 -13.33 -22.14 1.69
N LEU E 57 -12.52 -21.50 2.52
CA LEU E 57 -12.26 -22.00 3.87
C LEU E 57 -13.26 -21.38 4.84
N SER E 58 -14.13 -22.22 5.40
CA SER E 58 -15.12 -21.79 6.39
C SER E 58 -14.46 -21.24 7.66
N LYS E 59 -15.11 -20.26 8.27
CA LYS E 59 -14.54 -19.52 9.40
C LYS E 59 -15.21 -19.90 10.73
N GLU E 60 -16.32 -20.62 10.65
CA GLU E 60 -17.10 -20.96 11.86
C GLU E 60 -16.56 -22.20 12.57
N ARG E 61 -16.39 -22.10 13.88
CA ARG E 61 -16.01 -23.25 14.71
C ARG E 61 -17.11 -24.32 14.63
N LYS E 62 -16.72 -25.57 14.87
CA LYS E 62 -17.66 -26.69 14.88
C LYS E 62 -17.19 -27.79 15.83
N ALA E 63 -18.09 -28.73 16.09
CA ALA E 63 -17.78 -29.87 16.96
C ALA E 63 -16.59 -30.65 16.41
N PRO E 64 -15.55 -30.85 17.24
CA PRO E 64 -14.41 -31.70 16.86
C PRO E 64 -14.83 -33.11 16.41
N GLU E 65 -15.95 -33.60 16.96
CA GLU E 65 -16.53 -34.90 16.56
C GLU E 65 -16.75 -35.00 15.06
N ILE E 66 -17.23 -33.92 14.45
CA ILE E 66 -17.52 -33.85 13.02
C ILE E 66 -16.23 -34.01 12.23
N ASN E 67 -15.18 -33.30 12.64
CA ASN E 67 -13.89 -33.41 11.98
C ASN E 67 -13.31 -34.81 12.09
N ARG E 68 -13.41 -35.40 13.29
CA ARG E 68 -12.92 -36.76 13.50
C ARG E 68 -13.69 -37.74 12.62
N GLY E 69 -15.00 -37.48 12.45
CA GLY E 69 -15.85 -38.31 11.58
C GLY E 69 -15.41 -38.20 10.13
N TYR E 70 -15.20 -36.96 9.68
CA TYR E 70 -14.63 -36.73 8.34
C TYR E 70 -13.29 -37.42 8.13
N PHE E 71 -12.40 -37.34 9.13
CA PHE E 71 -11.14 -38.05 9.05
C PHE E 71 -11.32 -39.58 8.90
N ALA E 72 -12.16 -40.18 9.74
CA ALA E 72 -12.37 -41.64 9.70
C ALA E 72 -12.91 -42.08 8.32
N ARG E 73 -13.88 -41.30 7.83
CA ARG E 73 -14.50 -41.48 6.52
C ARG E 73 -13.45 -41.48 5.41
N VAL E 74 -12.69 -40.39 5.31
CA VAL E 74 -11.66 -40.27 4.28
C VAL E 74 -10.57 -41.34 4.41
N HIS E 75 -10.17 -41.65 5.64
CA HIS E 75 -9.15 -42.67 5.88
C HIS E 75 -9.61 -44.07 5.43
N GLY E 76 -10.83 -44.43 5.86
CA GLY E 76 -11.42 -45.73 5.54
C GLY E 76 -11.59 -45.92 4.05
N VAL E 77 -12.20 -44.93 3.39
CA VAL E 77 -12.35 -44.95 1.93
C VAL E 77 -10.99 -45.07 1.24
N SER E 78 -10.03 -44.24 1.66
CA SER E 78 -8.67 -44.29 1.08
C SER E 78 -8.00 -45.68 1.25
N GLN E 79 -8.14 -46.29 2.42
CA GLN E 79 -7.51 -47.60 2.67
C GLN E 79 -8.04 -48.66 1.70
N LEU E 80 -9.36 -48.64 1.50
CA LEU E 80 -10.01 -49.58 0.59
C LEU E 80 -9.58 -49.36 -0.86
N ILE E 81 -9.48 -48.09 -1.27
CA ILE E 81 -9.00 -47.75 -2.60
C ILE E 81 -7.57 -48.28 -2.80
N LYS E 82 -6.70 -47.99 -1.83
CA LYS E 82 -5.29 -48.41 -1.95
C LYS E 82 -5.11 -49.93 -1.99
N ALA E 83 -5.95 -50.65 -1.24
CA ALA E 83 -5.92 -52.11 -1.24
C ALA E 83 -6.34 -52.67 -2.60
N PHE E 84 -7.35 -52.05 -3.20
CA PHE E 84 -7.82 -52.43 -4.55
C PHE E 84 -6.74 -52.17 -5.59
N LEU E 85 -6.11 -50.99 -5.53
CA LEU E 85 -5.00 -50.65 -6.41
C LEU E 85 -3.81 -51.60 -6.24
N ARG E 86 -3.54 -52.03 -5.01
CA ARG E 86 -2.49 -53.02 -4.77
C ARG E 86 -2.80 -54.39 -5.40
N LYS E 87 -4.01 -54.91 -5.16
CA LYS E 87 -4.45 -56.19 -5.73
C LYS E 87 -4.45 -56.22 -7.24
N THR E 88 -4.83 -55.10 -7.86
CA THR E 88 -4.90 -55.01 -9.32
C THR E 88 -3.62 -54.51 -9.95
N GLU E 89 -2.65 -54.13 -9.12
CA GLU E 89 -1.40 -53.49 -9.59
C GLU E 89 -1.73 -52.30 -10.52
N CYS E 90 -2.77 -51.56 -10.15
CA CYS E 90 -3.21 -50.35 -10.86
C CYS E 90 -3.71 -50.58 -12.29
N HIS E 91 -3.81 -51.84 -12.70
CA HIS E 91 -4.42 -52.18 -13.99
C HIS E 91 -5.92 -52.37 -13.78
N CYS E 92 -6.64 -51.25 -13.85
CA CYS E 92 -7.99 -51.15 -13.31
C CYS E 92 -8.59 -49.77 -13.57
N GLN E 93 -9.89 -49.65 -13.33
CA GLN E 93 -10.55 -48.34 -13.39
C GLN E 93 -11.11 -47.99 -12.02
N ILE E 94 -11.22 -46.69 -11.75
CA ILE E 94 -11.95 -46.17 -10.59
C ILE E 94 -13.03 -45.25 -11.12
N VAL E 95 -14.25 -45.45 -10.61
CA VAL E 95 -15.39 -44.65 -11.00
C VAL E 95 -16.02 -44.11 -9.72
N ASN E 96 -15.85 -42.82 -9.48
CA ASN E 96 -16.40 -42.17 -8.32
C ASN E 96 -17.74 -41.53 -8.70
N LEU E 97 -18.81 -42.14 -8.19
CA LEU E 97 -20.19 -41.73 -8.48
C LEU E 97 -20.67 -40.72 -7.46
N GLY E 98 -21.10 -39.55 -7.94
CA GLY E 98 -21.40 -38.40 -7.06
C GLY E 98 -20.14 -37.87 -6.40
N ALA E 99 -19.11 -37.66 -7.21
CA ALA E 99 -17.76 -37.34 -6.72
C ALA E 99 -17.61 -35.94 -6.14
N GLY E 100 -18.52 -35.03 -6.50
CA GLY E 100 -18.45 -33.64 -6.06
C GLY E 100 -17.06 -33.07 -6.34
N MET E 101 -16.51 -32.35 -5.36
CA MET E 101 -15.18 -31.72 -5.51
C MET E 101 -14.04 -32.59 -5.00
N ASP E 102 -14.22 -33.90 -5.04
CA ASP E 102 -13.22 -34.85 -4.57
C ASP E 102 -11.87 -34.65 -5.28
N THR E 103 -10.79 -34.73 -4.51
CA THR E 103 -9.44 -34.45 -5.01
C THR E 103 -8.62 -35.72 -5.07
N THR E 104 -9.27 -36.87 -4.85
CA THR E 104 -8.57 -38.17 -4.75
C THR E 104 -7.65 -38.46 -5.94
N PHE E 105 -8.09 -38.15 -7.16
CA PHE E 105 -7.23 -38.36 -8.32
C PHE E 105 -5.84 -37.72 -8.14
N TRP E 106 -5.81 -36.45 -7.74
CA TRP E 106 -4.54 -35.72 -7.61
C TRP E 106 -3.72 -36.26 -6.43
N ARG E 107 -4.40 -36.58 -5.33
CA ARG E 107 -3.72 -37.08 -4.13
C ARG E 107 -3.08 -38.45 -4.36
N LEU E 108 -3.79 -39.34 -5.07
CA LEU E 108 -3.24 -40.64 -5.43
C LEU E 108 -2.04 -40.47 -6.34
N LYS E 109 -2.17 -39.54 -7.29
CA LYS E 109 -1.08 -39.27 -8.24
C LYS E 109 0.19 -38.85 -7.51
N ASP E 110 0.04 -38.06 -6.44
CA ASP E 110 1.17 -37.59 -5.65
C ASP E 110 1.88 -38.71 -4.90
N GLU E 111 1.17 -39.81 -4.68
CA GLU E 111 1.74 -40.99 -4.05
C GLU E 111 2.15 -42.05 -5.08
N ASP E 112 2.21 -41.64 -6.35
CA ASP E 112 2.60 -42.51 -7.46
C ASP E 112 1.59 -43.62 -7.74
N LEU E 113 0.33 -43.38 -7.38
CA LEU E 113 -0.74 -44.32 -7.67
C LEU E 113 -1.62 -43.72 -8.76
N LEU E 114 -1.66 -44.42 -9.88
CA LEU E 114 -2.46 -44.03 -11.03
C LEU E 114 -3.16 -45.28 -11.54
N SER E 115 -4.49 -45.28 -11.50
CA SER E 115 -5.25 -46.34 -12.15
C SER E 115 -5.16 -46.13 -13.67
N SER E 116 -5.60 -47.12 -14.45
CA SER E 116 -5.60 -47.02 -15.91
C SER E 116 -6.43 -45.81 -16.37
N LYS E 117 -7.62 -45.66 -15.79
CA LYS E 117 -8.38 -44.44 -15.96
C LYS E 117 -9.27 -44.19 -14.75
N TYR E 118 -9.34 -42.93 -14.34
CA TYR E 118 -10.10 -42.48 -13.20
C TYR E 118 -11.28 -41.67 -13.74
N PHE E 119 -12.50 -42.06 -13.41
CA PHE E 119 -13.72 -41.39 -13.83
C PHE E 119 -14.48 -40.81 -12.65
N GLU E 120 -15.01 -39.62 -12.84
CA GLU E 120 -15.92 -39.01 -11.87
C GLU E 120 -17.25 -38.70 -12.54
N VAL E 121 -18.33 -38.91 -11.79
CA VAL E 121 -19.67 -38.57 -12.25
C VAL E 121 -20.36 -37.70 -11.21
N ASP E 122 -21.04 -36.64 -11.66
CA ASP E 122 -21.91 -35.83 -10.81
C ASP E 122 -22.92 -35.11 -11.71
N PHE E 123 -23.83 -34.35 -11.10
CA PHE E 123 -24.79 -33.56 -11.89
C PHE E 123 -24.05 -32.61 -12.82
N PRO E 124 -24.60 -32.37 -14.03
CA PRO E 124 -23.99 -31.42 -14.96
C PRO E 124 -23.59 -30.08 -14.33
N MET E 125 -24.41 -29.55 -13.42
CA MET E 125 -24.09 -28.28 -12.76
C MET E 125 -22.81 -28.35 -11.91
N ILE E 126 -22.70 -29.43 -11.16
CA ILE E 126 -21.54 -29.66 -10.31
C ILE E 126 -20.31 -29.82 -11.17
N VAL E 127 -20.43 -30.60 -12.25
CA VAL E 127 -19.32 -30.84 -13.15
C VAL E 127 -18.84 -29.52 -13.80
N THR E 128 -19.78 -28.66 -14.16
CA THR E 128 -19.49 -27.32 -14.71
C THR E 128 -18.60 -26.52 -13.76
N ARG E 129 -18.97 -26.51 -12.48
CA ARG E 129 -18.18 -25.85 -11.44
C ARG E 129 -16.79 -26.44 -11.32
N LYS E 130 -16.71 -27.78 -11.26
CA LYS E 130 -15.42 -28.46 -11.08
C LYS E 130 -14.47 -28.20 -12.25
N LEU E 131 -14.99 -28.28 -13.47
CA LEU E 131 -14.21 -27.98 -14.67
C LEU E 131 -13.74 -26.52 -14.71
N HIS E 132 -14.57 -25.62 -14.19
CA HIS E 132 -14.23 -24.20 -14.13
C HIS E 132 -13.03 -24.02 -13.21
N SER E 133 -13.05 -24.66 -12.05
CA SER E 133 -11.90 -24.66 -11.13
C SER E 133 -10.65 -25.21 -11.80
N ILE E 134 -10.80 -26.33 -12.50
CA ILE E 134 -9.67 -26.96 -13.19
C ILE E 134 -9.09 -26.03 -14.24
N LYS E 135 -9.96 -25.44 -15.07
CA LYS E 135 -9.53 -24.52 -16.13
C LYS E 135 -8.82 -23.28 -15.60
N CYS E 136 -9.27 -22.79 -14.43
CA CYS E 136 -8.71 -21.61 -13.80
C CYS E 136 -7.36 -21.83 -13.12
N LYS E 137 -7.09 -23.07 -12.70
CA LYS E 137 -5.92 -23.35 -11.86
C LYS E 137 -4.96 -24.37 -12.47
N PRO E 138 -3.83 -23.90 -13.04
CA PRO E 138 -2.77 -24.80 -13.55
C PRO E 138 -2.33 -25.90 -12.56
N PRO E 139 -2.32 -25.62 -11.23
CA PRO E 139 -2.01 -26.72 -10.31
C PRO E 139 -2.97 -27.93 -10.41
N LEU E 140 -4.18 -27.70 -10.90
CA LEU E 140 -5.13 -28.79 -11.15
C LEU E 140 -5.04 -29.35 -12.57
N SER E 141 -4.92 -28.46 -13.55
CA SER E 141 -4.99 -28.89 -14.95
C SER E 141 -3.69 -29.51 -15.45
N SER E 142 -2.56 -29.07 -14.93
CA SER E 142 -1.24 -29.55 -15.39
C SER E 142 -0.98 -31.04 -15.11
N PRO E 143 -1.31 -31.53 -13.90
CA PRO E 143 -1.13 -32.98 -13.68
C PRO E 143 -1.94 -33.85 -14.63
N ILE E 144 -3.15 -33.39 -14.98
CA ILE E 144 -3.99 -34.10 -15.94
C ILE E 144 -3.36 -34.03 -17.34
N LEU E 145 -2.90 -32.84 -17.72
CA LEU E 145 -2.30 -32.62 -19.04
C LEU E 145 -1.05 -33.46 -19.25
N GLU E 146 -0.25 -33.60 -18.20
CA GLU E 146 0.97 -34.41 -18.20
C GLU E 146 0.74 -35.84 -18.66
N LEU E 147 -0.48 -36.32 -18.39
CA LEU E 147 -0.84 -37.72 -18.60
C LEU E 147 -1.67 -37.89 -19.85
N HIS E 148 -2.04 -36.77 -20.47
CA HIS E 148 -2.93 -36.78 -21.62
C HIS E 148 -2.20 -37.00 -22.96
N SER E 149 -2.95 -37.46 -23.96
CA SER E 149 -2.44 -37.74 -25.31
C SER E 149 -2.41 -36.49 -26.21
N GLU E 150 -3.00 -35.39 -25.74
CA GLU E 150 -2.99 -34.11 -26.46
C GLU E 150 -2.35 -33.04 -25.57
N ASP E 151 -1.88 -31.96 -26.20
CA ASP E 151 -1.29 -30.83 -25.48
C ASP E 151 -2.33 -29.88 -24.87
N THR E 152 -3.60 -30.11 -25.21
CA THR E 152 -4.70 -29.31 -24.66
C THR E 152 -5.77 -30.20 -24.02
N LEU E 153 -6.54 -29.62 -23.10
CA LEU E 153 -7.72 -30.29 -22.55
C LEU E 153 -8.98 -29.61 -23.06
N GLN E 154 -9.92 -30.41 -23.54
CA GLN E 154 -11.21 -29.91 -24.00
C GLN E 154 -12.28 -30.22 -22.95
N MET E 155 -12.80 -29.17 -22.36
CA MET E 155 -13.82 -29.26 -21.34
C MET E 155 -15.06 -28.57 -21.88
N ASP E 156 -15.80 -29.33 -22.68
CA ASP E 156 -16.92 -28.79 -23.45
C ASP E 156 -18.20 -29.17 -22.78
N GLY E 157 -18.90 -28.15 -22.27
CA GLY E 157 -20.13 -28.35 -21.56
C GLY E 157 -19.90 -29.18 -20.31
N HIS E 158 -20.38 -30.41 -20.34
CA HIS E 158 -20.50 -31.21 -19.11
C HIS E 158 -19.58 -32.41 -19.07
N ILE E 159 -18.55 -32.40 -19.92
CA ILE E 159 -17.60 -33.49 -19.95
C ILE E 159 -16.16 -32.99 -20.10
N LEU E 160 -15.29 -33.49 -19.22
CA LEU E 160 -13.86 -33.45 -19.44
C LEU E 160 -13.45 -34.90 -19.71
N ASP E 161 -12.82 -35.12 -20.86
CA ASP E 161 -12.28 -36.44 -21.18
C ASP E 161 -10.80 -36.32 -21.52
N SER E 162 -9.98 -37.05 -20.77
CA SER E 162 -8.55 -37.10 -21.02
C SER E 162 -8.12 -38.57 -20.93
N LYS E 163 -6.85 -38.85 -21.23
CA LYS E 163 -6.36 -40.23 -21.25
C LYS E 163 -6.51 -40.96 -19.90
N ARG E 164 -6.20 -40.26 -18.81
CA ARG E 164 -6.16 -40.90 -17.49
C ARG E 164 -7.23 -40.43 -16.52
N TYR E 165 -8.02 -39.44 -16.92
CA TYR E 165 -8.99 -38.78 -16.03
C TYR E 165 -10.16 -38.22 -16.83
N ALA E 166 -11.38 -38.51 -16.37
CA ALA E 166 -12.59 -38.00 -17.01
C ALA E 166 -13.62 -37.57 -15.97
N VAL E 167 -14.30 -36.47 -16.24
CA VAL E 167 -15.39 -35.99 -15.37
C VAL E 167 -16.65 -35.87 -16.22
N ILE E 168 -17.72 -36.51 -15.77
CA ILE E 168 -18.92 -36.65 -16.57
C ILE E 168 -20.14 -36.10 -15.87
N GLY E 169 -20.81 -35.17 -16.55
CA GLY E 169 -22.08 -34.64 -16.08
C GLY E 169 -23.22 -35.55 -16.46
N ALA E 170 -23.78 -36.24 -15.47
CA ALA E 170 -24.90 -37.16 -15.69
C ALA E 170 -25.70 -37.38 -14.41
N ASP E 171 -27.00 -37.60 -14.56
CA ASP E 171 -27.86 -37.93 -13.44
C ASP E 171 -27.79 -39.43 -13.16
N LEU E 172 -27.34 -39.79 -11.95
CA LEU E 172 -27.19 -41.20 -11.56
C LEU E 172 -28.50 -41.99 -11.57
N ARG E 173 -29.62 -41.28 -11.66
CA ARG E 173 -30.93 -41.91 -11.74
C ARG E 173 -31.35 -42.19 -13.20
N ASP E 174 -30.53 -41.77 -14.16
CA ASP E 174 -30.75 -42.03 -15.59
C ASP E 174 -29.65 -42.97 -16.10
N LEU E 175 -29.87 -44.26 -15.90
CA LEU E 175 -28.83 -45.25 -16.14
C LEU E 175 -28.40 -45.37 -17.59
N SER E 176 -29.33 -45.20 -18.53
CA SER E 176 -28.96 -45.30 -19.94
C SER E 176 -28.09 -44.11 -20.37
N GLU E 177 -28.40 -42.91 -19.88
CA GLU E 177 -27.54 -41.75 -20.07
C GLU E 177 -26.15 -41.96 -19.45
N LEU E 178 -26.13 -42.47 -18.21
CA LEU E 178 -24.90 -42.70 -17.48
C LEU E 178 -23.99 -43.65 -18.26
N GLU E 179 -24.53 -44.78 -18.71
CA GLU E 179 -23.75 -45.76 -19.45
C GLU E 179 -23.18 -45.23 -20.77
N GLU E 180 -24.03 -44.56 -21.55
CA GLU E 180 -23.61 -43.99 -22.84
C GLU E 180 -22.44 -43.02 -22.66
N LYS E 181 -22.53 -42.14 -21.67
CA LYS E 181 -21.50 -41.13 -21.47
C LYS E 181 -20.17 -41.73 -21.00
N LEU E 182 -20.25 -42.67 -20.07
CA LEU E 182 -19.06 -43.41 -19.63
C LEU E 182 -18.42 -44.15 -20.81
N LYS E 183 -19.24 -44.79 -21.63
CA LYS E 183 -18.71 -45.50 -22.80
C LYS E 183 -18.09 -44.55 -23.81
N LYS E 184 -18.68 -43.38 -24.00
CA LYS E 184 -18.10 -42.37 -24.89
C LYS E 184 -16.74 -41.84 -24.39
N CYS E 185 -16.52 -41.93 -23.07
CA CYS E 185 -15.24 -41.60 -22.48
C CYS E 185 -14.38 -42.85 -22.27
N ASN E 186 -14.72 -43.89 -23.02
CA ASN E 186 -13.89 -45.08 -23.15
C ASN E 186 -13.70 -45.86 -21.84
N MET E 187 -14.75 -45.91 -21.05
CA MET E 187 -14.78 -46.84 -19.93
C MET E 187 -14.77 -48.26 -20.48
N ASN E 188 -13.90 -49.09 -19.92
CA ASN E 188 -13.71 -50.43 -20.43
C ASN E 188 -14.24 -51.45 -19.42
N THR E 189 -15.36 -52.09 -19.74
CA THR E 189 -16.01 -53.04 -18.82
C THR E 189 -15.20 -54.33 -18.63
N GLN E 190 -14.14 -54.51 -19.42
CA GLN E 190 -13.28 -55.68 -19.30
C GLN E 190 -12.10 -55.49 -18.33
N LEU E 191 -12.05 -54.33 -17.67
CA LEU E 191 -11.03 -54.10 -16.64
C LEU E 191 -11.65 -54.24 -15.24
N PRO E 192 -10.88 -54.75 -14.25
CA PRO E 192 -11.37 -54.70 -12.88
C PRO E 192 -11.66 -53.25 -12.53
N THR E 193 -12.84 -52.98 -11.98
CA THR E 193 -13.28 -51.60 -11.76
C THR E 193 -13.79 -51.39 -10.34
N LEU E 194 -13.32 -50.33 -9.69
CA LEU E 194 -13.78 -49.95 -8.38
C LEU E 194 -14.74 -48.77 -8.49
N LEU E 195 -15.95 -48.94 -7.98
CA LEU E 195 -16.94 -47.87 -7.98
C LEU E 195 -17.15 -47.40 -6.55
N ILE E 196 -17.25 -46.09 -6.40
CA ILE E 196 -17.30 -45.47 -5.10
C ILE E 196 -18.52 -44.58 -5.02
N ALA E 197 -19.31 -44.75 -3.95
CA ALA E 197 -20.39 -43.84 -3.68
C ALA E 197 -20.22 -43.36 -2.24
N GLU E 198 -19.60 -42.19 -2.07
CA GLU E 198 -19.32 -41.68 -0.72
C GLU E 198 -20.33 -40.59 -0.36
N CYS E 199 -21.27 -40.95 0.51
CA CYS E 199 -22.39 -40.10 0.91
C CYS E 199 -23.23 -39.64 -0.30
N VAL E 200 -23.75 -40.60 -1.07
CA VAL E 200 -24.43 -40.32 -2.33
C VAL E 200 -25.77 -41.08 -2.45
N LEU E 201 -25.75 -42.39 -2.17
CA LEU E 201 -26.92 -43.26 -2.37
C LEU E 201 -28.13 -42.84 -1.53
N VAL E 202 -27.85 -42.25 -0.38
CA VAL E 202 -28.89 -41.79 0.53
C VAL E 202 -29.77 -40.65 -0.05
N TYR E 203 -29.28 -39.98 -1.09
CA TYR E 203 -30.05 -38.90 -1.71
C TYR E 203 -31.05 -39.33 -2.79
N MET E 204 -30.99 -40.59 -3.20
CA MET E 204 -31.92 -41.12 -4.19
C MET E 204 -32.82 -42.17 -3.54
N THR E 205 -33.91 -42.56 -4.22
CA THR E 205 -34.86 -43.53 -3.65
C THR E 205 -34.20 -44.92 -3.54
N PRO E 206 -34.72 -45.79 -2.63
CA PRO E 206 -34.12 -47.12 -2.55
C PRO E 206 -34.15 -47.85 -3.88
N GLU E 207 -35.18 -47.60 -4.69
CA GLU E 207 -35.28 -48.18 -6.02
C GLU E 207 -34.15 -47.71 -6.94
N GLN E 208 -33.90 -46.40 -6.94
CA GLN E 208 -32.86 -45.80 -7.78
C GLN E 208 -31.45 -46.28 -7.41
N SER E 209 -31.16 -46.37 -6.12
CA SER E 209 -29.84 -46.85 -5.68
C SER E 209 -29.68 -48.34 -5.95
N ALA E 210 -30.73 -49.13 -5.68
CA ALA E 210 -30.70 -50.55 -6.03
C ALA E 210 -30.43 -50.71 -7.53
N ASN E 211 -31.13 -49.93 -8.36
CA ASN E 211 -30.93 -50.00 -9.81
C ASN E 211 -29.52 -49.64 -10.25
N LEU E 212 -28.93 -48.65 -9.61
CA LEU E 212 -27.54 -48.27 -9.87
C LEU E 212 -26.55 -49.39 -9.50
N LEU E 213 -26.75 -49.98 -8.33
CA LEU E 213 -25.90 -51.08 -7.87
C LEU E 213 -26.00 -52.30 -8.79
N LYS E 214 -27.23 -52.61 -9.20
CA LYS E 214 -27.49 -53.68 -10.15
C LYS E 214 -26.86 -53.40 -11.53
N TRP E 215 -26.96 -52.15 -12.00
CA TRP E 215 -26.34 -51.76 -13.26
C TRP E 215 -24.83 -51.96 -13.20
N ALA E 216 -24.23 -51.53 -12.09
CA ALA E 216 -22.79 -51.71 -11.90
C ALA E 216 -22.41 -53.20 -11.88
N ALA E 217 -23.17 -54.00 -11.14
CA ALA E 217 -22.90 -55.44 -11.09
C ALA E 217 -23.02 -56.09 -12.46
N ASN E 218 -24.06 -55.71 -13.21
CA ASN E 218 -24.27 -56.28 -14.55
C ASN E 218 -23.24 -55.82 -15.56
N SER E 219 -22.63 -54.65 -15.33
CA SER E 219 -21.69 -54.08 -16.30
C SER E 219 -20.29 -54.63 -16.18
N PHE E 220 -19.90 -55.05 -14.97
CA PHE E 220 -18.51 -55.45 -14.70
C PHE E 220 -18.40 -56.86 -14.10
N GLU E 221 -17.67 -57.73 -14.80
CA GLU E 221 -17.39 -59.09 -14.34
C GLU E 221 -16.52 -59.09 -13.06
N ARG E 222 -15.53 -58.20 -13.03
CA ARG E 222 -14.60 -58.12 -11.89
C ARG E 222 -14.67 -56.70 -11.31
N ALA E 223 -15.14 -56.58 -10.08
CA ALA E 223 -15.42 -55.25 -9.53
C ALA E 223 -15.51 -55.19 -8.02
N MET E 224 -15.43 -53.97 -7.51
CA MET E 224 -15.63 -53.69 -6.10
C MET E 224 -16.47 -52.43 -6.04
N PHE E 225 -17.35 -52.38 -5.04
CA PHE E 225 -18.16 -51.20 -4.81
C PHE E 225 -17.95 -50.74 -3.36
N ILE E 226 -17.64 -49.45 -3.19
CA ILE E 226 -17.56 -48.87 -1.84
C ILE E 226 -18.76 -47.94 -1.64
N ASN E 227 -19.46 -48.12 -0.54
CA ASN E 227 -20.52 -47.19 -0.14
C ASN E 227 -20.27 -46.69 1.28
N TYR E 228 -20.23 -45.37 1.44
CA TYR E 228 -20.15 -44.74 2.75
C TYR E 228 -21.41 -43.93 2.93
N GLU E 229 -22.10 -44.12 4.05
CA GLU E 229 -23.24 -43.27 4.40
C GLU E 229 -23.76 -43.59 5.79
N GLN E 230 -24.91 -43.00 6.12
CA GLN E 230 -25.51 -43.14 7.44
C GLN E 230 -25.94 -44.59 7.72
N VAL E 231 -26.07 -44.93 9.00
CA VAL E 231 -26.50 -46.26 9.39
C VAL E 231 -27.23 -46.16 10.73
N ASN E 232 -28.00 -47.19 11.12
CA ASN E 232 -28.73 -47.18 12.39
C ASN E 232 -29.67 -45.97 12.54
N MET E 233 -30.31 -45.58 11.43
CA MET E 233 -31.04 -44.31 11.37
C MET E 233 -32.45 -44.33 11.95
N GLY E 234 -32.87 -45.51 12.41
CA GLY E 234 -34.21 -45.70 12.96
C GLY E 234 -34.31 -45.39 14.44
N ASP E 235 -33.17 -45.31 15.12
CA ASP E 235 -33.19 -45.05 16.56
C ASP E 235 -33.37 -43.56 16.88
N ARG E 236 -33.36 -43.23 18.17
CA ARG E 236 -33.66 -41.87 18.61
C ARG E 236 -32.65 -40.84 18.11
N PHE E 237 -31.36 -41.18 18.15
CA PHE E 237 -30.32 -40.29 17.66
C PHE E 237 -30.42 -40.13 16.14
N GLY E 238 -30.77 -41.21 15.45
CA GLY E 238 -30.99 -41.15 14.00
C GLY E 238 -32.06 -40.13 13.60
N GLN E 239 -33.15 -40.09 14.37
CA GLN E 239 -34.25 -39.17 14.12
C GLN E 239 -33.83 -37.70 14.24
N ILE E 240 -32.94 -37.44 15.19
CA ILE E 240 -32.35 -36.12 15.35
C ILE E 240 -31.50 -35.75 14.14
N MET E 241 -30.67 -36.68 13.68
CA MET E 241 -29.86 -36.47 12.48
C MET E 241 -30.73 -36.10 11.29
N ILE E 242 -31.79 -36.88 11.08
CA ILE E 242 -32.68 -36.72 9.93
C ILE E 242 -33.35 -35.34 9.89
N GLU E 243 -33.89 -34.92 11.03
CA GLU E 243 -34.62 -33.64 11.10
C GLU E 243 -33.67 -32.47 10.93
N ASN E 244 -32.50 -32.56 11.55
CA ASN E 244 -31.44 -31.57 11.41
C ASN E 244 -30.99 -31.39 9.95
N LEU E 245 -30.90 -32.50 9.22
CA LEU E 245 -30.64 -32.43 7.78
C LEU E 245 -31.77 -31.71 7.04
N ARG E 246 -33.01 -31.93 7.49
CA ARG E 246 -34.17 -31.24 6.95
C ARG E 246 -34.12 -29.72 7.19
N ARG E 247 -33.49 -29.30 8.28
CA ARG E 247 -33.26 -27.88 8.56
C ARG E 247 -32.40 -27.22 7.48
N ARG E 248 -31.55 -28.03 6.84
CA ARG E 248 -30.71 -27.60 5.73
C ARG E 248 -31.39 -27.86 4.39
N GLN E 249 -32.71 -28.02 4.42
CA GLN E 249 -33.55 -28.27 3.24
C GLN E 249 -33.17 -29.58 2.52
N CYS E 250 -32.53 -30.47 3.26
CA CYS E 250 -31.92 -31.65 2.68
C CYS E 250 -32.62 -32.94 3.14
N ASP E 251 -33.40 -33.52 2.24
CA ASP E 251 -34.13 -34.76 2.50
C ASP E 251 -33.26 -35.96 2.15
N LEU E 252 -33.41 -37.06 2.90
CA LEU E 252 -32.71 -38.30 2.62
C LEU E 252 -33.68 -39.31 2.03
N ALA E 253 -33.88 -39.22 0.72
CA ALA E 253 -34.79 -40.12 0.00
C ALA E 253 -34.51 -41.60 0.25
N GLY E 254 -33.25 -41.95 0.51
CA GLY E 254 -32.87 -43.36 0.67
C GLY E 254 -32.62 -43.84 2.09
N VAL E 255 -33.11 -43.08 3.08
CA VAL E 255 -32.83 -43.34 4.50
C VAL E 255 -33.28 -44.74 4.98
N GLU E 256 -34.30 -45.29 4.34
CA GLU E 256 -34.82 -46.64 4.63
C GLU E 256 -33.71 -47.71 4.61
N THR E 257 -32.81 -47.62 3.64
CA THR E 257 -31.69 -48.57 3.51
C THR E 257 -30.58 -48.35 4.55
N CYS E 258 -30.65 -47.22 5.25
CA CYS E 258 -29.73 -46.89 6.33
C CYS E 258 -30.20 -47.42 7.70
N LYS E 259 -31.16 -48.34 7.69
CA LYS E 259 -31.69 -48.89 8.95
C LYS E 259 -30.60 -49.58 9.78
N SER E 260 -29.76 -50.38 9.12
CA SER E 260 -28.75 -51.15 9.86
C SER E 260 -27.61 -51.56 8.95
N LEU E 261 -26.53 -52.08 9.55
CA LEU E 261 -25.45 -52.65 8.74
C LEU E 261 -25.99 -53.80 7.89
N GLU E 262 -26.99 -54.51 8.43
CA GLU E 262 -27.61 -55.63 7.72
C GLU E 262 -28.36 -55.14 6.47
N SER E 263 -29.09 -54.05 6.59
CA SER E 263 -29.84 -53.52 5.44
C SER E 263 -28.87 -52.99 4.36
N GLN E 264 -27.73 -52.45 4.81
CA GLN E 264 -26.69 -51.99 3.89
C GLN E 264 -26.06 -53.15 3.11
N LYS E 265 -25.70 -54.22 3.82
CA LYS E 265 -25.17 -55.42 3.17
C LYS E 265 -26.19 -56.08 2.25
N GLU E 266 -27.45 -56.13 2.69
CA GLU E 266 -28.50 -56.81 1.91
C GLU E 266 -28.71 -56.10 0.57
N ARG E 267 -28.66 -54.78 0.58
CA ARG E 267 -28.80 -54.00 -0.65
C ARG E 267 -27.73 -54.37 -1.69
N LEU E 268 -26.53 -54.69 -1.22
CA LEU E 268 -25.44 -55.07 -2.10
C LEU E 268 -25.63 -56.50 -2.62
N LEU E 269 -25.90 -57.44 -1.71
CA LEU E 269 -26.05 -58.85 -2.10
C LEU E 269 -27.25 -59.11 -3.02
N SER E 270 -28.36 -58.42 -2.76
CA SER E 270 -29.58 -58.59 -3.54
C SER E 270 -29.50 -57.94 -4.92
N ASN E 271 -28.51 -57.08 -5.13
CA ASN E 271 -28.36 -56.40 -6.40
C ASN E 271 -27.13 -56.79 -7.21
N GLY E 272 -26.78 -58.07 -7.16
CA GLY E 272 -25.78 -58.66 -8.06
C GLY E 272 -24.37 -58.81 -7.55
N TRP E 273 -24.11 -58.34 -6.34
CA TRP E 273 -22.77 -58.43 -5.74
C TRP E 273 -22.59 -59.73 -4.98
N GLU E 274 -21.38 -60.28 -5.00
CA GLU E 274 -21.10 -61.62 -4.45
C GLU E 274 -20.63 -61.62 -2.99
N THR E 275 -19.94 -60.56 -2.58
CA THR E 275 -19.54 -60.41 -1.18
C THR E 275 -20.05 -59.05 -0.70
N ALA E 276 -20.33 -58.94 0.59
CA ALA E 276 -20.66 -57.65 1.19
C ALA E 276 -20.13 -57.60 2.63
N SER E 277 -19.32 -56.58 2.90
CA SER E 277 -18.81 -56.31 4.23
C SER E 277 -19.26 -54.93 4.66
N ALA E 278 -19.42 -54.74 5.95
CA ALA E 278 -19.81 -53.44 6.47
C ALA E 278 -19.34 -53.29 7.89
N VAL E 279 -18.89 -52.08 8.21
CA VAL E 279 -18.46 -51.76 9.55
C VAL E 279 -19.00 -50.37 9.89
N ASP E 280 -19.41 -50.17 11.14
CA ASP E 280 -19.77 -48.81 11.53
C ASP E 280 -18.49 -48.04 11.85
N MET E 281 -18.58 -46.71 11.83
CA MET E 281 -17.36 -45.90 11.89
C MET E 281 -16.70 -45.86 13.26
N MET E 282 -17.45 -46.18 14.33
CA MET E 282 -16.83 -46.33 15.66
C MET E 282 -15.87 -47.51 15.73
N GLU E 283 -16.30 -48.66 15.19
CA GLU E 283 -15.41 -49.82 15.14
C GLU E 283 -14.20 -49.50 14.28
N LEU E 284 -14.42 -48.91 13.12
CA LEU E 284 -13.30 -48.53 12.25
C LEU E 284 -12.32 -47.62 13.02
N TYR E 285 -12.87 -46.61 13.67
CA TYR E 285 -12.09 -45.65 14.47
C TYR E 285 -11.30 -46.37 15.56
N ASN E 286 -11.97 -47.28 16.27
CA ASN E 286 -11.34 -48.09 17.31
C ASN E 286 -10.23 -48.98 16.81
N ARG E 287 -10.28 -49.33 15.52
CA ARG E 287 -9.29 -50.23 14.92
C ARG E 287 -8.17 -49.53 14.13
N LEU E 288 -8.17 -48.20 14.10
CA LEU E 288 -7.09 -47.42 13.47
C LEU E 288 -5.75 -47.72 14.15
N PRO E 289 -4.63 -47.57 13.40
CA PRO E 289 -3.30 -47.65 14.01
C PRO E 289 -3.21 -46.65 15.16
N ARG E 290 -2.59 -47.06 16.27
CA ARG E 290 -2.53 -46.24 17.48
C ARG E 290 -1.92 -44.85 17.26
N ALA E 291 -0.86 -44.77 16.46
CA ALA E 291 -0.16 -43.50 16.17
C ALA E 291 -1.01 -42.50 15.38
N GLU E 292 -1.88 -43.02 14.51
CA GLU E 292 -2.82 -42.20 13.75
C GLU E 292 -3.91 -41.61 14.64
N VAL E 293 -4.46 -42.44 15.51
CA VAL E 293 -5.45 -42.03 16.52
C VAL E 293 -4.88 -40.97 17.47
N SER E 294 -3.67 -41.20 17.97
CA SER E 294 -3.06 -40.23 18.88
C SER E 294 -2.82 -38.90 18.18
N ARG E 295 -2.40 -38.94 16.92
CA ARG E 295 -2.15 -37.73 16.15
C ARG E 295 -3.41 -36.89 15.97
N ILE E 296 -4.50 -37.48 15.48
CA ILE E 296 -5.71 -36.70 15.21
C ILE E 296 -6.40 -36.25 16.50
N GLU E 297 -6.31 -37.07 17.54
CA GLU E 297 -6.90 -36.70 18.83
C GLU E 297 -6.15 -35.52 19.47
N SER E 298 -4.87 -35.39 19.17
CA SER E 298 -4.08 -34.25 19.67
C SER E 298 -4.40 -32.93 18.94
N LEU E 299 -5.14 -33.01 17.83
CA LEU E 299 -5.45 -31.84 17.04
C LEU E 299 -6.50 -30.92 17.69
N GLU E 300 -7.50 -31.52 18.33
CA GLU E 300 -8.58 -30.76 18.96
C GLU E 300 -8.99 -31.34 20.31
N PHE E 301 -9.31 -30.44 21.24
CA PHE E 301 -9.76 -30.83 22.58
C PHE E 301 -11.19 -31.33 22.58
N LEU E 302 -11.37 -32.54 23.10
CA LEU E 302 -12.69 -33.11 23.29
C LEU E 302 -12.82 -33.62 24.73
N ASP E 303 -13.76 -33.06 25.48
CA ASP E 303 -13.86 -33.34 26.90
C ASP E 303 -14.70 -34.57 27.20
N GLU E 304 -15.80 -34.73 26.45
CA GLU E 304 -16.74 -35.83 26.63
C GLU E 304 -16.76 -36.67 25.36
N MET E 305 -16.92 -37.98 25.50
CA MET E 305 -16.83 -38.93 24.38
C MET E 305 -18.17 -39.40 23.84
N GLU E 306 -19.26 -39.01 24.50
CA GLU E 306 -20.59 -39.53 24.19
C GLU E 306 -21.10 -39.17 22.80
N LEU E 307 -20.94 -37.90 22.41
CA LEU E 307 -21.39 -37.44 21.09
C LEU E 307 -20.57 -38.10 20.00
N LEU E 308 -19.25 -38.23 20.22
CA LEU E 308 -18.37 -38.93 19.29
C LEU E 308 -18.88 -40.34 19.03
N GLU E 309 -19.14 -41.08 20.10
CA GLU E 309 -19.60 -42.48 19.99
C GLU E 309 -20.88 -42.55 19.16
N GLN E 310 -21.84 -41.69 19.47
CA GLN E 310 -23.13 -41.70 18.77
C GLN E 310 -23.01 -41.37 17.29
N LEU E 311 -22.27 -40.32 16.97
CA LEU E 311 -22.07 -39.95 15.58
C LEU E 311 -21.37 -41.06 14.80
N MET E 312 -20.31 -41.62 15.38
CA MET E 312 -19.52 -42.68 14.71
C MET E 312 -20.35 -43.96 14.50
N ARG E 313 -21.22 -44.25 15.45
CA ARG E 313 -22.13 -45.40 15.34
C ARG E 313 -23.25 -45.20 14.33
N HIS E 314 -23.38 -43.99 13.80
CA HIS E 314 -24.42 -43.73 12.80
C HIS E 314 -23.91 -43.46 11.38
N TYR E 315 -22.67 -43.83 11.12
CA TYR E 315 -22.15 -43.89 9.75
C TYR E 315 -21.48 -45.22 9.57
N CYS E 316 -21.47 -45.69 8.32
CA CYS E 316 -20.87 -46.96 8.00
C CYS E 316 -20.05 -46.90 6.72
N LEU E 317 -19.11 -47.83 6.63
CA LEU E 317 -18.33 -48.05 5.42
C LEU E 317 -18.63 -49.46 4.97
N CYS E 318 -19.13 -49.59 3.74
CA CYS E 318 -19.51 -50.89 3.20
C CYS E 318 -18.77 -51.11 1.91
N TRP E 319 -18.46 -52.36 1.62
CA TRP E 319 -17.80 -52.68 0.37
C TRP E 319 -18.23 -54.05 -0.10
N ALA E 320 -18.45 -54.16 -1.41
CA ALA E 320 -18.86 -55.40 -2.07
C ALA E 320 -17.86 -55.74 -3.17
N THR E 321 -17.76 -57.03 -3.49
CA THR E 321 -16.95 -57.46 -4.62
C THR E 321 -17.71 -58.51 -5.45
N LYS E 322 -17.28 -58.66 -6.70
CA LYS E 322 -17.76 -59.74 -7.56
C LYS E 322 -16.64 -60.17 -8.51
N GLY E 323 -16.62 -61.45 -8.84
CA GLY E 323 -15.63 -62.00 -9.79
C GLY E 323 -14.17 -61.84 -9.42
N GLY E 324 -13.90 -61.62 -8.13
CA GLY E 324 -12.56 -61.23 -7.69
C GLY E 324 -11.61 -62.28 -7.17
N ASN E 325 -11.99 -63.55 -7.22
CA ASN E 325 -11.17 -64.60 -6.61
C ASN E 325 -9.74 -64.72 -7.13
N GLU E 326 -9.55 -64.53 -8.44
CA GLU E 326 -8.18 -64.56 -9.00
C GLU E 326 -7.30 -63.47 -8.38
N LEU E 327 -7.88 -62.30 -8.21
CA LEU E 327 -7.19 -61.13 -7.68
C LEU E 327 -7.14 -61.09 -6.15
N GLY E 328 -8.03 -61.86 -5.52
CA GLY E 328 -8.17 -61.87 -4.06
C GLY E 328 -8.92 -60.66 -3.51
N LEU E 329 -9.89 -60.17 -4.27
CA LEU E 329 -10.67 -58.98 -3.88
C LEU E 329 -11.46 -59.20 -2.58
N LYS E 330 -11.96 -60.42 -2.37
CA LYS E 330 -12.73 -60.70 -1.15
C LYS E 330 -11.89 -60.57 0.14
N GLU E 331 -10.56 -60.48 0.01
CA GLU E 331 -9.70 -60.34 1.19
C GLU E 331 -9.41 -58.89 1.59
N ILE E 332 -9.72 -57.95 0.70
CA ILE E 332 -9.52 -56.53 0.97
C ILE E 332 -10.29 -56.11 2.23
N THR E 333 -9.64 -55.29 3.05
CA THR E 333 -10.30 -54.71 4.22
C THR E 333 -9.76 -53.31 4.49
N TYR E 334 -10.37 -52.62 5.45
CA TYR E 334 -10.03 -51.23 5.76
C TYR E 334 -8.80 -51.14 6.67
N GLY F 25 -19.65 -23.15 -30.40
CA GLY F 25 -19.35 -22.02 -31.32
C GLY F 25 -19.33 -20.66 -30.64
N VAL F 26 -20.19 -20.50 -29.62
CA VAL F 26 -20.43 -19.21 -28.97
C VAL F 26 -20.04 -19.19 -27.49
N ARG F 27 -20.22 -20.30 -26.78
CA ARG F 27 -19.91 -20.33 -25.35
C ARG F 27 -18.41 -20.15 -25.04
N GLY F 28 -17.55 -20.62 -25.94
CA GLY F 28 -16.09 -20.43 -25.82
C GLY F 28 -15.63 -18.98 -25.82
N THR F 29 -16.52 -18.07 -26.20
CA THR F 29 -16.17 -16.66 -26.34
C THR F 29 -16.00 -15.97 -24.99
N CYS F 30 -16.78 -16.38 -24.00
CA CYS F 30 -16.62 -15.87 -22.63
C CYS F 30 -15.17 -16.08 -22.16
N GLU F 31 -14.67 -17.29 -22.28
CA GLU F 31 -13.29 -17.62 -21.88
C GLU F 31 -12.25 -16.77 -22.63
N ASP F 32 -12.39 -16.66 -23.95
CA ASP F 32 -11.46 -15.87 -24.77
C ASP F 32 -11.42 -14.41 -24.34
N ALA F 33 -12.59 -13.81 -24.16
CA ALA F 33 -12.70 -12.42 -23.68
C ALA F 33 -12.01 -12.25 -22.34
N SER F 34 -12.29 -13.15 -21.40
CA SER F 34 -11.72 -13.00 -20.06
C SER F 34 -10.21 -13.27 -20.05
N LEU F 35 -9.76 -14.22 -20.88
CA LEU F 35 -8.32 -14.49 -20.99
C LEU F 35 -7.59 -13.24 -21.49
N CYS F 36 -8.16 -12.61 -22.53
CA CYS F 36 -7.52 -11.44 -23.12
C CYS F 36 -7.54 -10.27 -22.15
N LYS F 37 -8.64 -10.09 -21.44
CA LYS F 37 -8.73 -9.00 -20.48
C LYS F 37 -7.74 -9.16 -19.33
N ARG F 38 -7.67 -10.35 -18.74
CA ARG F 38 -6.70 -10.54 -17.65
C ARG F 38 -5.26 -10.35 -18.11
N PHE F 39 -4.93 -10.86 -19.30
CA PHE F 39 -3.59 -10.67 -19.89
C PHE F 39 -3.22 -9.18 -19.99
N ALA F 40 -4.12 -8.39 -20.58
CA ALA F 40 -3.92 -6.94 -20.71
C ALA F 40 -3.78 -6.27 -19.36
N VAL F 41 -4.60 -6.67 -18.40
CA VAL F 41 -4.51 -6.14 -17.02
C VAL F 41 -3.13 -6.42 -16.40
N SER F 42 -2.63 -7.64 -16.62
CA SER F 42 -1.36 -8.07 -16.03
C SER F 42 -0.18 -7.24 -16.53
N ILE F 43 -0.29 -6.79 -17.77
CA ILE F 43 0.69 -5.89 -18.38
C ILE F 43 0.56 -4.44 -17.88
N GLY F 44 -0.63 -4.07 -17.40
CA GLY F 44 -0.84 -2.73 -16.86
C GLY F 44 -1.80 -1.83 -17.62
N TYR F 45 -2.51 -2.37 -18.61
CA TYR F 45 -3.39 -1.53 -19.44
C TYR F 45 -4.50 -0.84 -18.65
N TRP F 46 -5.09 -1.56 -17.69
CA TRP F 46 -6.04 -0.93 -16.77
C TRP F 46 -6.00 -1.67 -15.45
N HIS F 47 -6.64 -1.10 -14.44
CA HIS F 47 -6.62 -1.69 -13.10
C HIS F 47 -7.87 -2.55 -12.90
N ASP F 48 -7.63 -3.81 -12.53
CA ASP F 48 -8.70 -4.75 -12.23
C ASP F 48 -8.20 -5.87 -11.31
N PRO F 49 -8.31 -5.67 -9.98
CA PRO F 49 -7.89 -6.68 -9.01
C PRO F 49 -8.83 -7.86 -8.90
N TYR F 50 -9.92 -7.87 -9.69
CA TYR F 50 -10.96 -8.90 -9.55
C TYR F 50 -10.90 -9.98 -10.61
N ILE F 51 -10.44 -9.62 -11.80
CA ILE F 51 -10.44 -10.57 -12.93
C ILE F 51 -9.64 -11.86 -12.66
N GLN F 52 -8.60 -11.77 -11.84
CA GLN F 52 -7.80 -12.95 -11.46
C GLN F 52 -8.65 -14.10 -10.89
N HIS F 53 -9.81 -13.78 -10.31
CA HIS F 53 -10.67 -14.80 -9.70
C HIS F 53 -11.55 -15.56 -10.67
N PHE F 54 -11.62 -15.11 -11.93
CA PHE F 54 -12.49 -15.74 -12.94
C PHE F 54 -11.77 -16.48 -14.08
N VAL F 55 -10.47 -16.30 -14.19
CA VAL F 55 -9.73 -16.83 -15.34
C VAL F 55 -8.24 -16.90 -15.03
N ARG F 56 -7.57 -17.86 -15.66
CA ARG F 56 -6.12 -18.04 -15.54
C ARG F 56 -5.41 -16.91 -16.27
N LEU F 57 -4.12 -16.75 -15.99
CA LEU F 57 -3.27 -15.80 -16.72
C LEU F 57 -2.58 -16.52 -17.87
N SER F 58 -2.93 -16.13 -19.10
CA SER F 58 -2.35 -16.70 -20.31
C SER F 58 -0.84 -16.43 -20.40
N LYS F 59 -0.09 -17.39 -20.94
CA LYS F 59 1.37 -17.25 -21.04
C LYS F 59 1.89 -17.23 -22.48
N GLU F 60 0.99 -17.30 -23.45
CA GLU F 60 1.38 -17.23 -24.86
C GLU F 60 1.69 -15.81 -25.33
N ARG F 61 2.51 -15.71 -26.38
CA ARG F 61 2.85 -14.42 -26.94
C ARG F 61 1.63 -13.84 -27.63
N LYS F 62 1.53 -12.52 -27.58
CA LYS F 62 0.37 -11.85 -28.11
C LYS F 62 0.80 -10.54 -28.74
N ALA F 63 0.17 -10.19 -29.85
CA ALA F 63 0.43 -8.91 -30.51
C ALA F 63 -0.02 -7.75 -29.61
N PRO F 64 0.87 -6.76 -29.39
CA PRO F 64 0.50 -5.56 -28.63
C PRO F 64 -0.75 -4.86 -29.18
N GLU F 65 -0.96 -4.93 -30.50
CA GLU F 65 -2.17 -4.38 -31.14
C GLU F 65 -3.44 -4.86 -30.46
N ILE F 66 -3.47 -6.13 -30.11
CA ILE F 66 -4.65 -6.73 -29.49
C ILE F 66 -4.88 -6.12 -28.11
N ASN F 67 -3.80 -5.98 -27.34
CA ASN F 67 -3.90 -5.43 -25.99
C ASN F 67 -4.36 -3.98 -26.03
N ARG F 68 -3.84 -3.22 -26.99
CA ARG F 68 -4.26 -1.84 -27.17
C ARG F 68 -5.74 -1.76 -27.57
N GLY F 69 -6.19 -2.69 -28.41
CA GLY F 69 -7.60 -2.75 -28.82
C GLY F 69 -8.52 -3.07 -27.64
N TYR F 70 -8.08 -4.01 -26.80
CA TYR F 70 -8.83 -4.29 -25.56
C TYR F 70 -8.90 -3.10 -24.63
N PHE F 71 -7.79 -2.36 -24.51
CA PHE F 71 -7.82 -1.14 -23.69
C PHE F 71 -8.83 -0.11 -24.20
N ALA F 72 -8.77 0.19 -25.50
CA ALA F 72 -9.69 1.18 -26.10
C ALA F 72 -11.15 0.78 -25.92
N ARG F 73 -11.42 -0.50 -26.09
CA ARG F 73 -12.74 -1.10 -25.88
C ARG F 73 -13.22 -0.86 -24.45
N VAL F 74 -12.41 -1.26 -23.49
CA VAL F 74 -12.78 -1.16 -22.07
C VAL F 74 -12.90 0.30 -21.64
N HIS F 75 -11.98 1.14 -22.11
CA HIS F 75 -12.04 2.58 -21.84
C HIS F 75 -13.30 3.22 -22.40
N GLY F 76 -13.59 2.96 -23.68
CA GLY F 76 -14.74 3.56 -24.35
C GLY F 76 -16.07 3.18 -23.70
N VAL F 77 -16.25 1.88 -23.45
CA VAL F 77 -17.44 1.39 -22.76
C VAL F 77 -17.58 2.02 -21.37
N SER F 78 -16.47 2.08 -20.64
CA SER F 78 -16.44 2.62 -19.27
C SER F 78 -16.81 4.11 -19.26
N GLN F 79 -16.26 4.90 -20.18
CA GLN F 79 -16.58 6.32 -20.28
C GLN F 79 -18.07 6.52 -20.47
N LEU F 80 -18.67 5.69 -21.33
CA LEU F 80 -20.11 5.75 -21.58
C LEU F 80 -20.96 5.37 -20.38
N ILE F 81 -20.53 4.34 -19.65
CA ILE F 81 -21.20 3.93 -18.41
C ILE F 81 -21.14 5.05 -17.36
N LYS F 82 -19.94 5.60 -17.16
CA LYS F 82 -19.74 6.68 -16.19
C LYS F 82 -20.54 7.95 -16.52
N ALA F 83 -20.65 8.28 -17.79
CA ALA F 83 -21.46 9.43 -18.25
C ALA F 83 -22.95 9.23 -17.92
N PHE F 84 -23.44 8.03 -18.16
CA PHE F 84 -24.80 7.67 -17.82
C PHE F 84 -25.05 7.79 -16.31
N LEU F 85 -24.13 7.25 -15.51
CA LEU F 85 -24.24 7.30 -14.05
C LEU F 85 -24.21 8.74 -13.50
N ARG F 86 -23.34 9.57 -14.08
CA ARG F 86 -23.31 11.01 -13.81
C ARG F 86 -24.65 11.70 -14.09
N LYS F 87 -25.22 11.47 -15.29
CA LYS F 87 -26.49 12.09 -15.70
C LYS F 87 -27.66 11.67 -14.80
N THR F 88 -27.65 10.42 -14.35
CA THR F 88 -28.75 9.90 -13.54
C THR F 88 -28.49 10.00 -12.05
N GLU F 89 -27.34 10.58 -11.68
CA GLU F 89 -26.87 10.60 -10.30
C GLU F 89 -26.99 9.20 -9.64
N CYS F 90 -26.69 8.16 -10.43
CA CYS F 90 -26.70 6.76 -9.97
C CYS F 90 -28.07 6.19 -9.60
N HIS F 91 -29.11 7.01 -9.77
CA HIS F 91 -30.50 6.57 -9.61
C HIS F 91 -30.94 5.96 -10.94
N CYS F 92 -30.62 4.68 -11.10
CA CYS F 92 -30.75 4.01 -12.38
C CYS F 92 -30.50 2.51 -12.27
N GLN F 93 -30.78 1.78 -13.35
CA GLN F 93 -30.37 0.37 -13.47
C GLN F 93 -29.36 0.19 -14.59
N ILE F 94 -28.45 -0.76 -14.39
CA ILE F 94 -27.56 -1.22 -15.47
C ILE F 94 -27.81 -2.69 -15.72
N VAL F 95 -27.97 -3.03 -16.98
CA VAL F 95 -28.15 -4.42 -17.40
C VAL F 95 -27.08 -4.78 -18.41
N ASN F 96 -26.15 -5.63 -18.00
CA ASN F 96 -25.09 -6.07 -18.91
C ASN F 96 -25.47 -7.42 -19.55
N LEU F 97 -25.80 -7.36 -20.83
CA LEU F 97 -26.29 -8.52 -21.58
C LEU F 97 -25.13 -9.29 -22.19
N GLY F 98 -25.06 -10.58 -21.93
CA GLY F 98 -23.87 -11.37 -22.30
C GLY F 98 -22.63 -10.91 -21.54
N ALA F 99 -22.77 -10.77 -20.21
CA ALA F 99 -21.74 -10.15 -19.39
C ALA F 99 -20.45 -10.96 -19.23
N GLY F 100 -20.50 -12.28 -19.47
CA GLY F 100 -19.32 -13.12 -19.29
C GLY F 100 -18.77 -12.97 -17.88
N MET F 101 -17.45 -12.89 -17.77
CA MET F 101 -16.77 -12.75 -16.48
C MET F 101 -16.43 -11.29 -16.19
N ASP F 102 -17.27 -10.38 -16.69
CA ASP F 102 -17.07 -8.94 -16.46
C ASP F 102 -17.03 -8.60 -14.97
N THR F 103 -16.17 -7.66 -14.59
CA THR F 103 -15.94 -7.29 -13.18
C THR F 103 -16.46 -5.88 -12.88
N THR F 104 -17.23 -5.32 -13.81
CA THR F 104 -17.66 -3.92 -13.76
C THR F 104 -18.34 -3.56 -12.43
N PHE F 105 -19.13 -4.48 -11.87
CA PHE F 105 -19.79 -4.22 -10.59
C PHE F 105 -18.81 -3.85 -9.48
N TRP F 106 -17.77 -4.66 -9.31
CA TRP F 106 -16.78 -4.45 -8.26
C TRP F 106 -15.95 -3.19 -8.52
N ARG F 107 -15.60 -2.95 -9.79
CA ARG F 107 -14.80 -1.78 -10.15
C ARG F 107 -15.57 -0.47 -9.95
N LEU F 108 -16.87 -0.48 -10.23
CA LEU F 108 -17.71 0.70 -10.00
C LEU F 108 -17.88 0.96 -8.51
N LYS F 109 -18.05 -0.13 -7.75
CA LYS F 109 -18.14 -0.05 -6.31
C LYS F 109 -16.91 0.64 -5.72
N ASP F 110 -15.73 0.24 -6.20
CA ASP F 110 -14.47 0.81 -5.77
C ASP F 110 -14.33 2.29 -6.08
N GLU F 111 -14.97 2.71 -7.18
CA GLU F 111 -15.00 4.12 -7.59
C GLU F 111 -16.15 4.89 -6.93
N ASP F 112 -16.90 4.20 -6.07
CA ASP F 112 -18.14 4.72 -5.44
C ASP F 112 -19.21 5.16 -6.46
N LEU F 113 -19.44 4.31 -7.45
CA LEU F 113 -20.36 4.62 -8.55
C LEU F 113 -21.47 3.59 -8.78
N LEU F 114 -21.95 2.97 -7.71
CA LEU F 114 -23.01 1.97 -7.80
C LEU F 114 -24.33 2.51 -8.34
N SER F 115 -24.91 1.80 -9.31
CA SER F 115 -26.29 2.05 -9.71
C SER F 115 -27.23 1.49 -8.64
N SER F 116 -28.52 1.79 -8.77
CA SER F 116 -29.53 1.27 -7.84
C SER F 116 -29.48 -0.25 -7.81
N LYS F 117 -29.45 -0.86 -8.98
CA LYS F 117 -29.20 -2.28 -9.08
C LYS F 117 -28.49 -2.56 -10.39
N TYR F 118 -27.54 -3.48 -10.32
CA TYR F 118 -26.72 -3.90 -11.45
C TYR F 118 -27.09 -5.34 -11.78
N PHE F 119 -27.47 -5.58 -13.04
CA PHE F 119 -27.90 -6.89 -13.50
C PHE F 119 -26.94 -7.41 -14.56
N GLU F 120 -26.58 -8.68 -14.49
CA GLU F 120 -25.83 -9.35 -15.55
C GLU F 120 -26.62 -10.53 -16.08
N VAL F 121 -26.51 -10.77 -17.38
CA VAL F 121 -27.21 -11.89 -18.03
C VAL F 121 -26.21 -12.63 -18.91
N ASP F 122 -26.21 -13.96 -18.82
CA ASP F 122 -25.45 -14.80 -19.74
C ASP F 122 -26.10 -16.19 -19.79
N PHE F 123 -25.55 -17.08 -20.60
CA PHE F 123 -26.05 -18.46 -20.64
C PHE F 123 -25.91 -19.12 -19.25
N PRO F 124 -26.87 -20.00 -18.89
CA PRO F 124 -26.79 -20.68 -17.60
C PRO F 124 -25.43 -21.27 -17.25
N MET F 125 -24.77 -21.90 -18.22
CA MET F 125 -23.46 -22.52 -17.96
C MET F 125 -22.41 -21.49 -17.52
N ILE F 126 -22.37 -20.37 -18.22
CA ILE F 126 -21.46 -19.27 -17.89
C ILE F 126 -21.77 -18.72 -16.51
N VAL F 127 -23.06 -18.49 -16.24
CA VAL F 127 -23.49 -17.99 -14.93
C VAL F 127 -23.10 -18.97 -13.82
N THR F 128 -23.24 -20.28 -14.09
CA THR F 128 -22.83 -21.30 -13.13
C THR F 128 -21.35 -21.17 -12.78
N ARG F 129 -20.52 -20.96 -13.81
CA ARG F 129 -19.09 -20.77 -13.61
C ARG F 129 -18.81 -19.51 -12.79
N LYS F 130 -19.48 -18.42 -13.15
CA LYS F 130 -19.26 -17.13 -12.49
C LYS F 130 -19.65 -17.18 -11.00
N LEU F 131 -20.80 -17.80 -10.72
CA LEU F 131 -21.27 -17.94 -9.34
C LEU F 131 -20.36 -18.84 -8.51
N HIS F 132 -19.75 -19.83 -9.15
CA HIS F 132 -18.76 -20.71 -8.51
C HIS F 132 -17.52 -19.92 -8.07
N SER F 133 -17.02 -19.05 -8.95
CA SER F 133 -15.92 -18.17 -8.59
C SER F 133 -16.30 -17.28 -7.42
N ILE F 134 -17.48 -16.68 -7.48
CA ILE F 134 -17.97 -15.80 -6.40
C ILE F 134 -18.07 -16.56 -5.06
N LYS F 135 -18.64 -17.76 -5.10
CA LYS F 135 -18.79 -18.59 -3.88
C LYS F 135 -17.45 -19.01 -3.29
N CYS F 136 -16.48 -19.29 -4.16
CA CYS F 136 -15.16 -19.74 -3.74
C CYS F 136 -14.29 -18.64 -3.17
N LYS F 137 -14.55 -17.39 -3.56
CA LYS F 137 -13.63 -16.29 -3.28
C LYS F 137 -14.28 -15.16 -2.50
N PRO F 138 -13.98 -15.06 -1.19
CA PRO F 138 -14.43 -13.93 -0.38
C PRO F 138 -14.14 -12.53 -0.96
N PRO F 139 -13.00 -12.32 -1.67
CA PRO F 139 -12.80 -11.01 -2.31
C PRO F 139 -13.93 -10.63 -3.29
N LEU F 140 -14.61 -11.63 -3.86
CA LEU F 140 -15.77 -11.36 -4.73
C LEU F 140 -17.09 -11.31 -3.96
N SER F 141 -17.31 -12.26 -3.05
CA SER F 141 -18.61 -12.33 -2.36
C SER F 141 -18.83 -11.25 -1.30
N SER F 142 -17.77 -10.87 -0.58
CA SER F 142 -17.89 -9.92 0.54
C SER F 142 -18.39 -8.53 0.14
N PRO F 143 -17.89 -7.97 -0.97
CA PRO F 143 -18.45 -6.67 -1.41
C PRO F 143 -19.93 -6.71 -1.77
N ILE F 144 -20.39 -7.79 -2.41
CA ILE F 144 -21.82 -7.98 -2.68
C ILE F 144 -22.61 -8.09 -1.37
N LEU F 145 -22.11 -8.90 -0.44
CA LEU F 145 -22.75 -9.09 0.87
C LEU F 145 -22.87 -7.81 1.68
N GLU F 146 -21.81 -6.99 1.65
CA GLU F 146 -21.79 -5.69 2.33
C GLU F 146 -22.99 -4.79 1.97
N LEU F 147 -23.47 -4.93 0.74
CA LEU F 147 -24.54 -4.09 0.21
C LEU F 147 -25.92 -4.76 0.27
N HIS F 148 -25.93 -6.03 0.68
CA HIS F 148 -27.13 -6.84 0.67
C HIS F 148 -27.92 -6.72 1.99
N SER F 149 -29.20 -7.04 1.92
CA SER F 149 -30.09 -7.00 3.10
C SER F 149 -29.96 -8.24 4.00
N GLU F 150 -29.48 -9.34 3.44
CA GLU F 150 -29.34 -10.60 4.20
C GLU F 150 -27.86 -10.90 4.48
N ASP F 151 -27.60 -11.76 5.47
CA ASP F 151 -26.22 -12.16 5.79
C ASP F 151 -25.67 -13.25 4.85
N THR F 152 -26.55 -13.77 4.00
CA THR F 152 -26.19 -14.76 2.99
C THR F 152 -26.70 -14.33 1.61
N LEU F 153 -25.99 -14.74 0.56
CA LEU F 153 -26.41 -14.47 -0.82
C LEU F 153 -27.32 -15.58 -1.33
N GLN F 154 -28.35 -15.21 -2.07
CA GLN F 154 -29.29 -16.19 -2.63
C GLN F 154 -28.83 -16.67 -4.01
N MET F 155 -28.10 -17.79 -4.00
CA MET F 155 -27.41 -18.30 -5.20
C MET F 155 -27.90 -19.69 -5.58
N ASP F 156 -29.18 -19.78 -5.92
CA ASP F 156 -29.81 -21.04 -6.26
C ASP F 156 -29.79 -21.26 -7.76
N GLY F 157 -29.01 -22.25 -8.19
CA GLY F 157 -28.94 -22.66 -9.59
C GLY F 157 -28.24 -21.66 -10.49
N HIS F 158 -29.01 -21.10 -11.43
CA HIS F 158 -28.47 -20.19 -12.44
C HIS F 158 -28.81 -18.74 -12.14
N ILE F 159 -29.10 -18.43 -10.88
CA ILE F 159 -29.43 -17.07 -10.47
C ILE F 159 -28.75 -16.70 -9.16
N LEU F 160 -28.02 -15.59 -9.16
CA LEU F 160 -27.61 -14.93 -7.94
C LEU F 160 -28.45 -13.66 -7.83
N ASP F 161 -29.14 -13.49 -6.72
CA ASP F 161 -29.91 -12.27 -6.51
C ASP F 161 -29.57 -11.66 -5.15
N SER F 162 -29.31 -10.36 -5.16
CA SER F 162 -28.96 -9.62 -3.97
C SER F 162 -29.51 -8.21 -4.16
N LYS F 163 -29.40 -7.36 -3.14
CA LYS F 163 -30.02 -6.02 -3.18
C LYS F 163 -29.50 -5.20 -4.36
N ARG F 164 -28.18 -5.25 -4.60
CA ARG F 164 -27.55 -4.31 -5.53
C ARG F 164 -26.96 -4.97 -6.79
N TYR F 165 -27.05 -6.30 -6.85
CA TYR F 165 -26.35 -7.08 -7.89
C TYR F 165 -27.06 -8.40 -8.13
N ALA F 166 -27.38 -8.67 -9.39
CA ALA F 166 -27.98 -9.94 -9.78
C ALA F 166 -27.28 -10.50 -11.02
N VAL F 167 -27.13 -11.81 -11.05
CA VAL F 167 -26.53 -12.52 -12.18
C VAL F 167 -27.54 -13.57 -12.58
N ILE F 168 -27.98 -13.50 -13.83
CA ILE F 168 -29.12 -14.27 -14.29
C ILE F 168 -28.76 -15.13 -15.48
N GLY F 169 -29.02 -16.44 -15.36
CA GLY F 169 -28.85 -17.38 -16.44
C GLY F 169 -30.07 -17.36 -17.34
N ALA F 170 -29.89 -16.83 -18.55
CA ALA F 170 -30.99 -16.71 -19.49
C ALA F 170 -30.47 -16.56 -20.93
N ASP F 171 -31.18 -17.16 -21.87
CA ASP F 171 -30.82 -17.04 -23.29
C ASP F 171 -31.41 -15.76 -23.86
N LEU F 172 -30.53 -14.89 -24.38
CA LEU F 172 -30.91 -13.60 -24.93
C LEU F 172 -31.84 -13.71 -26.14
N ARG F 173 -31.92 -14.90 -26.72
CA ARG F 173 -32.83 -15.17 -27.84
C ARG F 173 -34.23 -15.56 -27.37
N ASP F 174 -34.40 -15.78 -26.05
CA ASP F 174 -35.71 -16.08 -25.46
C ASP F 174 -36.17 -14.90 -24.61
N LEU F 175 -36.81 -13.91 -25.25
CA LEU F 175 -37.11 -12.63 -24.58
C LEU F 175 -38.14 -12.72 -23.46
N SER F 176 -39.12 -13.63 -23.59
CA SER F 176 -40.11 -13.82 -22.53
C SER F 176 -39.44 -14.35 -21.25
N GLU F 177 -38.51 -15.30 -21.39
CA GLU F 177 -37.71 -15.81 -20.26
C GLU F 177 -36.80 -14.72 -19.69
N LEU F 178 -36.17 -13.95 -20.58
CA LEU F 178 -35.28 -12.86 -20.17
C LEU F 178 -36.03 -11.86 -19.30
N GLU F 179 -37.17 -11.39 -19.80
CA GLU F 179 -37.97 -10.41 -19.08
C GLU F 179 -38.45 -10.93 -17.72
N GLU F 180 -38.94 -12.17 -17.71
CA GLU F 180 -39.49 -12.77 -16.50
C GLU F 180 -38.43 -12.85 -15.39
N LYS F 181 -37.25 -13.34 -15.76
CA LYS F 181 -36.16 -13.51 -14.80
C LYS F 181 -35.63 -12.19 -14.24
N LEU F 182 -35.47 -11.20 -15.12
CA LEU F 182 -35.09 -9.85 -14.69
C LEU F 182 -36.10 -9.26 -13.71
N LYS F 183 -37.38 -9.39 -14.01
CA LYS F 183 -38.42 -8.87 -13.13
C LYS F 183 -38.50 -9.63 -11.81
N LYS F 184 -38.25 -10.95 -11.85
CA LYS F 184 -38.14 -11.76 -10.63
C LYS F 184 -37.00 -11.26 -9.73
N CYS F 185 -35.97 -10.66 -10.34
CA CYS F 185 -34.86 -10.05 -9.60
C CYS F 185 -35.07 -8.56 -9.36
N ASN F 186 -36.33 -8.11 -9.39
CA ASN F 186 -36.71 -6.75 -9.01
C ASN F 186 -36.29 -5.65 -9.99
N MET F 187 -36.08 -5.99 -11.26
CA MET F 187 -35.87 -4.95 -12.26
C MET F 187 -37.20 -4.23 -12.50
N ASN F 188 -37.20 -2.91 -12.41
CA ASN F 188 -38.40 -2.13 -12.68
C ASN F 188 -38.22 -1.27 -13.93
N THR F 189 -39.28 -1.17 -14.72
CA THR F 189 -39.20 -0.45 -15.98
C THR F 189 -39.36 1.06 -15.82
N GLN F 190 -39.39 1.53 -14.57
CA GLN F 190 -39.60 2.94 -14.28
C GLN F 190 -38.30 3.75 -14.12
N LEU F 191 -37.22 3.07 -13.73
CA LEU F 191 -35.91 3.70 -13.59
C LEU F 191 -35.22 3.86 -14.95
N PRO F 192 -34.45 4.96 -15.13
CA PRO F 192 -33.60 5.08 -16.31
C PRO F 192 -32.69 3.86 -16.34
N THR F 193 -32.54 3.23 -17.50
CA THR F 193 -31.85 1.96 -17.59
C THR F 193 -30.83 1.91 -18.73
N LEU F 194 -29.60 1.52 -18.39
CA LEU F 194 -28.53 1.35 -19.36
C LEU F 194 -28.34 -0.12 -19.63
N LEU F 195 -28.42 -0.50 -20.90
CA LEU F 195 -28.20 -1.87 -21.29
C LEU F 195 -26.94 -1.91 -22.13
N ILE F 196 -26.12 -2.93 -21.93
CA ILE F 196 -24.79 -3.01 -22.54
C ILE F 196 -24.67 -4.36 -23.23
N ALA F 197 -24.18 -4.34 -24.47
CA ALA F 197 -23.84 -5.57 -25.16
C ALA F 197 -22.44 -5.43 -25.72
N GLU F 198 -21.46 -5.94 -24.98
CA GLU F 198 -20.06 -5.82 -25.36
C GLU F 198 -19.63 -7.12 -26.03
N CYS F 199 -19.51 -7.08 -27.36
CA CYS F 199 -19.14 -8.26 -28.17
C CYS F 199 -20.11 -9.43 -27.96
N VAL F 200 -21.40 -9.15 -28.18
CA VAL F 200 -22.47 -10.11 -27.89
C VAL F 200 -23.45 -10.27 -29.07
N LEU F 201 -23.91 -9.14 -29.63
CA LEU F 201 -24.99 -9.16 -30.63
C LEU F 201 -24.56 -9.87 -31.90
N VAL F 202 -23.24 -9.89 -32.14
CA VAL F 202 -22.66 -10.54 -33.32
C VAL F 202 -22.86 -12.06 -33.30
N TYR F 203 -23.18 -12.61 -32.13
CA TYR F 203 -23.40 -14.05 -31.94
C TYR F 203 -24.83 -14.52 -32.10
N MET F 204 -25.73 -13.61 -32.46
CA MET F 204 -27.10 -13.99 -32.78
C MET F 204 -27.48 -13.51 -34.17
N THR F 205 -28.60 -14.03 -34.69
CA THR F 205 -29.07 -13.61 -36.01
C THR F 205 -29.46 -12.14 -35.98
N PRO F 206 -29.40 -11.46 -37.14
CA PRO F 206 -29.81 -10.05 -37.17
C PRO F 206 -31.25 -9.87 -36.66
N GLU F 207 -32.11 -10.85 -36.92
CA GLU F 207 -33.47 -10.79 -36.39
C GLU F 207 -33.51 -10.95 -34.86
N GLN F 208 -32.67 -11.85 -34.32
CA GLN F 208 -32.61 -12.04 -32.87
C GLN F 208 -32.09 -10.80 -32.15
N SER F 209 -31.08 -10.14 -32.71
CA SER F 209 -30.56 -8.91 -32.10
C SER F 209 -31.50 -7.72 -32.28
N ALA F 210 -32.11 -7.60 -33.46
CA ALA F 210 -33.16 -6.60 -33.67
C ALA F 210 -34.28 -6.76 -32.64
N ASN F 211 -34.72 -8.00 -32.44
CA ASN F 211 -35.78 -8.27 -31.45
C ASN F 211 -35.40 -7.84 -30.04
N LEU F 212 -34.16 -8.12 -29.65
CA LEU F 212 -33.64 -7.76 -28.32
C LEU F 212 -33.61 -6.23 -28.15
N LEU F 213 -33.12 -5.55 -29.19
CA LEU F 213 -33.08 -4.08 -29.15
C LEU F 213 -34.48 -3.48 -29.07
N LYS F 214 -35.43 -4.10 -29.76
CA LYS F 214 -36.82 -3.61 -29.77
C LYS F 214 -37.48 -3.86 -28.39
N TRP F 215 -37.24 -5.04 -27.82
CA TRP F 215 -37.75 -5.38 -26.50
C TRP F 215 -37.24 -4.38 -25.45
N ALA F 216 -35.94 -4.04 -25.53
CA ALA F 216 -35.35 -3.08 -24.62
C ALA F 216 -35.98 -1.69 -24.76
N ALA F 217 -36.13 -1.23 -26.00
CA ALA F 217 -36.79 0.06 -26.27
C ALA F 217 -38.23 0.08 -25.78
N ASN F 218 -38.96 -1.00 -26.05
CA ASN F 218 -40.38 -1.11 -25.64
C ASN F 218 -40.55 -1.10 -24.14
N SER F 219 -39.58 -1.70 -23.44
CA SER F 219 -39.65 -1.91 -22.00
C SER F 219 -39.43 -0.66 -21.17
N PHE F 220 -38.54 0.23 -21.62
CA PHE F 220 -38.12 1.36 -20.82
C PHE F 220 -38.43 2.69 -21.52
N GLU F 221 -39.07 3.59 -20.79
CA GLU F 221 -39.36 4.94 -21.29
C GLU F 221 -38.08 5.78 -21.37
N ARG F 222 -37.20 5.63 -20.39
CA ARG F 222 -35.92 6.35 -20.35
C ARG F 222 -34.75 5.36 -20.33
N ALA F 223 -33.99 5.32 -21.43
CA ALA F 223 -32.97 4.27 -21.59
C ALA F 223 -31.78 4.61 -22.50
N MET F 224 -30.72 3.84 -22.34
CA MET F 224 -29.53 3.95 -23.17
C MET F 224 -29.06 2.53 -23.46
N PHE F 225 -28.54 2.32 -24.67
CA PHE F 225 -28.03 1.03 -25.06
C PHE F 225 -26.63 1.22 -25.62
N ILE F 226 -25.68 0.43 -25.13
CA ILE F 226 -24.29 0.45 -25.64
C ILE F 226 -24.01 -0.87 -26.35
N ASN F 227 -23.50 -0.75 -27.57
CA ASN F 227 -23.13 -1.89 -28.38
C ASN F 227 -21.68 -1.77 -28.83
N TYR F 228 -20.85 -2.75 -28.52
CA TYR F 228 -19.47 -2.80 -29.02
C TYR F 228 -19.33 -4.08 -29.83
N GLU F 229 -18.84 -3.95 -31.06
CA GLU F 229 -18.52 -5.15 -31.86
C GLU F 229 -17.83 -4.79 -33.16
N GLN F 230 -17.68 -5.78 -34.04
CA GLN F 230 -17.03 -5.58 -35.34
C GLN F 230 -17.77 -4.60 -36.24
N VAL F 231 -17.04 -4.05 -37.21
CA VAL F 231 -17.58 -3.12 -38.18
C VAL F 231 -16.74 -3.19 -39.45
N ASN F 232 -17.26 -2.71 -40.58
CA ASN F 232 -16.53 -2.69 -41.86
C ASN F 232 -16.10 -4.11 -42.33
N MET F 233 -16.94 -5.09 -42.03
CA MET F 233 -16.56 -6.50 -42.18
C MET F 233 -16.68 -7.01 -43.61
N GLY F 234 -17.20 -6.17 -44.49
CA GLY F 234 -17.34 -6.50 -45.92
C GLY F 234 -16.10 -6.21 -46.74
N ASP F 235 -15.24 -5.31 -46.27
CA ASP F 235 -14.02 -4.97 -47.02
C ASP F 235 -12.98 -6.10 -46.96
N ARG F 236 -11.83 -5.91 -47.59
CA ARG F 236 -10.85 -7.00 -47.73
C ARG F 236 -10.34 -7.57 -46.41
N PHE F 237 -9.95 -6.68 -45.49
CA PHE F 237 -9.49 -7.09 -44.16
C PHE F 237 -10.60 -7.74 -43.33
N GLY F 238 -11.82 -7.22 -43.46
CA GLY F 238 -12.99 -7.81 -42.82
C GLY F 238 -13.18 -9.27 -43.18
N GLN F 239 -13.09 -9.58 -44.48
CA GLN F 239 -13.22 -10.95 -44.95
C GLN F 239 -12.09 -11.83 -44.42
N ILE F 240 -10.89 -11.27 -44.33
CA ILE F 240 -9.75 -11.96 -43.68
C ILE F 240 -10.09 -12.31 -42.23
N MET F 241 -10.61 -11.33 -41.48
CA MET F 241 -11.03 -11.56 -40.08
C MET F 241 -12.06 -12.68 -39.95
N ILE F 242 -13.06 -12.68 -40.84
CA ILE F 242 -14.12 -13.70 -40.86
C ILE F 242 -13.55 -15.10 -41.17
N GLU F 243 -12.61 -15.15 -42.11
CA GLU F 243 -11.91 -16.41 -42.42
C GLU F 243 -11.20 -16.98 -41.19
N ASN F 244 -10.46 -16.13 -40.48
CA ASN F 244 -9.73 -16.53 -39.27
C ASN F 244 -10.65 -17.04 -38.16
N LEU F 245 -11.86 -16.49 -38.09
CA LEU F 245 -12.86 -16.94 -37.14
C LEU F 245 -13.45 -18.29 -37.54
N ARG F 246 -13.65 -18.49 -38.85
CA ARG F 246 -14.12 -19.78 -39.38
C ARG F 246 -13.18 -20.93 -39.02
N ARG F 247 -11.87 -20.68 -39.12
CA ARG F 247 -10.84 -21.67 -38.77
C ARG F 247 -10.84 -22.03 -37.28
N ARG F 248 -11.31 -21.10 -36.45
CA ARG F 248 -11.41 -21.31 -35.01
C ARG F 248 -12.78 -21.89 -34.63
N GLN F 249 -13.51 -22.37 -35.64
CA GLN F 249 -14.89 -22.86 -35.50
C GLN F 249 -15.84 -21.82 -34.88
N CYS F 250 -15.64 -20.55 -35.28
CA CYS F 250 -16.47 -19.46 -34.77
C CYS F 250 -17.26 -18.82 -35.92
N ASP F 251 -18.58 -18.93 -35.85
CA ASP F 251 -19.48 -18.30 -36.81
C ASP F 251 -19.97 -17.00 -36.20
N LEU F 252 -20.02 -15.94 -37.00
CA LEU F 252 -20.64 -14.70 -36.59
C LEU F 252 -22.04 -14.60 -37.20
N ALA F 253 -23.03 -15.09 -36.46
CA ALA F 253 -24.41 -15.11 -36.92
C ALA F 253 -24.93 -13.72 -37.33
N GLY F 254 -24.46 -12.68 -36.65
CA GLY F 254 -24.94 -11.32 -36.91
C GLY F 254 -24.02 -10.43 -37.73
N VAL F 255 -23.07 -11.03 -38.43
CA VAL F 255 -22.04 -10.28 -39.15
C VAL F 255 -22.60 -9.30 -40.18
N GLU F 256 -23.77 -9.60 -40.74
CA GLU F 256 -24.40 -8.71 -41.72
C GLU F 256 -24.61 -7.29 -41.18
N THR F 257 -24.94 -7.18 -39.90
CA THR F 257 -25.15 -5.87 -39.28
C THR F 257 -23.84 -5.11 -39.04
N CYS F 258 -22.72 -5.83 -39.09
CA CYS F 258 -21.40 -5.23 -38.93
C CYS F 258 -20.83 -4.70 -40.25
N LYS F 259 -21.70 -4.48 -41.24
CA LYS F 259 -21.28 -3.95 -42.53
C LYS F 259 -20.56 -2.59 -42.42
N SER F 260 -21.12 -1.68 -41.62
CA SER F 260 -20.60 -0.32 -41.54
C SER F 260 -21.15 0.34 -40.29
N LEU F 261 -20.61 1.50 -39.95
CA LEU F 261 -21.17 2.31 -38.86
C LEU F 261 -22.63 2.68 -39.17
N GLU F 262 -22.95 2.83 -40.46
CA GLU F 262 -24.31 3.11 -40.88
C GLU F 262 -25.28 1.96 -40.57
N SER F 263 -24.87 0.72 -40.85
CA SER F 263 -25.74 -0.43 -40.57
C SER F 263 -25.91 -0.61 -39.06
N GLN F 264 -24.85 -0.28 -38.31
CA GLN F 264 -24.89 -0.33 -36.85
C GLN F 264 -25.88 0.67 -36.26
N LYS F 265 -25.86 1.91 -36.77
CA LYS F 265 -26.80 2.94 -36.31
C LYS F 265 -28.24 2.63 -36.74
N GLU F 266 -28.39 2.16 -37.98
CA GLU F 266 -29.71 1.83 -38.54
C GLU F 266 -30.41 0.75 -37.68
N ARG F 267 -29.65 -0.24 -37.25
CA ARG F 267 -30.19 -1.29 -36.37
C ARG F 267 -30.78 -0.73 -35.06
N LEU F 268 -30.20 0.32 -34.54
CA LEU F 268 -30.69 0.96 -33.32
C LEU F 268 -31.97 1.77 -33.63
N LEU F 269 -31.89 2.65 -34.62
CA LEU F 269 -33.00 3.58 -34.96
C LEU F 269 -34.26 2.87 -35.44
N SER F 270 -34.09 1.78 -36.17
CA SER F 270 -35.22 1.04 -36.71
C SER F 270 -35.92 0.17 -35.66
N ASN F 271 -35.30 0.05 -34.48
CA ASN F 271 -35.82 -0.83 -33.44
C ASN F 271 -36.19 -0.11 -32.16
N GLY F 272 -36.71 1.11 -32.29
CA GLY F 272 -37.30 1.84 -31.17
C GLY F 272 -36.49 2.93 -30.51
N TRP F 273 -35.21 3.05 -30.89
CA TRP F 273 -34.33 4.02 -30.24
C TRP F 273 -34.38 5.38 -30.92
N GLU F 274 -34.31 6.43 -30.12
CA GLU F 274 -34.51 7.80 -30.60
C GLU F 274 -33.23 8.45 -31.15
N THR F 275 -32.09 8.04 -30.60
CA THR F 275 -30.78 8.56 -31.04
C THR F 275 -29.85 7.37 -31.31
N ALA F 276 -28.89 7.55 -32.21
CA ALA F 276 -27.87 6.55 -32.46
C ALA F 276 -26.56 7.22 -32.85
N SER F 277 -25.51 6.91 -32.10
CA SER F 277 -24.18 7.39 -32.38
C SER F 277 -23.27 6.18 -32.54
N ALA F 278 -22.29 6.29 -33.43
CA ALA F 278 -21.30 5.23 -33.60
C ALA F 278 -19.97 5.81 -34.04
N VAL F 279 -18.90 5.22 -33.54
CA VAL F 279 -17.54 5.61 -33.88
C VAL F 279 -16.74 4.33 -34.08
N ASP F 280 -15.83 4.32 -35.06
CA ASP F 280 -14.91 3.20 -35.12
C ASP F 280 -13.82 3.37 -34.06
N MET F 281 -13.15 2.27 -33.72
CA MET F 281 -12.25 2.31 -32.59
C MET F 281 -10.95 3.06 -32.85
N MET F 282 -10.62 3.29 -34.11
CA MET F 282 -9.41 4.04 -34.44
C MET F 282 -9.63 5.52 -34.15
N GLU F 283 -10.79 6.03 -34.55
CA GLU F 283 -11.15 7.40 -34.21
C GLU F 283 -11.21 7.58 -32.69
N LEU F 284 -11.87 6.65 -32.00
CA LEU F 284 -11.90 6.69 -30.53
C LEU F 284 -10.48 6.76 -29.94
N TYR F 285 -9.64 5.85 -30.40
CA TYR F 285 -8.24 5.78 -29.97
C TYR F 285 -7.54 7.12 -30.22
N ASN F 286 -7.74 7.67 -31.42
CA ASN F 286 -7.14 8.96 -31.79
C ASN F 286 -7.63 10.11 -30.92
N ARG F 287 -8.83 9.93 -30.35
CA ARG F 287 -9.41 10.98 -29.51
C ARG F 287 -9.24 10.75 -28.00
N LEU F 288 -8.52 9.69 -27.63
CA LEU F 288 -8.26 9.41 -26.21
C LEU F 288 -7.51 10.58 -25.54
N PRO F 289 -7.76 10.82 -24.23
CA PRO F 289 -6.97 11.81 -23.51
C PRO F 289 -5.48 11.53 -23.69
N ARG F 290 -4.71 12.58 -23.96
CA ARG F 290 -3.28 12.46 -24.24
C ARG F 290 -2.52 11.67 -23.18
N ALA F 291 -2.86 11.89 -21.91
CA ALA F 291 -2.23 11.20 -20.78
C ALA F 291 -2.42 9.68 -20.85
N GLU F 292 -3.63 9.26 -21.23
CA GLU F 292 -3.96 7.84 -21.29
C GLU F 292 -3.24 7.18 -22.45
N VAL F 293 -3.23 7.86 -23.60
CA VAL F 293 -2.55 7.37 -24.79
C VAL F 293 -1.08 7.11 -24.51
N SER F 294 -0.38 8.12 -23.97
CA SER F 294 1.05 7.99 -23.75
C SER F 294 1.34 6.91 -22.70
N ARG F 295 0.50 6.82 -21.67
CA ARG F 295 0.67 5.80 -20.64
C ARG F 295 0.59 4.40 -21.25
N ILE F 296 -0.50 4.11 -21.96
CA ILE F 296 -0.67 2.74 -22.48
C ILE F 296 0.31 2.41 -23.60
N GLU F 297 0.66 3.40 -24.41
CA GLU F 297 1.61 3.19 -25.50
C GLU F 297 3.02 2.86 -24.99
N SER F 298 3.34 3.33 -23.79
CA SER F 298 4.65 3.05 -23.19
C SER F 298 4.77 1.63 -22.62
N LEU F 299 3.65 0.91 -22.49
CA LEU F 299 3.65 -0.42 -21.88
C LEU F 299 4.26 -1.46 -22.81
N GLU F 300 4.05 -1.29 -24.11
CA GLU F 300 4.57 -2.25 -25.10
C GLU F 300 5.04 -1.55 -26.36
N PHE F 301 6.21 -1.96 -26.85
CA PHE F 301 6.73 -1.39 -28.09
C PHE F 301 6.06 -2.03 -29.29
N LEU F 302 5.55 -1.17 -30.17
CA LEU F 302 4.97 -1.62 -31.42
C LEU F 302 5.69 -0.91 -32.56
N ASP F 303 6.46 -1.66 -33.35
CA ASP F 303 7.28 -1.06 -34.40
C ASP F 303 6.46 -0.54 -35.59
N GLU F 304 5.35 -1.20 -35.85
CA GLU F 304 4.49 -0.88 -36.99
C GLU F 304 3.05 -0.57 -36.54
N MET F 305 2.54 0.59 -36.93
CA MET F 305 1.19 1.01 -36.55
C MET F 305 0.06 0.56 -37.49
N GLU F 306 0.41 0.05 -38.66
CA GLU F 306 -0.60 -0.28 -39.66
C GLU F 306 -1.53 -1.46 -39.29
N LEU F 307 -1.02 -2.51 -38.64
CA LEU F 307 -1.90 -3.57 -38.15
C LEU F 307 -2.84 -3.03 -37.06
N LEU F 308 -2.34 -2.08 -36.25
CA LEU F 308 -3.18 -1.43 -35.25
C LEU F 308 -4.34 -0.66 -35.90
N GLU F 309 -4.03 0.15 -36.91
CA GLU F 309 -5.03 0.94 -37.63
C GLU F 309 -6.08 0.04 -38.27
N GLN F 310 -5.62 -1.05 -38.88
CA GLN F 310 -6.53 -1.97 -39.56
C GLN F 310 -7.49 -2.64 -38.57
N LEU F 311 -6.95 -3.13 -37.48
CA LEU F 311 -7.79 -3.77 -36.48
C LEU F 311 -8.76 -2.77 -35.88
N MET F 312 -8.27 -1.63 -35.50
CA MET F 312 -9.11 -0.61 -34.84
C MET F 312 -10.23 -0.10 -35.76
N ARG F 313 -9.95 -0.01 -37.07
CA ARG F 313 -11.00 0.36 -38.04
C ARG F 313 -12.07 -0.75 -38.22
N HIS F 314 -11.84 -1.92 -37.62
CA HIS F 314 -12.80 -3.02 -37.74
C HIS F 314 -13.56 -3.34 -36.47
N TYR F 315 -13.55 -2.41 -35.52
CA TYR F 315 -14.42 -2.50 -34.35
C TYR F 315 -15.09 -1.16 -34.15
N CYS F 316 -16.28 -1.18 -33.54
CA CYS F 316 -16.98 0.06 -33.30
C CYS F 316 -17.59 0.10 -31.91
N LEU F 317 -17.87 1.31 -31.46
CA LEU F 317 -18.60 1.56 -30.24
C LEU F 317 -19.82 2.38 -30.64
N CYS F 318 -21.00 1.83 -30.35
CA CYS F 318 -22.27 2.47 -30.70
C CYS F 318 -23.09 2.67 -29.43
N TRP F 319 -23.89 3.73 -29.42
CA TRP F 319 -24.81 3.97 -28.31
C TRP F 319 -26.06 4.68 -28.77
N ALA F 320 -27.18 4.27 -28.17
CA ALA F 320 -28.49 4.78 -28.50
C ALA F 320 -29.19 5.21 -27.22
N THR F 321 -30.06 6.23 -27.33
CA THR F 321 -30.85 6.67 -26.17
C THR F 321 -32.34 6.81 -26.56
N LYS F 322 -33.19 6.83 -25.54
CA LYS F 322 -34.59 7.23 -25.72
C LYS F 322 -35.13 7.86 -24.44
N GLY F 323 -36.08 8.77 -24.59
CA GLY F 323 -36.68 9.51 -23.48
C GLY F 323 -35.70 10.25 -22.59
N GLY F 324 -34.53 10.59 -23.13
CA GLY F 324 -33.46 11.10 -22.29
C GLY F 324 -33.34 12.60 -22.08
N ASN F 325 -34.25 13.37 -22.66
CA ASN F 325 -34.06 14.82 -22.74
C ASN F 325 -33.91 15.60 -21.43
N GLU F 326 -34.69 15.24 -20.41
CA GLU F 326 -34.60 15.84 -19.07
C GLU F 326 -33.22 15.55 -18.46
N LEU F 327 -32.77 14.30 -18.62
CA LEU F 327 -31.53 13.81 -18.04
C LEU F 327 -30.30 14.20 -18.87
N GLY F 328 -30.55 14.65 -20.10
CA GLY F 328 -29.48 15.04 -21.02
C GLY F 328 -28.74 13.85 -21.60
N LEU F 329 -29.44 12.74 -21.82
CA LEU F 329 -28.80 11.50 -22.29
C LEU F 329 -28.22 11.63 -23.70
N LYS F 330 -28.88 12.41 -24.55
CA LYS F 330 -28.43 12.62 -25.93
C LYS F 330 -27.08 13.34 -26.00
N GLU F 331 -26.67 13.98 -24.90
CA GLU F 331 -25.39 14.70 -24.83
C GLU F 331 -24.21 13.82 -24.40
N ILE F 332 -24.50 12.60 -23.94
CA ILE F 332 -23.45 11.66 -23.54
C ILE F 332 -22.56 11.30 -24.72
N THR F 333 -21.26 11.26 -24.48
CA THR F 333 -20.30 10.80 -25.49
C THR F 333 -19.15 10.04 -24.80
N TYR F 334 -18.23 9.50 -25.59
CA TYR F 334 -17.13 8.68 -25.06
C TYR F 334 -15.94 9.55 -24.65
N GLY G 25 34.70 -6.41 -59.63
CA GLY G 25 34.59 -7.89 -59.77
C GLY G 25 33.33 -8.44 -59.13
N VAL G 26 33.13 -8.11 -57.86
CA VAL G 26 31.99 -8.59 -57.07
C VAL G 26 30.63 -8.20 -57.68
N ARG G 27 30.48 -6.95 -58.10
CA ARG G 27 29.23 -6.54 -58.74
C ARG G 27 28.94 -7.33 -60.02
N GLY G 28 29.99 -7.58 -60.80
CA GLY G 28 29.90 -8.41 -62.02
C GLY G 28 29.27 -9.79 -61.83
N THR G 29 29.29 -10.31 -60.60
CA THR G 29 28.67 -11.59 -60.30
C THR G 29 27.15 -11.62 -60.49
N CYS G 30 26.49 -10.47 -60.28
CA CYS G 30 25.04 -10.35 -60.51
C CYS G 30 24.66 -10.69 -61.95
N GLU G 31 25.35 -10.07 -62.91
CA GLU G 31 25.15 -10.38 -64.32
C GLU G 31 25.44 -11.85 -64.63
N ASP G 32 26.54 -12.39 -64.08
CA ASP G 32 26.86 -13.79 -64.29
C ASP G 32 25.74 -14.72 -63.80
N ALA G 33 25.28 -14.52 -62.58
CA ALA G 33 24.18 -15.32 -62.01
C ALA G 33 22.90 -15.22 -62.84
N SER G 34 22.52 -14.00 -63.22
CA SER G 34 21.34 -13.75 -64.04
C SER G 34 21.44 -14.40 -65.42
N LEU G 35 22.61 -14.26 -66.04
CA LEU G 35 22.82 -14.86 -67.36
C LEU G 35 22.66 -16.38 -67.30
N CYS G 36 23.27 -17.00 -66.29
CA CYS G 36 23.21 -18.46 -66.12
C CYS G 36 21.80 -18.93 -65.81
N LYS G 37 21.10 -18.19 -64.97
CA LYS G 37 19.73 -18.56 -64.62
C LYS G 37 18.79 -18.46 -65.82
N ARG G 38 18.82 -17.33 -66.54
CA ARG G 38 17.98 -17.23 -67.74
C ARG G 38 18.28 -18.33 -68.76
N PHE G 39 19.56 -18.64 -68.95
CA PHE G 39 19.92 -19.71 -69.89
C PHE G 39 19.36 -21.08 -69.46
N ALA G 40 19.49 -21.40 -68.18
CA ALA G 40 18.92 -22.62 -67.62
C ALA G 40 17.41 -22.67 -67.82
N VAL G 41 16.73 -21.56 -67.54
CA VAL G 41 15.28 -21.43 -67.73
C VAL G 41 14.87 -21.62 -69.20
N SER G 42 15.65 -21.08 -70.12
CA SER G 42 15.34 -21.18 -71.57
C SER G 42 15.35 -22.62 -72.05
N ILE G 43 16.14 -23.47 -71.38
CA ILE G 43 16.27 -24.91 -71.71
C ILE G 43 15.20 -25.74 -71.02
N GLY G 44 14.55 -25.14 -70.03
CA GLY G 44 13.41 -25.77 -69.35
C GLY G 44 13.72 -26.34 -67.97
N TYR G 45 14.83 -25.91 -67.36
CA TYR G 45 15.20 -26.45 -66.04
C TYR G 45 14.18 -26.12 -64.96
N TRP G 46 13.71 -24.89 -64.99
CA TRP G 46 12.59 -24.48 -64.12
C TRP G 46 11.81 -23.34 -64.76
N HIS G 47 10.60 -23.09 -64.24
CA HIS G 47 9.68 -22.10 -64.82
C HIS G 47 9.95 -20.69 -64.27
N ASP G 48 10.24 -19.74 -65.16
CA ASP G 48 10.48 -18.34 -64.78
C ASP G 48 10.26 -17.41 -65.96
N PRO G 49 9.02 -16.89 -66.11
CA PRO G 49 8.68 -15.96 -67.19
C PRO G 49 9.10 -14.51 -66.92
N TYR G 50 9.73 -14.26 -65.77
CA TYR G 50 10.13 -12.91 -65.35
C TYR G 50 11.59 -12.56 -65.64
N ILE G 51 12.46 -13.56 -65.61
CA ILE G 51 13.90 -13.32 -65.68
C ILE G 51 14.32 -12.70 -67.01
N GLN G 52 13.56 -12.97 -68.07
CA GLN G 52 13.79 -12.38 -69.38
C GLN G 52 13.77 -10.85 -69.37
N HIS G 53 13.08 -10.27 -68.39
CA HIS G 53 12.93 -8.83 -68.33
C HIS G 53 14.10 -8.13 -67.63
N PHE G 54 15.02 -8.92 -67.06
CA PHE G 54 16.17 -8.39 -66.32
C PHE G 54 17.52 -8.61 -67.02
N VAL G 55 17.55 -9.52 -67.98
CA VAL G 55 18.82 -9.99 -68.57
C VAL G 55 18.61 -10.62 -69.94
N ARG G 56 19.57 -10.40 -70.83
CA ARG G 56 19.54 -10.98 -72.17
C ARG G 56 19.76 -12.50 -72.10
N LEU G 57 19.40 -13.19 -73.17
CA LEU G 57 19.67 -14.62 -73.30
C LEU G 57 21.04 -14.84 -73.91
N SER G 58 21.92 -15.48 -73.15
CA SER G 58 23.27 -15.83 -73.61
C SER G 58 23.22 -16.82 -74.78
N LYS G 59 24.16 -16.67 -75.73
CA LYS G 59 24.16 -17.50 -76.95
C LYS G 59 25.10 -18.69 -76.87
N GLU G 60 26.17 -18.57 -76.09
CA GLU G 60 27.24 -19.56 -76.05
C GLU G 60 26.88 -20.89 -75.37
N ARG G 61 27.67 -21.92 -75.67
CA ARG G 61 27.48 -23.24 -75.11
C ARG G 61 27.98 -23.33 -73.68
N LYS G 62 27.27 -24.11 -72.87
CA LYS G 62 27.59 -24.32 -71.46
C LYS G 62 27.59 -25.81 -71.14
N ALA G 63 28.40 -26.20 -70.16
CA ALA G 63 28.39 -27.56 -69.65
C ALA G 63 27.06 -27.84 -68.95
N PRO G 64 26.40 -28.96 -69.29
CA PRO G 64 25.15 -29.34 -68.62
C PRO G 64 25.27 -29.45 -67.10
N GLU G 65 26.45 -29.79 -66.59
CA GLU G 65 26.64 -29.86 -65.13
C GLU G 65 26.34 -28.52 -64.48
N ILE G 66 26.69 -27.44 -65.17
CA ILE G 66 26.46 -26.09 -64.65
C ILE G 66 24.96 -25.79 -64.53
N ASN G 67 24.19 -26.17 -65.54
CA ASN G 67 22.74 -25.99 -65.51
C ASN G 67 22.08 -26.84 -64.44
N ARG G 68 22.55 -28.08 -64.29
CA ARG G 68 22.04 -28.95 -63.23
C ARG G 68 22.35 -28.37 -61.85
N GLY G 69 23.55 -27.80 -61.73
CA GLY G 69 23.96 -27.10 -60.50
C GLY G 69 23.05 -25.93 -60.14
N TYR G 70 22.76 -25.09 -61.13
CA TYR G 70 21.82 -23.96 -60.93
C TYR G 70 20.41 -24.42 -60.58
N PHE G 71 19.96 -25.51 -61.20
CA PHE G 71 18.65 -26.06 -60.84
C PHE G 71 18.57 -26.49 -59.37
N ALA G 72 19.58 -27.22 -58.91
CA ALA G 72 19.60 -27.73 -57.53
C ALA G 72 19.67 -26.58 -56.52
N ARG G 73 20.44 -25.57 -56.87
CA ARG G 73 20.58 -24.34 -56.07
C ARG G 73 19.21 -23.64 -55.90
N VAL G 74 18.59 -23.29 -57.02
CA VAL G 74 17.29 -22.64 -57.05
C VAL G 74 16.21 -23.49 -56.36
N HIS G 75 16.16 -24.78 -56.68
CA HIS G 75 15.20 -25.70 -56.06
C HIS G 75 15.36 -25.79 -54.54
N GLY G 76 16.59 -25.97 -54.09
CA GLY G 76 16.89 -26.14 -52.66
C GLY G 76 16.54 -24.89 -51.88
N VAL G 77 16.98 -23.74 -52.39
CA VAL G 77 16.62 -22.46 -51.78
C VAL G 77 15.09 -22.28 -51.76
N SER G 78 14.42 -22.60 -52.87
CA SER G 78 12.96 -22.47 -52.96
C SER G 78 12.22 -23.35 -51.95
N GLN G 79 12.67 -24.59 -51.78
CA GLN G 79 12.04 -25.52 -50.83
C GLN G 79 12.10 -25.03 -49.38
N LEU G 80 13.26 -24.50 -49.00
CA LEU G 80 13.43 -23.91 -47.67
C LEU G 80 12.56 -22.66 -47.48
N ILE G 81 12.49 -21.82 -48.51
CA ILE G 81 11.60 -20.65 -48.45
C ILE G 81 10.15 -21.10 -48.25
N LYS G 82 9.69 -22.06 -49.05
CA LYS G 82 8.31 -22.54 -48.96
C LYS G 82 8.00 -23.17 -47.62
N ALA G 83 8.98 -23.86 -47.03
CA ALA G 83 8.79 -24.47 -45.72
C ALA G 83 8.59 -23.41 -44.66
N PHE G 84 9.42 -22.37 -44.72
CA PHE G 84 9.29 -21.22 -43.80
C PHE G 84 7.91 -20.55 -43.93
N LEU G 85 7.51 -20.25 -45.17
CA LEU G 85 6.18 -19.69 -45.46
C LEU G 85 5.03 -20.57 -44.95
N ARG G 86 5.15 -21.88 -45.13
CA ARG G 86 4.20 -22.84 -44.55
C ARG G 86 4.10 -22.75 -43.02
N LYS G 87 5.24 -22.75 -42.35
CA LYS G 87 5.25 -22.67 -40.88
C LYS G 87 4.65 -21.38 -40.36
N THR G 88 4.91 -20.28 -41.05
CA THR G 88 4.49 -18.97 -40.56
C THR G 88 3.12 -18.57 -41.11
N GLU G 89 2.54 -19.43 -41.95
CA GLU G 89 1.31 -19.11 -42.68
C GLU G 89 1.41 -17.76 -43.42
N CYS G 90 2.61 -17.49 -43.95
CA CYS G 90 2.92 -16.27 -44.71
C CYS G 90 2.86 -14.97 -43.90
N HIS G 91 2.67 -15.09 -42.59
CA HIS G 91 2.68 -13.95 -41.69
C HIS G 91 4.13 -13.77 -41.25
N CYS G 92 4.91 -13.08 -42.08
CA CYS G 92 6.37 -13.06 -41.97
C CYS G 92 6.97 -12.12 -43.01
N GLN G 93 8.30 -11.94 -42.91
CA GLN G 93 9.03 -11.18 -43.90
C GLN G 93 10.14 -12.04 -44.49
N ILE G 94 10.48 -11.72 -45.73
CA ILE G 94 11.64 -12.29 -46.38
C ILE G 94 12.59 -11.15 -46.75
N VAL G 95 13.87 -11.33 -46.42
CA VAL G 95 14.91 -10.37 -46.79
C VAL G 95 15.99 -11.11 -47.57
N ASN G 96 16.07 -10.82 -48.87
CA ASN G 96 17.09 -11.41 -49.73
C ASN G 96 18.29 -10.47 -49.83
N LEU G 97 19.40 -10.87 -49.19
CA LEU G 97 20.61 -10.04 -49.10
C LEU G 97 21.52 -10.35 -50.27
N GLY G 98 21.90 -9.33 -51.03
CA GLY G 98 22.62 -9.55 -52.30
C GLY G 98 21.76 -10.24 -53.36
N ALA G 99 20.51 -9.79 -53.47
CA ALA G 99 19.49 -10.45 -54.31
C ALA G 99 19.76 -10.41 -55.82
N GLY G 100 20.55 -9.44 -56.29
CA GLY G 100 20.80 -9.28 -57.72
C GLY G 100 19.50 -9.16 -58.50
N MET G 101 19.39 -9.89 -59.62
CA MET G 101 18.15 -9.87 -60.43
C MET G 101 17.18 -11.02 -60.10
N ASP G 102 17.19 -11.49 -58.86
CA ASP G 102 16.29 -12.56 -58.44
C ASP G 102 14.81 -12.21 -58.67
N THR G 103 14.05 -13.19 -59.14
CA THR G 103 12.64 -13.03 -59.52
C THR G 103 11.73 -13.74 -58.51
N THR G 104 12.29 -14.14 -57.38
CA THR G 104 11.56 -14.96 -56.40
C THR G 104 10.24 -14.33 -55.96
N PHE G 105 10.21 -13.00 -55.81
CA PHE G 105 8.98 -12.32 -55.44
C PHE G 105 7.82 -12.65 -56.40
N TRP G 106 8.09 -12.52 -57.70
CA TRP G 106 7.07 -12.74 -58.73
C TRP G 106 6.72 -14.22 -58.84
N ARG G 107 7.74 -15.07 -58.76
CA ARG G 107 7.56 -16.51 -58.81
C ARG G 107 6.67 -17.00 -57.67
N LEU G 108 6.93 -16.53 -56.45
CA LEU G 108 6.10 -16.90 -55.30
C LEU G 108 4.66 -16.40 -55.42
N LYS G 109 4.49 -15.15 -55.86
CA LYS G 109 3.17 -14.58 -56.12
C LYS G 109 2.36 -15.44 -57.08
N ASP G 110 3.01 -15.92 -58.14
CA ASP G 110 2.39 -16.85 -59.09
C ASP G 110 1.90 -18.13 -58.42
N GLU G 111 2.62 -18.59 -57.41
CA GLU G 111 2.28 -19.82 -56.71
C GLU G 111 1.36 -19.57 -55.51
N ASP G 112 0.75 -18.38 -55.49
CA ASP G 112 -0.17 -17.94 -54.44
C ASP G 112 0.50 -17.92 -53.06
N LEU G 113 1.77 -17.52 -53.07
CA LEU G 113 2.57 -17.43 -51.85
C LEU G 113 3.10 -16.00 -51.78
N LEU G 114 2.77 -15.31 -50.69
CA LEU G 114 3.12 -13.92 -50.56
C LEU G 114 3.38 -13.69 -49.09
N SER G 115 4.61 -13.30 -48.75
CA SER G 115 4.94 -12.95 -47.37
C SER G 115 4.29 -11.60 -47.04
N SER G 116 4.32 -11.22 -45.78
CA SER G 116 3.76 -9.93 -45.38
C SER G 116 4.48 -8.83 -46.16
N LYS G 117 5.80 -8.91 -46.22
CA LYS G 117 6.57 -8.02 -47.08
C LYS G 117 7.89 -8.69 -47.48
N TYR G 118 8.26 -8.48 -48.73
CA TYR G 118 9.46 -9.04 -49.32
C TYR G 118 10.49 -7.92 -49.55
N PHE G 119 11.68 -8.06 -49.00
CA PHE G 119 12.74 -7.05 -49.14
C PHE G 119 13.94 -7.60 -49.89
N GLU G 120 14.49 -6.80 -50.77
CA GLU G 120 15.75 -7.13 -51.43
C GLU G 120 16.80 -6.07 -51.15
N VAL G 121 18.04 -6.51 -51.01
CA VAL G 121 19.19 -5.64 -50.82
C VAL G 121 20.29 -5.97 -51.83
N ASP G 122 20.82 -4.97 -52.51
CA ASP G 122 22.05 -5.12 -53.27
C ASP G 122 22.77 -3.77 -53.35
N PHE G 123 23.95 -3.74 -53.98
CA PHE G 123 24.67 -2.48 -54.23
C PHE G 123 23.78 -1.51 -55.01
N PRO G 124 23.89 -0.19 -54.73
CA PRO G 124 23.15 0.85 -55.43
C PRO G 124 23.13 0.71 -56.96
N MET G 125 24.28 0.39 -57.56
CA MET G 125 24.36 0.25 -59.02
C MET G 125 23.46 -0.89 -59.51
N ILE G 126 23.54 -2.04 -58.84
CA ILE G 126 22.68 -3.18 -59.18
C ILE G 126 21.20 -2.83 -59.03
N VAL G 127 20.85 -2.17 -57.92
CA VAL G 127 19.46 -1.76 -57.65
C VAL G 127 18.96 -0.76 -58.70
N THR G 128 19.81 0.15 -59.12
CA THR G 128 19.49 1.07 -60.22
C THR G 128 19.09 0.31 -61.49
N ARG G 129 19.88 -0.70 -61.86
CA ARG G 129 19.57 -1.54 -63.00
C ARG G 129 18.21 -2.21 -62.83
N LYS G 130 17.99 -2.81 -61.65
CA LYS G 130 16.77 -3.57 -61.37
C LYS G 130 15.50 -2.69 -61.44
N LEU G 131 15.56 -1.53 -60.80
CA LEU G 131 14.45 -0.59 -60.79
C LEU G 131 14.13 -0.07 -62.20
N HIS G 132 15.17 0.09 -63.01
CA HIS G 132 15.02 0.52 -64.39
C HIS G 132 14.25 -0.51 -65.23
N SER G 133 14.59 -1.78 -65.07
CA SER G 133 13.86 -2.86 -65.69
C SER G 133 12.40 -2.87 -65.21
N ILE G 134 12.21 -2.76 -63.89
CA ILE G 134 10.86 -2.76 -63.31
C ILE G 134 10.02 -1.63 -63.90
N LYS G 135 10.57 -0.41 -63.91
CA LYS G 135 9.85 0.79 -64.37
C LYS G 135 9.54 0.77 -65.87
N CYS G 136 10.38 0.08 -66.65
CA CYS G 136 10.21 -0.02 -68.09
C CYS G 136 9.27 -1.14 -68.53
N LYS G 137 9.02 -2.11 -67.66
CA LYS G 137 8.33 -3.34 -68.07
C LYS G 137 7.08 -3.61 -67.25
N PRO G 138 5.89 -3.43 -67.86
CA PRO G 138 4.62 -3.72 -67.18
C PRO G 138 4.51 -5.14 -66.57
N PRO G 139 5.04 -6.20 -67.24
CA PRO G 139 4.98 -7.52 -66.62
C PRO G 139 5.69 -7.62 -65.25
N LEU G 140 6.59 -6.67 -64.98
CA LEU G 140 7.28 -6.63 -63.69
C LEU G 140 6.60 -5.66 -62.71
N SER G 141 6.30 -4.45 -63.18
CA SER G 141 5.74 -3.40 -62.31
C SER G 141 4.28 -3.65 -61.94
N SER G 142 3.51 -4.24 -62.85
CA SER G 142 2.09 -4.48 -62.60
C SER G 142 1.84 -5.39 -61.39
N PRO G 143 2.50 -6.58 -61.32
CA PRO G 143 2.28 -7.44 -60.15
C PRO G 143 2.61 -6.79 -58.80
N ILE G 144 3.58 -5.87 -58.78
CA ILE G 144 3.89 -5.08 -57.57
C ILE G 144 2.80 -4.06 -57.29
N LEU G 145 2.44 -3.28 -58.31
CA LEU G 145 1.40 -2.25 -58.18
C LEU G 145 0.03 -2.82 -57.78
N GLU G 146 -0.28 -4.02 -58.28
CA GLU G 146 -1.52 -4.72 -57.97
C GLU G 146 -1.71 -4.94 -56.47
N LEU G 147 -0.60 -5.00 -55.74
CA LEU G 147 -0.61 -5.25 -54.30
C LEU G 147 -0.38 -3.99 -53.46
N HIS G 148 -0.01 -2.91 -54.14
CA HIS G 148 0.34 -1.65 -53.50
C HIS G 148 -0.91 -0.86 -53.07
N SER G 149 -0.71 0.07 -52.14
CA SER G 149 -1.78 0.90 -51.61
C SER G 149 -2.00 2.16 -52.46
N GLU G 150 -0.98 2.57 -53.19
CA GLU G 150 -1.04 3.75 -54.06
C GLU G 150 -1.15 3.34 -55.52
N ASP G 151 -1.48 4.30 -56.38
CA ASP G 151 -1.60 4.08 -57.83
C ASP G 151 -0.25 4.13 -58.56
N THR G 152 0.77 4.63 -57.87
CA THR G 152 2.14 4.72 -58.40
C THR G 152 3.11 4.11 -57.38
N LEU G 153 4.23 3.56 -57.87
CA LEU G 153 5.28 3.05 -56.98
C LEU G 153 6.18 4.17 -56.50
N GLN G 154 6.70 4.04 -55.28
CA GLN G 154 7.64 5.01 -54.73
C GLN G 154 9.07 4.56 -55.04
N MET G 155 9.66 5.17 -56.07
CA MET G 155 10.81 4.56 -56.76
C MET G 155 12.11 5.35 -56.90
N ASP G 156 12.11 6.64 -56.63
CA ASP G 156 13.27 7.47 -57.00
C ASP G 156 14.52 7.29 -56.15
N GLY G 157 15.66 7.23 -56.83
CA GLY G 157 16.95 6.97 -56.20
C GLY G 157 17.32 5.49 -56.22
N HIS G 158 17.91 5.01 -55.13
CA HIS G 158 18.28 3.60 -55.01
C HIS G 158 17.31 2.85 -54.10
N ILE G 159 16.07 3.32 -54.00
CA ILE G 159 15.05 2.64 -53.21
C ILE G 159 13.72 2.53 -53.97
N LEU G 160 13.19 1.32 -54.04
CA LEU G 160 11.79 1.12 -54.41
C LEU G 160 11.08 0.62 -53.15
N ASP G 161 10.01 1.32 -52.77
CA ASP G 161 9.19 0.87 -51.67
C ASP G 161 7.73 0.77 -52.08
N SER G 162 7.10 -0.34 -51.69
CA SER G 162 5.69 -0.55 -51.91
C SER G 162 5.15 -1.36 -50.74
N LYS G 163 3.84 -1.59 -50.72
CA LYS G 163 3.21 -2.30 -49.62
C LYS G 163 3.83 -3.69 -49.37
N ARG G 164 4.08 -4.44 -50.45
CA ARG G 164 4.46 -5.85 -50.31
C ARG G 164 5.88 -6.19 -50.78
N TYR G 165 6.59 -5.21 -51.34
CA TYR G 165 7.89 -5.44 -51.96
C TYR G 165 8.74 -4.18 -51.85
N ALA G 166 10.00 -4.35 -51.45
CA ALA G 166 10.95 -3.25 -51.42
C ALA G 166 12.30 -3.71 -51.94
N VAL G 167 12.99 -2.81 -52.63
CA VAL G 167 14.34 -3.05 -53.15
C VAL G 167 15.23 -1.91 -52.67
N ILE G 168 16.33 -2.26 -51.99
CA ILE G 168 17.15 -1.30 -51.28
C ILE G 168 18.59 -1.37 -51.73
N GLY G 169 19.11 -0.23 -52.20
CA GLY G 169 20.54 -0.09 -52.50
C GLY G 169 21.31 0.16 -51.21
N ALA G 170 22.08 -0.83 -50.79
CA ALA G 170 22.95 -0.72 -49.61
C ALA G 170 24.11 -1.72 -49.63
N ASP G 171 25.22 -1.32 -49.05
CA ASP G 171 26.39 -2.17 -48.90
C ASP G 171 26.20 -3.02 -47.64
N LEU G 172 26.23 -4.34 -47.82
CA LEU G 172 26.06 -5.27 -46.71
C LEU G 172 27.19 -5.22 -45.67
N ARG G 173 28.28 -4.52 -46.01
CA ARG G 173 29.40 -4.35 -45.09
C ARG G 173 29.20 -3.08 -44.23
N ASP G 174 28.13 -2.33 -44.51
CA ASP G 174 27.76 -1.14 -43.73
C ASP G 174 26.42 -1.38 -43.02
N LEU G 175 26.49 -2.00 -41.85
CA LEU G 175 25.27 -2.42 -41.13
C LEU G 175 24.38 -1.25 -40.70
N SER G 176 24.99 -0.12 -40.37
CA SER G 176 24.20 1.08 -40.02
C SER G 176 23.32 1.52 -41.19
N GLU G 177 23.92 1.65 -42.37
CA GLU G 177 23.19 1.95 -43.60
C GLU G 177 22.12 0.89 -43.93
N LEU G 178 22.49 -0.38 -43.83
CA LEU G 178 21.58 -1.49 -44.10
C LEU G 178 20.33 -1.42 -43.23
N GLU G 179 20.54 -1.32 -41.92
CA GLU G 179 19.43 -1.26 -40.98
C GLU G 179 18.55 -0.02 -41.20
N GLU G 180 19.19 1.12 -41.40
CA GLU G 180 18.48 2.39 -41.58
C GLU G 180 17.53 2.34 -42.79
N LYS G 181 18.04 1.83 -43.91
CA LYS G 181 17.26 1.79 -45.14
C LYS G 181 16.14 0.74 -45.09
N LEU G 182 16.40 -0.40 -44.46
CA LEU G 182 15.35 -1.40 -44.23
C LEU G 182 14.23 -0.84 -43.36
N LYS G 183 14.60 -0.12 -42.31
CA LYS G 183 13.59 0.44 -41.40
C LYS G 183 12.81 1.61 -42.04
N LYS G 184 13.45 2.34 -42.96
CA LYS G 184 12.73 3.34 -43.77
C LYS G 184 11.66 2.68 -44.65
N CYS G 185 11.91 1.43 -45.03
CA CYS G 185 10.96 0.63 -45.80
C CYS G 185 10.04 -0.21 -44.90
N ASN G 186 9.98 0.19 -43.62
CA ASN G 186 9.08 -0.39 -42.63
C ASN G 186 9.27 -1.89 -42.35
N MET G 187 10.52 -2.36 -42.46
CA MET G 187 10.86 -3.69 -41.98
C MET G 187 10.51 -3.77 -40.49
N ASN G 188 9.75 -4.81 -40.13
CA ASN G 188 9.23 -4.99 -38.79
C ASN G 188 10.00 -6.06 -38.02
N THR G 189 10.75 -5.66 -37.00
CA THR G 189 11.57 -6.60 -36.24
C THR G 189 10.74 -7.61 -35.43
N GLN G 190 9.44 -7.37 -35.33
CA GLN G 190 8.54 -8.20 -34.53
C GLN G 190 7.84 -9.30 -35.32
N LEU G 191 8.18 -9.42 -36.60
CA LEU G 191 7.64 -10.48 -37.42
C LEU G 191 8.70 -11.57 -37.61
N PRO G 192 8.28 -12.86 -37.66
CA PRO G 192 9.23 -13.92 -37.99
C PRO G 192 9.83 -13.57 -39.35
N THR G 193 11.15 -13.62 -39.47
CA THR G 193 11.83 -13.13 -40.67
C THR G 193 12.83 -14.15 -41.21
N LEU G 194 12.76 -14.37 -42.52
CA LEU G 194 13.68 -15.26 -43.21
C LEU G 194 14.64 -14.42 -44.02
N LEU G 195 15.94 -14.65 -43.83
CA LEU G 195 16.97 -13.90 -44.54
C LEU G 195 17.77 -14.89 -45.38
N ILE G 196 18.16 -14.44 -46.57
CA ILE G 196 18.75 -15.31 -47.59
C ILE G 196 20.00 -14.66 -48.15
N ALA G 197 21.06 -15.46 -48.27
CA ALA G 197 22.27 -15.00 -48.93
C ALA G 197 22.64 -16.12 -49.88
N GLU G 198 22.23 -15.98 -51.13
CA GLU G 198 22.48 -17.00 -52.14
C GLU G 198 23.70 -16.57 -52.95
N CYS G 199 24.85 -17.18 -52.63
CA CYS G 199 26.15 -16.86 -53.25
C CYS G 199 26.58 -15.41 -53.04
N VAL G 200 26.65 -15.02 -51.77
CA VAL G 200 26.89 -13.64 -51.39
C VAL G 200 28.01 -13.52 -50.34
N LEU G 201 27.90 -14.30 -49.27
CA LEU G 201 28.81 -14.13 -48.10
C LEU G 201 30.28 -14.35 -48.42
N VAL G 202 30.54 -15.23 -49.39
CA VAL G 202 31.90 -15.58 -49.84
C VAL G 202 32.71 -14.39 -50.40
N TYR G 203 32.01 -13.33 -50.83
CA TYR G 203 32.65 -12.15 -51.41
C TYR G 203 33.16 -11.12 -50.39
N MET G 204 32.63 -11.17 -49.18
CA MET G 204 33.09 -10.27 -48.12
C MET G 204 34.03 -11.01 -47.17
N THR G 205 34.79 -10.27 -46.37
CA THR G 205 35.71 -10.88 -45.40
C THR G 205 34.98 -11.69 -44.35
N PRO G 206 35.67 -12.68 -43.72
CA PRO G 206 35.04 -13.45 -42.65
C PRO G 206 34.43 -12.60 -41.53
N GLU G 207 35.11 -11.52 -41.13
CA GLU G 207 34.58 -10.61 -40.11
C GLU G 207 33.30 -9.92 -40.61
N GLN G 208 33.30 -9.51 -41.87
CA GLN G 208 32.15 -8.83 -42.48
C GLN G 208 30.90 -9.73 -42.53
N SER G 209 31.07 -10.98 -42.94
CA SER G 209 29.93 -11.92 -43.00
C SER G 209 29.50 -12.38 -41.60
N ALA G 210 30.48 -12.56 -40.73
CA ALA G 210 30.20 -12.86 -39.32
C ALA G 210 29.34 -11.75 -38.68
N ASN G 211 29.67 -10.49 -38.95
CA ASN G 211 28.92 -9.35 -38.38
C ASN G 211 27.51 -9.24 -38.96
N LEU G 212 27.39 -9.52 -40.26
CA LEU G 212 26.08 -9.55 -40.93
C LEU G 212 25.18 -10.63 -40.30
N LEU G 213 25.74 -11.82 -40.08
CA LEU G 213 25.00 -12.93 -39.48
C LEU G 213 24.55 -12.60 -38.05
N LYS G 214 25.47 -11.98 -37.30
CA LYS G 214 25.21 -11.56 -35.95
C LYS G 214 24.18 -10.43 -35.90
N TRP G 215 24.27 -9.48 -36.84
CA TRP G 215 23.28 -8.40 -36.97
C TRP G 215 21.87 -8.97 -37.20
N ALA G 216 21.78 -9.96 -38.10
CA ALA G 216 20.50 -10.61 -38.42
C ALA G 216 19.93 -11.31 -37.19
N ALA G 217 20.76 -12.07 -36.49
CA ALA G 217 20.34 -12.76 -35.27
C ALA G 217 19.92 -11.79 -34.15
N ASN G 218 20.65 -10.69 -33.99
CA ASN G 218 20.32 -9.71 -32.95
C ASN G 218 19.05 -8.93 -33.27
N SER G 219 18.77 -8.73 -34.55
CA SER G 219 17.59 -7.97 -34.99
C SER G 219 16.24 -8.66 -34.78
N PHE G 220 16.22 -9.99 -34.84
CA PHE G 220 14.96 -10.73 -34.85
C PHE G 220 14.90 -11.81 -33.78
N GLU G 221 13.87 -11.74 -32.93
CA GLU G 221 13.62 -12.79 -31.94
C GLU G 221 13.32 -14.15 -32.59
N ARG G 222 12.61 -14.12 -33.71
CA ARG G 222 12.22 -15.34 -34.43
C ARG G 222 12.67 -15.20 -35.89
N ALA G 223 13.58 -16.07 -36.32
CA ALA G 223 14.21 -15.90 -37.64
C ALA G 223 14.78 -17.19 -38.20
N MET G 224 15.04 -17.18 -39.51
CA MET G 224 15.75 -18.24 -40.19
C MET G 224 16.72 -17.58 -41.16
N PHE G 225 17.86 -18.22 -41.41
CA PHE G 225 18.84 -17.70 -42.35
C PHE G 225 19.20 -18.82 -43.31
N ILE G 226 19.16 -18.53 -44.61
CA ILE G 226 19.61 -19.50 -45.63
C ILE G 226 20.90 -18.96 -46.23
N ASN G 227 21.93 -19.81 -46.27
CA ASN G 227 23.18 -19.48 -46.94
C ASN G 227 23.49 -20.55 -48.01
N TYR G 228 23.66 -20.11 -49.25
CA TYR G 228 24.12 -21.01 -50.33
C TYR G 228 25.47 -20.49 -50.83
N GLU G 229 26.49 -21.36 -50.86
CA GLU G 229 27.77 -21.00 -51.46
C GLU G 229 28.72 -22.20 -51.54
N GLN G 230 29.98 -21.92 -51.84
CA GLN G 230 30.99 -22.95 -52.00
C GLN G 230 31.30 -23.69 -50.69
N VAL G 231 31.83 -24.91 -50.83
CA VAL G 231 32.21 -25.74 -49.70
C VAL G 231 33.30 -26.72 -50.16
N ASN G 232 33.97 -27.35 -49.21
CA ASN G 232 35.05 -28.30 -49.49
C ASN G 232 36.16 -27.71 -50.36
N MET G 233 36.48 -26.45 -50.10
CA MET G 233 37.27 -25.67 -51.05
C MET G 233 38.78 -25.86 -50.92
N GLY G 234 39.19 -26.71 -49.99
CA GLY G 234 40.60 -26.93 -49.71
C GLY G 234 41.33 -27.91 -50.62
N ASP G 235 40.57 -28.64 -51.45
CA ASP G 235 41.16 -29.62 -52.36
C ASP G 235 41.55 -29.01 -53.71
N ARG G 236 42.16 -29.84 -54.55
CA ARG G 236 42.63 -29.43 -55.88
C ARG G 236 41.55 -28.71 -56.66
N PHE G 237 40.36 -29.32 -56.72
CA PHE G 237 39.22 -28.75 -57.43
C PHE G 237 38.86 -27.37 -56.88
N GLY G 238 38.84 -27.24 -55.55
CA GLY G 238 38.55 -25.97 -54.91
C GLY G 238 39.60 -24.91 -55.20
N GLN G 239 40.87 -25.29 -55.16
CA GLN G 239 41.98 -24.37 -55.47
C GLN G 239 41.87 -23.79 -56.89
N ILE G 240 41.55 -24.66 -57.85
CA ILE G 240 41.35 -24.24 -59.25
C ILE G 240 40.19 -23.27 -59.38
N MET G 241 39.08 -23.58 -58.70
CA MET G 241 37.91 -22.71 -58.65
C MET G 241 38.33 -21.32 -58.21
N ILE G 242 39.04 -21.23 -57.09
CA ILE G 242 39.49 -19.97 -56.51
C ILE G 242 40.37 -19.15 -57.49
N GLU G 243 41.32 -19.83 -58.14
CA GLU G 243 42.21 -19.20 -59.12
C GLU G 243 41.46 -18.58 -60.30
N ASN G 244 40.49 -19.31 -60.84
CA ASN G 244 39.72 -18.85 -62.00
C ASN G 244 38.88 -17.61 -61.69
N LEU G 245 38.36 -17.54 -60.47
CA LEU G 245 37.58 -16.39 -60.01
C LEU G 245 38.45 -15.17 -59.72
N ARG G 246 39.64 -15.41 -59.17
CA ARG G 246 40.64 -14.36 -58.91
C ARG G 246 41.01 -13.60 -60.17
N ARG G 247 41.04 -14.32 -61.29
CA ARG G 247 41.40 -13.75 -62.58
C ARG G 247 40.31 -12.83 -63.13
N ARG G 248 39.07 -13.10 -62.75
CA ARG G 248 37.94 -12.21 -63.06
C ARG G 248 37.86 -11.04 -62.07
N GLN G 249 39.02 -10.68 -61.52
CA GLN G 249 39.17 -9.60 -60.51
C GLN G 249 38.12 -9.67 -59.40
N CYS G 250 37.67 -10.89 -59.12
CA CYS G 250 36.62 -11.16 -58.14
C CYS G 250 37.11 -12.20 -57.16
N ASP G 251 37.65 -11.74 -56.03
CA ASP G 251 38.23 -12.64 -55.04
C ASP G 251 37.17 -13.24 -54.11
N LEU G 252 37.42 -14.48 -53.69
CA LEU G 252 36.58 -15.12 -52.68
C LEU G 252 37.18 -14.83 -51.30
N ALA G 253 36.96 -13.59 -50.85
CA ALA G 253 37.47 -13.10 -49.57
C ALA G 253 37.04 -13.93 -48.36
N GLY G 254 35.88 -14.58 -48.46
CA GLY G 254 35.37 -15.40 -47.37
C GLY G 254 35.52 -16.89 -47.56
N VAL G 255 36.43 -17.30 -48.46
CA VAL G 255 36.57 -18.72 -48.81
C VAL G 255 37.03 -19.62 -47.65
N GLU G 256 37.68 -19.04 -46.63
CA GLU G 256 38.09 -19.77 -45.43
C GLU G 256 36.90 -20.50 -44.80
N THR G 257 35.73 -19.86 -44.80
CA THR G 257 34.55 -20.45 -44.18
C THR G 257 33.99 -21.60 -45.03
N CYS G 258 34.43 -21.65 -46.29
CA CYS G 258 34.01 -22.68 -47.22
C CYS G 258 34.84 -23.95 -47.13
N LYS G 259 35.65 -24.06 -46.07
CA LYS G 259 36.46 -25.25 -45.85
C LYS G 259 35.65 -26.57 -45.86
N SER G 260 34.57 -26.60 -45.10
CA SER G 260 33.77 -27.81 -44.89
C SER G 260 32.32 -27.45 -44.52
N LEU G 261 31.43 -28.43 -44.54
CA LEU G 261 30.08 -28.20 -43.98
C LEU G 261 30.16 -27.81 -42.50
N GLU G 262 31.14 -28.38 -41.80
CA GLU G 262 31.39 -28.06 -40.39
C GLU G 262 31.74 -26.59 -40.17
N SER G 263 32.60 -26.03 -41.02
CA SER G 263 32.97 -24.61 -40.86
C SER G 263 31.78 -23.69 -41.17
N GLN G 264 30.94 -24.12 -42.12
CA GLN G 264 29.74 -23.38 -42.51
C GLN G 264 28.72 -23.34 -41.35
N LYS G 265 28.47 -24.49 -40.74
CA LYS G 265 27.60 -24.62 -39.58
C LYS G 265 28.12 -23.82 -38.39
N GLU G 266 29.43 -23.92 -38.14
CA GLU G 266 30.03 -23.21 -37.02
C GLU G 266 29.95 -21.70 -37.13
N ARG G 267 30.16 -21.15 -38.32
CA ARG G 267 29.95 -19.71 -38.53
C ARG G 267 28.53 -19.23 -38.11
N LEU G 268 27.51 -20.04 -38.42
CA LEU G 268 26.13 -19.74 -38.02
C LEU G 268 25.95 -19.78 -36.51
N LEU G 269 26.34 -20.91 -35.90
CA LEU G 269 26.20 -21.13 -34.47
C LEU G 269 27.00 -20.16 -33.62
N SER G 270 28.15 -19.71 -34.11
CA SER G 270 28.99 -18.81 -33.32
C SER G 270 28.59 -17.34 -33.49
N ASN G 271 27.58 -17.10 -34.33
CA ASN G 271 27.13 -15.73 -34.58
C ASN G 271 25.64 -15.53 -34.29
N GLY G 272 25.17 -16.13 -33.20
CA GLY G 272 23.84 -15.84 -32.66
C GLY G 272 22.72 -16.78 -33.06
N TRP G 273 23.01 -17.77 -33.88
CA TRP G 273 21.97 -18.72 -34.33
C TRP G 273 21.91 -19.96 -33.45
N GLU G 274 20.70 -20.49 -33.27
CA GLU G 274 20.47 -21.57 -32.32
C GLU G 274 20.60 -22.97 -32.92
N THR G 275 20.22 -23.12 -34.19
CA THR G 275 20.31 -24.38 -34.91
C THR G 275 21.09 -24.12 -36.20
N ALA G 276 21.73 -25.15 -36.74
CA ALA G 276 22.43 -25.03 -38.01
C ALA G 276 22.54 -26.36 -38.71
N SER G 277 21.99 -26.40 -39.92
CA SER G 277 22.00 -27.57 -40.76
C SER G 277 22.70 -27.20 -42.05
N ALA G 278 23.30 -28.19 -42.70
CA ALA G 278 23.98 -27.96 -43.97
C ALA G 278 24.06 -29.26 -44.73
N VAL G 279 24.01 -29.17 -46.05
CA VAL G 279 24.05 -30.33 -46.92
C VAL G 279 24.85 -29.92 -48.14
N ASP G 280 25.67 -30.81 -48.69
CA ASP G 280 26.28 -30.48 -49.98
C ASP G 280 25.24 -30.70 -51.07
N MET G 281 25.45 -30.10 -52.23
CA MET G 281 24.39 -30.07 -53.25
C MET G 281 24.19 -31.42 -53.95
N MET G 282 25.20 -32.30 -53.87
CA MET G 282 25.06 -33.65 -54.43
C MET G 282 24.11 -34.45 -53.58
N GLU G 283 24.20 -34.35 -52.26
CA GLU G 283 23.23 -35.04 -51.40
C GLU G 283 21.80 -34.53 -51.63
N LEU G 284 21.64 -33.22 -51.78
CA LEU G 284 20.33 -32.65 -52.06
C LEU G 284 19.78 -33.18 -53.38
N TYR G 285 20.64 -33.21 -54.41
CA TYR G 285 20.29 -33.70 -55.73
C TYR G 285 19.88 -35.18 -55.69
N ASN G 286 20.68 -35.98 -55.00
CA ASN G 286 20.39 -37.42 -54.79
C ASN G 286 19.08 -37.68 -54.03
N ARG G 287 18.60 -36.68 -53.31
CA ARG G 287 17.35 -36.78 -52.55
C ARG G 287 16.12 -36.23 -53.29
N LEU G 288 16.32 -35.68 -54.49
CA LEU G 288 15.22 -35.27 -55.34
C LEU G 288 14.33 -36.45 -55.71
N PRO G 289 13.03 -36.18 -55.98
CA PRO G 289 12.16 -37.23 -56.51
C PRO G 289 12.78 -37.84 -57.76
N ARG G 290 12.76 -39.17 -57.83
CA ARG G 290 13.28 -39.89 -59.00
C ARG G 290 12.75 -39.29 -60.31
N ALA G 291 11.47 -38.95 -60.33
CA ALA G 291 10.84 -38.34 -61.50
C ALA G 291 11.44 -36.98 -61.88
N GLU G 292 11.79 -36.18 -60.86
CA GLU G 292 12.43 -34.87 -61.12
C GLU G 292 13.79 -35.03 -61.77
N VAL G 293 14.58 -35.98 -61.27
CA VAL G 293 15.91 -36.24 -61.82
C VAL G 293 15.79 -36.72 -63.26
N SER G 294 14.85 -37.63 -63.51
CA SER G 294 14.57 -38.07 -64.88
C SER G 294 14.19 -36.91 -65.80
N ARG G 295 13.34 -35.98 -65.31
CA ARG G 295 13.00 -34.79 -66.10
C ARG G 295 14.25 -33.98 -66.41
N ILE G 296 15.07 -33.75 -65.39
CA ILE G 296 16.31 -32.99 -65.52
C ILE G 296 17.22 -33.64 -66.57
N GLU G 297 17.43 -34.94 -66.43
CA GLU G 297 18.28 -35.70 -67.35
C GLU G 297 17.78 -35.68 -68.80
N SER G 298 16.47 -35.53 -68.98
CA SER G 298 15.88 -35.47 -70.32
C SER G 298 16.22 -34.18 -71.07
N LEU G 299 16.62 -33.14 -70.33
CA LEU G 299 16.84 -31.83 -70.94
C LEU G 299 18.14 -31.76 -71.72
N GLU G 300 19.19 -32.36 -71.16
CA GLU G 300 20.53 -32.31 -71.75
C GLU G 300 21.25 -33.59 -71.38
N PHE G 301 22.03 -34.12 -72.31
CA PHE G 301 22.84 -35.29 -72.03
C PHE G 301 24.16 -34.87 -71.38
N LEU G 302 24.51 -35.52 -70.29
CA LEU G 302 25.78 -35.29 -69.63
C LEU G 302 26.69 -36.49 -69.83
N ASP G 303 27.83 -36.25 -70.47
CA ASP G 303 28.72 -37.35 -70.88
C ASP G 303 29.64 -37.92 -69.79
N GLU G 304 29.86 -37.15 -68.72
CA GLU G 304 30.70 -37.60 -67.59
C GLU G 304 30.11 -37.22 -66.22
N MET G 305 29.72 -38.24 -65.46
CA MET G 305 29.03 -38.01 -64.19
C MET G 305 29.94 -37.42 -63.10
N GLU G 306 31.24 -37.69 -63.22
CA GLU G 306 32.19 -37.26 -62.17
C GLU G 306 32.40 -35.75 -62.14
N LEU G 307 32.22 -35.08 -63.27
CA LEU G 307 32.23 -33.63 -63.29
C LEU G 307 31.06 -33.09 -62.46
N LEU G 308 29.88 -33.67 -62.65
CA LEU G 308 28.70 -33.31 -61.86
C LEU G 308 28.95 -33.53 -60.38
N GLU G 309 29.36 -34.75 -60.02
CA GLU G 309 29.67 -35.10 -58.64
C GLU G 309 30.59 -34.05 -58.04
N GLN G 310 31.69 -33.78 -58.75
CA GLN G 310 32.71 -32.86 -58.27
C GLN G 310 32.14 -31.46 -58.02
N LEU G 311 31.38 -30.96 -59.00
CA LEU G 311 30.79 -29.62 -58.91
C LEU G 311 29.82 -29.51 -57.73
N MET G 312 28.93 -30.49 -57.62
CA MET G 312 27.86 -30.51 -56.62
C MET G 312 28.42 -30.67 -55.21
N ARG G 313 29.54 -31.38 -55.07
CA ARG G 313 30.17 -31.56 -53.76
C ARG G 313 30.97 -30.32 -53.33
N HIS G 314 31.05 -29.31 -54.19
CA HIS G 314 31.74 -28.07 -53.84
C HIS G 314 30.78 -26.88 -53.66
N TYR G 315 29.50 -27.19 -53.54
CA TYR G 315 28.50 -26.19 -53.14
C TYR G 315 27.63 -26.76 -52.03
N CYS G 316 27.07 -25.87 -51.22
CA CYS G 316 26.28 -26.32 -50.08
C CYS G 316 25.10 -25.40 -49.84
N LEU G 317 24.12 -25.95 -49.15
CA LEU G 317 22.94 -25.20 -48.71
C LEU G 317 22.89 -25.34 -47.20
N CYS G 318 22.93 -24.21 -46.51
CA CYS G 318 22.96 -24.15 -45.04
C CYS G 318 21.77 -23.34 -44.56
N TRP G 319 21.23 -23.72 -43.41
CA TRP G 319 20.16 -22.93 -42.83
C TRP G 319 20.21 -22.98 -41.32
N ALA G 320 19.86 -21.85 -40.72
CA ALA G 320 19.91 -21.72 -39.29
C ALA G 320 18.61 -21.08 -38.84
N THR G 321 18.22 -21.36 -37.59
CA THR G 321 17.02 -20.73 -37.02
C THR G 321 17.31 -20.21 -35.62
N LYS G 322 16.40 -19.38 -35.11
CA LYS G 322 16.40 -19.01 -33.70
C LYS G 322 14.99 -18.61 -33.28
N GLY G 323 14.67 -18.84 -32.01
CA GLY G 323 13.34 -18.52 -31.43
C GLY G 323 12.16 -19.19 -32.10
N GLY G 324 12.40 -20.30 -32.79
CA GLY G 324 11.39 -20.89 -33.68
C GLY G 324 10.51 -21.99 -33.14
N ASN G 325 10.72 -22.39 -31.87
CA ASN G 325 10.06 -23.58 -31.33
C ASN G 325 8.53 -23.60 -31.37
N GLU G 326 7.88 -22.45 -31.18
CA GLU G 326 6.42 -22.41 -31.24
C GLU G 326 5.93 -22.56 -32.68
N LEU G 327 6.76 -22.12 -33.63
CA LEU G 327 6.46 -22.21 -35.06
C LEU G 327 6.95 -23.51 -35.70
N GLY G 328 7.82 -24.23 -35.00
CA GLY G 328 8.44 -25.46 -35.52
C GLY G 328 9.54 -25.21 -36.53
N LEU G 329 10.22 -24.06 -36.42
CA LEU G 329 11.27 -23.69 -37.40
C LEU G 329 12.42 -24.70 -37.48
N LYS G 330 12.83 -25.24 -36.33
CA LYS G 330 13.96 -26.17 -36.34
C LYS G 330 13.65 -27.47 -37.11
N GLU G 331 12.37 -27.70 -37.40
CA GLU G 331 11.96 -28.90 -38.14
C GLU G 331 12.00 -28.72 -39.66
N ILE G 332 12.21 -27.49 -40.11
CA ILE G 332 12.28 -27.17 -41.53
C ILE G 332 13.47 -27.88 -42.17
N THR G 333 13.23 -28.50 -43.31
CA THR G 333 14.28 -29.12 -44.12
C THR G 333 13.97 -28.92 -45.61
N TYR G 334 14.90 -29.32 -46.48
CA TYR G 334 14.78 -29.06 -47.91
C TYR G 334 13.98 -30.16 -48.60
N GLY H 25 13.52 25.57 58.91
CA GLY H 25 12.74 26.10 57.75
C GLY H 25 13.40 25.82 56.42
N VAL H 26 14.71 26.11 56.33
CA VAL H 26 15.48 25.98 55.09
C VAL H 26 15.61 24.52 54.67
N ARG H 27 15.61 23.63 55.66
CA ARG H 27 15.77 22.18 55.43
C ARG H 27 14.60 21.55 54.67
N GLY H 28 13.43 22.18 54.76
CA GLY H 28 12.24 21.69 54.08
C GLY H 28 11.98 22.28 52.70
N THR H 29 12.78 23.28 52.31
CA THR H 29 12.59 23.97 51.03
C THR H 29 12.82 23.08 49.80
N CYS H 30 13.80 22.17 49.89
CA CYS H 30 14.07 21.21 48.81
C CYS H 30 12.85 20.35 48.47
N GLU H 31 12.20 19.82 49.51
CA GLU H 31 11.02 19.00 49.34
C GLU H 31 9.87 19.80 48.71
N ASP H 32 9.60 21.00 49.24
CA ASP H 32 8.53 21.85 48.70
C ASP H 32 8.74 22.21 47.24
N ALA H 33 9.97 22.55 46.88
CA ALA H 33 10.31 22.87 45.49
C ALA H 33 10.05 21.67 44.58
N SER H 34 10.54 20.49 44.99
CA SER H 34 10.38 19.26 44.24
C SER H 34 8.91 18.83 44.10
N LEU H 35 8.15 18.95 45.19
CA LEU H 35 6.73 18.61 45.19
C LEU H 35 5.96 19.49 44.20
N CYS H 36 6.24 20.79 44.25
CA CYS H 36 5.56 21.76 43.39
C CYS H 36 5.92 21.54 41.93
N LYS H 37 7.19 21.26 41.68
CA LYS H 37 7.62 21.01 40.33
C LYS H 37 7.04 19.72 39.77
N ARG H 38 7.10 18.63 40.54
CA ARG H 38 6.52 17.35 40.06
C ARG H 38 5.04 17.52 39.73
N PHE H 39 4.34 18.26 40.59
CA PHE H 39 2.90 18.52 40.43
C PHE H 39 2.59 19.28 39.14
N ALA H 40 3.32 20.35 38.89
CA ALA H 40 3.19 21.11 37.65
C ALA H 40 3.44 20.25 36.42
N VAL H 41 4.49 19.41 36.48
CA VAL H 41 4.83 18.48 35.41
C VAL H 41 3.70 17.48 35.15
N SER H 42 3.04 17.04 36.22
CA SER H 42 1.98 16.03 36.10
C SER H 42 0.74 16.57 35.37
N ILE H 43 0.48 17.86 35.51
CA ILE H 43 -0.61 18.55 34.79
C ILE H 43 -0.22 18.82 33.32
N GLY H 44 1.09 18.87 33.05
CA GLY H 44 1.59 19.00 31.68
C GLY H 44 2.28 20.31 31.33
N TYR H 45 2.63 21.11 32.34
CA TYR H 45 3.31 22.40 32.14
C TYR H 45 4.67 22.28 31.42
N TRP H 46 5.47 21.30 31.81
CA TRP H 46 6.70 20.95 31.07
C TRP H 46 7.02 19.46 31.19
N HIS H 47 7.91 18.98 30.31
CA HIS H 47 8.25 17.57 30.24
C HIS H 47 9.46 17.24 31.12
N ASP H 48 9.27 16.32 32.06
CA ASP H 48 10.34 15.86 32.94
C ASP H 48 10.02 14.45 33.45
N PRO H 49 10.55 13.42 32.77
CA PRO H 49 10.32 12.03 33.19
C PRO H 49 11.12 11.60 34.43
N TYR H 50 12.02 12.47 34.91
CA TYR H 50 12.95 12.10 35.98
C TYR H 50 12.53 12.51 37.40
N ILE H 51 11.74 13.57 37.51
CA ILE H 51 11.40 14.12 38.83
C ILE H 51 10.59 13.14 39.70
N GLN H 52 9.86 12.24 39.06
CA GLN H 52 9.12 11.17 39.74
C GLN H 52 10.01 10.31 40.64
N HIS H 53 11.28 10.17 40.27
CA HIS H 53 12.21 9.32 40.99
C HIS H 53 12.77 9.98 42.26
N PHE H 54 12.43 11.25 42.48
CA PHE H 54 13.01 12.03 43.58
C PHE H 54 12.00 12.51 44.60
N VAL H 55 10.71 12.48 44.25
CA VAL H 55 9.65 13.05 45.09
C VAL H 55 8.31 12.43 44.72
N ARG H 56 7.42 12.31 45.70
CA ARG H 56 6.06 11.78 45.48
C ARG H 56 5.21 12.79 44.71
N LEU H 57 4.09 12.32 44.17
CA LEU H 57 3.10 13.22 43.56
C LEU H 57 2.12 13.72 44.61
N SER H 58 2.16 15.03 44.85
CA SER H 58 1.23 15.70 45.75
C SER H 58 -0.20 15.55 45.23
N LYS H 59 -1.15 15.43 46.16
CA LYS H 59 -2.56 15.26 45.81
C LYS H 59 -3.37 16.53 46.04
N GLU H 60 -2.77 17.52 46.71
CA GLU H 60 -3.49 18.74 47.11
C GLU H 60 -3.80 19.72 45.97
N ARG H 61 -4.91 20.44 46.14
CA ARG H 61 -5.35 21.48 45.20
C ARG H 61 -4.47 22.72 45.29
N LYS H 62 -4.14 23.27 44.12
CA LYS H 62 -3.25 24.44 44.02
C LYS H 62 -3.85 25.54 43.17
N ALA H 63 -3.55 26.77 43.53
CA ALA H 63 -3.81 27.90 42.64
C ALA H 63 -3.02 27.66 41.34
N PRO H 64 -3.70 27.77 40.18
CA PRO H 64 -3.01 27.64 38.89
C PRO H 64 -1.96 28.73 38.69
N GLU H 65 -2.06 29.82 39.46
CA GLU H 65 -1.07 30.90 39.43
C GLU H 65 0.30 30.39 39.88
N ILE H 66 0.30 29.48 40.85
CA ILE H 66 1.53 28.86 41.35
C ILE H 66 2.19 28.00 40.27
N ASN H 67 1.40 27.20 39.58
CA ASN H 67 1.92 26.34 38.52
C ASN H 67 2.50 27.14 37.35
N ARG H 68 1.81 28.22 36.98
CA ARG H 68 2.29 29.10 35.91
C ARG H 68 3.58 29.80 36.34
N GLY H 69 3.64 30.19 37.60
CA GLY H 69 4.86 30.78 38.20
C GLY H 69 6.05 29.84 38.11
N TYR H 70 5.83 28.57 38.48
CA TYR H 70 6.85 27.54 38.37
C TYR H 70 7.26 27.25 36.93
N PHE H 71 6.30 27.30 36.00
CA PHE H 71 6.62 27.16 34.58
C PHE H 71 7.56 28.27 34.08
N ALA H 72 7.23 29.51 34.40
CA ALA H 72 8.04 30.65 33.93
C ALA H 72 9.45 30.57 34.51
N ARG H 73 9.51 30.27 35.80
CA ARG H 73 10.77 30.06 36.53
C ARG H 73 11.67 29.06 35.82
N VAL H 74 11.16 27.84 35.63
CA VAL H 74 11.94 26.76 35.00
C VAL H 74 12.28 27.09 33.55
N HIS H 75 11.35 27.71 32.83
CA HIS H 75 11.60 28.05 31.43
C HIS H 75 12.70 29.08 31.33
N GLY H 76 12.63 30.12 32.16
CA GLY H 76 13.62 31.20 32.16
C GLY H 76 15.03 30.73 32.46
N VAL H 77 15.16 29.96 33.55
CA VAL H 77 16.45 29.37 33.92
C VAL H 77 16.99 28.48 32.78
N SER H 78 16.12 27.66 32.21
CA SER H 78 16.50 26.76 31.13
C SER H 78 17.03 27.51 29.90
N GLN H 79 16.35 28.58 29.53
CA GLN H 79 16.75 29.39 28.37
C GLN H 79 18.15 29.98 28.55
N LEU H 80 18.42 30.49 29.75
CA LEU H 80 19.73 31.07 30.03
C LEU H 80 20.82 29.99 30.04
N ILE H 81 20.52 28.83 30.61
CA ILE H 81 21.45 27.69 30.58
C ILE H 81 21.79 27.32 29.13
N LYS H 82 20.76 27.08 28.32
CA LYS H 82 21.00 26.70 26.91
C LYS H 82 21.77 27.76 26.11
N ALA H 83 21.50 29.03 26.41
CA ALA H 83 22.20 30.15 25.76
C ALA H 83 23.68 30.15 26.13
N PHE H 84 23.99 29.90 27.40
CA PHE H 84 25.36 29.74 27.85
C PHE H 84 26.03 28.57 27.16
N LEU H 85 25.32 27.44 27.08
CA LEU H 85 25.83 26.24 26.42
C LEU H 85 26.10 26.44 24.92
N ARG H 86 25.20 27.15 24.22
CA ARG H 86 25.40 27.44 22.80
C ARG H 86 26.64 28.32 22.58
N LYS H 87 26.77 29.39 23.37
CA LYS H 87 27.92 30.30 23.27
C LYS H 87 29.26 29.61 23.55
N THR H 88 29.27 28.68 24.50
CA THR H 88 30.51 27.99 24.87
C THR H 88 30.72 26.70 24.06
N GLU H 89 29.73 26.36 23.22
CA GLU H 89 29.69 25.08 22.49
C GLU H 89 29.84 23.87 23.42
N CYS H 90 29.24 23.98 24.60
CA CYS H 90 29.26 22.93 25.64
C CYS H 90 30.65 22.65 26.25
N HIS H 91 31.63 23.48 25.92
CA HIS H 91 32.95 23.39 26.54
C HIS H 91 33.01 24.34 27.74
N CYS H 92 32.48 23.85 28.85
CA CYS H 92 32.18 24.68 30.01
C CYS H 92 31.79 23.79 31.17
N GLN H 93 31.63 24.42 32.33
CA GLN H 93 31.08 23.75 33.51
C GLN H 93 29.79 24.43 33.95
N ILE H 94 28.90 23.65 34.55
CA ILE H 94 27.71 24.20 35.21
C ILE H 94 27.78 23.79 36.67
N VAL H 95 27.56 24.75 37.56
CA VAL H 95 27.52 24.48 38.99
C VAL H 95 26.20 24.99 39.53
N ASN H 96 25.32 24.06 39.89
CA ASN H 96 24.03 24.41 40.43
C ASN H 96 24.12 24.41 41.95
N LEU H 97 24.09 25.60 42.54
CA LEU H 97 24.24 25.80 43.98
C LEU H 97 22.88 25.74 44.69
N GLY H 98 22.73 24.87 45.69
CA GLY H 98 21.42 24.61 46.28
C GLY H 98 20.50 23.96 45.27
N ALA H 99 21.03 22.93 44.59
CA ALA H 99 20.36 22.26 43.49
C ALA H 99 19.12 21.47 43.88
N GLY H 100 19.04 21.04 45.15
CA GLY H 100 18.00 20.14 45.58
C GLY H 100 17.88 18.93 44.67
N MET H 101 16.64 18.59 44.32
CA MET H 101 16.34 17.45 43.45
C MET H 101 16.28 17.81 41.97
N ASP H 102 17.06 18.81 41.55
CA ASP H 102 17.02 19.27 40.16
C ASP H 102 17.40 18.17 39.19
N THR H 103 16.70 18.12 38.05
CA THR H 103 16.85 17.04 37.08
C THR H 103 17.48 17.53 35.78
N THR H 104 17.98 18.77 35.80
CA THR H 104 18.46 19.44 34.58
C THR H 104 19.53 18.65 33.83
N PHE H 105 20.42 17.99 34.56
CA PHE H 105 21.47 17.16 33.95
C PHE H 105 20.89 16.14 32.97
N TRP H 106 19.89 15.39 33.43
CA TRP H 106 19.26 14.36 32.61
C TRP H 106 18.43 14.96 31.47
N ARG H 107 17.73 16.05 31.76
CA ARG H 107 16.91 16.75 30.76
C ARG H 107 17.73 17.37 29.64
N LEU H 108 18.88 17.94 29.98
CA LEU H 108 19.78 18.50 28.97
C LEU H 108 20.39 17.39 28.11
N LYS H 109 20.77 16.29 28.75
CA LYS H 109 21.34 15.13 28.07
C LYS H 109 20.42 14.57 26.98
N ASP H 110 19.12 14.47 27.29
CA ASP H 110 18.11 14.02 26.33
C ASP H 110 18.00 14.94 25.12
N GLU H 111 18.41 16.20 25.31
CA GLU H 111 18.42 17.19 24.24
C GLU H 111 19.80 17.34 23.60
N ASP H 112 20.66 16.34 23.82
CA ASP H 112 22.05 16.32 23.32
C ASP H 112 22.85 17.55 23.72
N LEU H 113 22.56 18.08 24.90
CA LEU H 113 23.33 19.16 25.47
C LEU H 113 23.99 18.62 26.73
N LEU H 114 25.31 18.59 26.71
CA LEU H 114 26.10 18.01 27.78
C LEU H 114 27.30 18.94 27.98
N SER H 115 27.35 19.62 29.13
CA SER H 115 28.51 20.44 29.49
C SER H 115 29.69 19.51 29.75
N SER H 116 30.89 20.08 29.82
CA SER H 116 32.11 19.29 30.09
C SER H 116 31.96 18.54 31.41
N LYS H 117 31.50 19.25 32.43
CA LYS H 117 31.14 18.63 33.71
C LYS H 117 30.05 19.45 34.40
N TYR H 118 29.10 18.73 34.99
CA TYR H 118 27.96 19.31 35.66
C TYR H 118 28.10 19.03 37.17
N PHE H 119 28.07 20.10 37.97
CA PHE H 119 28.25 20.01 39.42
C PHE H 119 26.97 20.44 40.13
N GLU H 120 26.62 19.71 41.18
CA GLU H 120 25.52 20.14 42.05
C GLU H 120 26.02 20.22 43.48
N VAL H 121 25.53 21.23 44.22
CA VAL H 121 25.84 21.40 45.64
C VAL H 121 24.55 21.58 46.44
N ASP H 122 24.47 20.90 47.58
CA ASP H 122 23.39 21.13 48.53
C ASP H 122 23.87 20.61 49.89
N PHE H 123 23.07 20.80 50.93
CA PHE H 123 23.38 20.22 52.25
C PHE H 123 23.64 18.72 52.14
N PRO H 124 24.58 18.20 52.96
CA PRO H 124 24.82 16.75 53.03
C PRO H 124 23.54 15.90 53.12
N MET H 125 22.58 16.31 53.95
CA MET H 125 21.33 15.56 54.13
C MET H 125 20.54 15.44 52.83
N ILE H 126 20.46 16.54 52.09
CA ILE H 126 19.77 16.57 50.81
C ILE H 126 20.54 15.71 49.80
N VAL H 127 21.85 15.87 49.75
CA VAL H 127 22.69 15.07 48.85
C VAL H 127 22.51 13.57 49.11
N THR H 128 22.46 13.19 50.38
CA THR H 128 22.23 11.78 50.75
C THR H 128 20.91 11.26 50.16
N ARG H 129 19.85 12.06 50.25
CA ARG H 129 18.57 11.67 49.64
C ARG H 129 18.71 11.50 48.14
N LYS H 130 19.35 12.47 47.49
CA LYS H 130 19.49 12.44 46.03
C LYS H 130 20.29 11.22 45.59
N LEU H 131 21.39 10.94 46.30
CA LEU H 131 22.27 9.82 45.95
C LEU H 131 21.57 8.48 46.16
N HIS H 132 20.66 8.44 47.12
CA HIS H 132 19.88 7.24 47.40
C HIS H 132 18.93 6.93 46.23
N SER H 133 18.22 7.96 45.76
CA SER H 133 17.35 7.83 44.59
C SER H 133 18.13 7.34 43.37
N ILE H 134 19.28 7.97 43.12
CA ILE H 134 20.14 7.61 41.99
C ILE H 134 20.57 6.15 42.05
N LYS H 135 21.07 5.74 43.20
CA LYS H 135 21.52 4.37 43.43
C LYS H 135 20.42 3.32 43.20
N CYS H 136 19.19 3.65 43.58
CA CYS H 136 18.07 2.70 43.45
C CYS H 136 17.41 2.66 42.06
N LYS H 137 17.52 3.74 41.29
CA LYS H 137 16.77 3.87 40.03
C LYS H 137 17.68 3.89 38.79
N PRO H 138 17.67 2.79 38.00
CA PRO H 138 18.43 2.75 36.74
C PRO H 138 18.18 3.86 35.72
N PRO H 139 16.93 4.40 35.62
CA PRO H 139 16.77 5.54 34.70
C PRO H 139 17.62 6.76 35.07
N LEU H 140 18.06 6.83 36.33
CA LEU H 140 18.91 7.92 36.81
C LEU H 140 20.41 7.61 36.70
N SER H 141 20.83 6.44 37.19
CA SER H 141 22.26 6.10 37.23
C SER H 141 22.86 5.62 35.91
N SER H 142 22.06 4.98 35.04
CA SER H 142 22.55 4.50 33.74
C SER H 142 23.06 5.62 32.80
N PRO H 143 22.31 6.73 32.69
CA PRO H 143 22.85 7.85 31.89
C PRO H 143 24.17 8.43 32.42
N ILE H 144 24.34 8.46 33.74
CA ILE H 144 25.60 8.88 34.37
C ILE H 144 26.71 7.89 34.05
N LEU H 145 26.41 6.60 34.23
CA LEU H 145 27.34 5.52 33.94
C LEU H 145 27.75 5.44 32.47
N GLU H 146 26.81 5.70 31.57
CA GLU H 146 27.07 5.79 30.12
C GLU H 146 28.27 6.69 29.81
N LEU H 147 28.40 7.76 30.59
CA LEU H 147 29.37 8.81 30.30
C LEU H 147 30.64 8.70 31.15
N HIS H 148 30.61 7.82 32.14
CA HIS H 148 31.70 7.67 33.09
C HIS H 148 32.79 6.74 32.55
N SER H 149 34.02 6.96 32.99
CA SER H 149 35.18 6.19 32.53
C SER H 149 35.45 4.95 33.41
N GLU H 150 34.51 4.65 34.29
CA GLU H 150 34.54 3.43 35.08
C GLU H 150 33.18 2.77 34.96
N ASP H 151 33.13 1.44 35.18
CA ASP H 151 31.88 0.71 35.07
C ASP H 151 31.10 0.70 36.39
N THR H 152 31.56 1.49 37.34
CA THR H 152 30.93 1.59 38.66
C THR H 152 31.04 3.03 39.20
N LEU H 153 29.96 3.52 39.79
CA LEU H 153 29.94 4.84 40.40
C LEU H 153 30.34 4.78 41.87
N GLN H 154 31.30 5.60 42.26
CA GLN H 154 31.68 5.77 43.66
C GLN H 154 30.82 6.86 44.29
N MET H 155 29.98 6.44 45.23
CA MET H 155 29.08 7.35 45.93
C MET H 155 29.38 7.29 47.43
N ASP H 156 30.47 7.95 47.80
CA ASP H 156 31.00 7.89 49.15
C ASP H 156 30.31 8.88 50.09
N GLY H 157 29.21 8.42 50.68
CA GLY H 157 28.48 9.19 51.68
C GLY H 157 27.85 10.47 51.17
N HIS H 158 28.60 11.56 51.23
CA HIS H 158 28.09 12.89 50.89
C HIS H 158 28.56 13.41 49.54
N ILE H 159 29.21 12.55 48.74
CA ILE H 159 29.77 12.95 47.45
C ILE H 159 29.61 11.87 46.38
N LEU H 160 29.11 12.27 45.21
CA LEU H 160 29.14 11.44 44.02
C LEU H 160 30.06 12.14 43.02
N ASP H 161 31.04 11.40 42.51
CA ASP H 161 31.97 11.94 41.52
C ASP H 161 32.09 11.01 40.31
N SER H 162 31.86 11.58 39.13
CA SER H 162 31.98 10.87 37.87
C SER H 162 32.54 11.83 36.83
N LYS H 163 32.88 11.31 35.65
CA LYS H 163 33.46 12.14 34.60
C LYS H 163 32.65 13.40 34.30
N ARG H 164 31.33 13.25 34.15
CA ARG H 164 30.50 14.34 33.61
C ARG H 164 29.52 14.95 34.61
N TYR H 165 29.43 14.34 35.80
CA TYR H 165 28.43 14.70 36.79
C TYR H 165 28.96 14.47 38.20
N ALA H 166 28.82 15.48 39.04
CA ALA H 166 29.21 15.40 40.44
C ALA H 166 28.14 16.01 41.34
N VAL H 167 27.87 15.36 42.47
CA VAL H 167 26.95 15.88 43.47
C VAL H 167 27.72 16.01 44.78
N ILE H 168 27.68 17.21 45.36
CA ILE H 168 28.51 17.52 46.52
C ILE H 168 27.73 18.08 47.70
N GLY H 169 27.80 17.37 48.83
CA GLY H 169 27.26 17.86 50.10
C GLY H 169 28.17 18.89 50.76
N ALA H 170 27.69 20.13 50.86
CA ALA H 170 28.44 21.24 51.44
C ALA H 170 27.52 22.41 51.77
N ASP H 171 27.84 23.13 52.84
CA ASP H 171 27.13 24.32 53.25
C ASP H 171 27.70 25.53 52.48
N LEU H 172 26.81 26.19 51.73
CA LEU H 172 27.19 27.33 50.90
C LEU H 172 27.66 28.53 51.73
N ARG H 173 27.52 28.41 53.05
CA ARG H 173 28.02 29.44 53.96
C ARG H 173 29.44 29.15 54.46
N ASP H 174 30.01 28.03 53.99
CA ASP H 174 31.36 27.61 54.32
C ASP H 174 32.18 27.55 53.02
N LEU H 175 32.68 28.71 52.59
CA LEU H 175 33.28 28.84 51.26
C LEU H 175 34.56 28.04 51.05
N SER H 176 35.37 27.90 52.11
CA SER H 176 36.60 27.10 52.04
C SER H 176 36.30 25.62 51.79
N GLU H 177 35.38 25.06 52.59
CA GLU H 177 34.89 23.70 52.39
C GLU H 177 34.30 23.49 50.98
N LEU H 178 33.45 24.43 50.56
CA LEU H 178 32.87 24.41 49.21
C LEU H 178 33.95 24.30 48.13
N GLU H 179 34.92 25.21 48.15
CA GLU H 179 35.98 25.25 47.14
C GLU H 179 36.81 23.97 47.14
N GLU H 180 37.15 23.52 48.36
CA GLU H 180 37.90 22.29 48.58
C GLU H 180 37.26 21.09 47.91
N LYS H 181 35.96 20.93 48.14
CA LYS H 181 35.22 19.78 47.61
C LYS H 181 35.02 19.82 46.10
N LEU H 182 34.75 21.01 45.55
CA LEU H 182 34.61 21.18 44.10
C LEU H 182 35.91 20.83 43.39
N LYS H 183 37.03 21.32 43.92
CA LYS H 183 38.33 21.04 43.35
C LYS H 183 38.70 19.57 43.46
N LYS H 184 38.33 18.95 44.59
CA LYS H 184 38.45 17.50 44.75
C LYS H 184 37.70 16.75 43.65
N CYS H 185 36.57 17.28 43.23
CA CYS H 185 35.78 16.70 42.14
C CYS H 185 36.16 17.24 40.77
N ASN H 186 37.37 17.79 40.67
CA ASN H 186 37.98 18.17 39.39
C ASN H 186 37.34 19.40 38.70
N MET H 187 36.82 20.33 39.51
CA MET H 187 36.36 21.61 38.96
C MET H 187 37.56 22.40 38.43
N ASN H 188 37.55 22.66 37.12
CA ASN H 188 38.62 23.34 36.39
C ASN H 188 38.29 24.83 36.20
N THR H 189 38.98 25.69 36.94
CA THR H 189 38.71 27.14 36.93
C THR H 189 39.13 27.85 35.63
N GLN H 190 39.73 27.11 34.70
CA GLN H 190 40.11 27.64 33.39
C GLN H 190 38.98 27.53 32.35
N LEU H 191 37.93 26.79 32.70
CA LEU H 191 36.78 26.62 31.80
C LEU H 191 35.75 27.70 32.08
N PRO H 192 35.04 28.17 31.03
CA PRO H 192 33.93 29.08 31.28
C PRO H 192 32.92 28.36 32.19
N THR H 193 32.47 29.02 33.25
CA THR H 193 31.65 28.33 34.25
C THR H 193 30.34 29.09 34.49
N LEU H 194 29.23 28.35 34.42
CA LEU H 194 27.93 28.90 34.79
C LEU H 194 27.54 28.43 36.19
N LEU H 195 27.25 29.37 37.08
CA LEU H 195 26.78 29.04 38.40
C LEU H 195 25.32 29.46 38.54
N ILE H 196 24.53 28.63 39.21
CA ILE H 196 23.09 28.85 39.32
C ILE H 196 22.64 28.83 40.78
N ALA H 197 21.83 29.82 41.15
CA ALA H 197 21.18 29.84 42.44
C ALA H 197 19.68 30.07 42.20
N GLU H 198 18.93 28.98 42.09
CA GLU H 198 17.51 29.07 41.81
C GLU H 198 16.77 28.91 43.14
N CYS H 199 16.34 30.05 43.68
CA CYS H 199 15.60 30.15 44.95
C CYS H 199 16.41 29.60 46.12
N VAL H 200 17.58 30.21 46.34
CA VAL H 200 18.58 29.72 47.30
C VAL H 200 19.17 30.87 48.12
N LEU H 201 19.55 31.95 47.44
CA LEU H 201 20.26 33.05 48.10
C LEU H 201 19.40 33.73 49.17
N VAL H 202 18.08 33.68 48.98
CA VAL H 202 17.15 34.29 49.92
C VAL H 202 17.13 33.57 51.29
N TYR H 203 17.66 32.35 51.33
CA TYR H 203 17.74 31.58 52.58
C TYR H 203 19.02 31.75 53.41
N MET H 204 19.91 32.65 52.99
CA MET H 204 21.07 33.00 53.80
C MET H 204 21.09 34.51 54.03
N THR H 205 21.96 34.98 54.94
CA THR H 205 22.08 36.42 55.23
C THR H 205 22.61 37.17 54.00
N PRO H 206 22.29 38.47 53.87
CA PRO H 206 22.83 39.23 52.74
C PRO H 206 24.36 39.19 52.68
N GLU H 207 25.02 39.15 53.85
CA GLU H 207 26.47 39.01 53.90
C GLU H 207 26.93 37.65 53.33
N GLN H 208 26.24 36.57 53.72
CA GLN H 208 26.58 35.22 53.26
C GLN H 208 26.38 35.08 51.74
N SER H 209 25.29 35.62 51.22
CA SER H 209 25.05 35.57 49.76
C SER H 209 26.03 36.44 48.99
N ALA H 210 26.30 37.63 49.53
CA ALA H 210 27.31 38.53 48.93
C ALA H 210 28.68 37.86 48.86
N ASN H 211 29.03 37.11 49.91
CA ASN H 211 30.30 36.38 49.96
C ASN H 211 30.38 35.27 48.92
N LEU H 212 29.27 34.55 48.75
CA LEU H 212 29.17 33.50 47.73
C LEU H 212 29.31 34.04 46.30
N LEU H 213 28.65 35.16 46.02
CA LEU H 213 28.76 35.81 44.70
C LEU H 213 30.19 36.31 44.43
N LYS H 214 30.81 36.86 45.47
CA LYS H 214 32.18 37.35 45.36
C LYS H 214 33.19 36.21 45.19
N TRP H 215 32.98 35.13 45.94
CA TRP H 215 33.81 33.93 45.77
C TRP H 215 33.72 33.40 44.35
N ALA H 216 32.50 33.34 43.82
CA ALA H 216 32.25 32.83 42.47
C ALA H 216 32.94 33.69 41.41
N ALA H 217 32.80 35.01 41.55
CA ALA H 217 33.49 35.97 40.69
C ALA H 217 35.01 35.82 40.74
N ASN H 218 35.57 35.74 41.95
CA ASN H 218 37.02 35.60 42.17
C ASN H 218 37.60 34.29 41.63
N SER H 219 36.77 33.26 41.59
CA SER H 219 37.24 31.92 41.25
C SER H 219 37.45 31.68 39.77
N PHE H 220 36.73 32.40 38.91
CA PHE H 220 36.74 32.13 37.48
C PHE H 220 36.98 33.38 36.65
N GLU H 221 37.89 33.30 35.68
CA GLU H 221 38.14 34.40 34.74
C GLU H 221 36.95 34.61 33.80
N ARG H 222 36.29 33.52 33.43
CA ARG H 222 35.17 33.57 32.50
C ARG H 222 33.98 32.84 33.11
N ALA H 223 32.93 33.59 33.42
CA ALA H 223 31.81 33.01 34.16
C ALA H 223 30.50 33.75 33.98
N MET H 224 29.42 33.06 34.35
CA MET H 224 28.07 33.60 34.38
C MET H 224 27.40 33.14 35.68
N PHE H 225 26.55 33.99 36.26
CA PHE H 225 25.78 33.63 37.44
C PHE H 225 24.29 33.84 37.14
N ILE H 226 23.46 32.87 37.50
CA ILE H 226 22.00 33.02 37.41
C ILE H 226 21.41 33.01 38.83
N ASN H 227 20.59 34.01 39.12
CA ASN H 227 19.87 34.10 40.39
C ASN H 227 18.36 34.25 40.13
N TYR H 228 17.59 33.28 40.61
CA TYR H 228 16.12 33.38 40.61
C TYR H 228 15.62 33.49 42.05
N GLU H 229 14.81 34.51 42.34
CA GLU H 229 14.17 34.68 43.65
C GLU H 229 13.17 35.84 43.69
N GLN H 230 12.71 36.15 44.90
CA GLN H 230 11.73 37.22 45.11
C GLN H 230 12.25 38.61 44.74
N VAL H 231 11.32 39.52 44.47
CA VAL H 231 11.65 40.90 44.11
C VAL H 231 10.47 41.80 44.49
N ASN H 232 10.73 43.10 44.64
CA ASN H 232 9.70 44.10 44.98
C ASN H 232 9.03 43.80 46.33
N MET H 233 9.81 43.27 47.26
CA MET H 233 9.26 42.74 48.51
C MET H 233 8.89 43.81 49.53
N GLY H 234 9.23 45.06 49.24
CA GLY H 234 8.89 46.19 50.08
C GLY H 234 7.53 46.83 49.85
N ASP H 235 6.91 46.56 48.71
CA ASP H 235 5.57 47.13 48.43
C ASP H 235 4.44 46.42 49.18
N ARG H 236 3.19 46.73 48.83
CA ARG H 236 2.03 46.22 49.56
C ARG H 236 1.94 44.69 49.51
N PHE H 237 1.94 44.14 48.30
CA PHE H 237 1.87 42.69 48.12
C PHE H 237 3.11 41.96 48.62
N GLY H 238 4.27 42.63 48.53
CA GLY H 238 5.52 42.09 49.04
C GLY H 238 5.41 41.79 50.53
N GLN H 239 4.87 42.76 51.27
CA GLN H 239 4.68 42.63 52.71
C GLN H 239 3.66 41.54 53.06
N ILE H 240 2.64 41.37 52.20
CA ILE H 240 1.67 40.27 52.33
C ILE H 240 2.36 38.91 52.14
N MET H 241 3.22 38.81 51.13
CA MET H 241 3.98 37.57 50.87
C MET H 241 4.84 37.15 52.06
N ILE H 242 5.48 38.13 52.69
CA ILE H 242 6.31 37.90 53.88
C ILE H 242 5.45 37.45 55.08
N GLU H 243 4.21 37.93 55.13
CA GLU H 243 3.28 37.50 56.18
C GLU H 243 2.72 36.09 55.94
N ASN H 244 2.50 35.74 54.68
CA ASN H 244 2.16 34.37 54.28
C ASN H 244 3.21 33.35 54.74
N LEU H 245 4.47 33.78 54.69
CA LEU H 245 5.60 32.94 55.08
C LEU H 245 5.74 32.85 56.60
N ARG H 246 5.52 33.98 57.29
CA ARG H 246 5.60 34.02 58.76
C ARG H 246 4.56 33.10 59.43
N ARG H 247 3.51 32.77 58.68
CA ARG H 247 2.40 31.95 59.18
C ARG H 247 2.70 30.45 59.12
N ARG H 248 3.45 30.03 58.10
CA ARG H 248 3.86 28.63 57.97
C ARG H 248 5.31 28.42 58.44
N GLN H 249 5.70 29.17 59.47
CA GLN H 249 7.01 29.05 60.14
C GLN H 249 8.19 29.22 59.18
N CYS H 250 8.10 30.22 58.30
CA CYS H 250 9.13 30.45 57.30
C CYS H 250 9.62 31.89 57.31
N ASP H 251 10.95 32.04 57.32
CA ASP H 251 11.58 33.36 57.36
C ASP H 251 12.60 33.45 56.23
N LEU H 252 12.68 34.62 55.59
CA LEU H 252 13.63 34.85 54.50
C LEU H 252 14.79 35.73 54.95
N ALA H 253 15.88 35.08 55.36
CA ALA H 253 17.07 35.78 55.86
C ALA H 253 17.66 36.78 54.86
N GLY H 254 17.51 36.50 53.58
CA GLY H 254 18.07 37.38 52.54
C GLY H 254 17.07 38.30 51.87
N VAL H 255 15.96 38.58 52.54
CA VAL H 255 14.87 39.36 51.93
C VAL H 255 15.22 40.83 51.60
N GLU H 256 16.20 41.41 52.31
CA GLU H 256 16.64 42.79 52.06
C GLU H 256 17.09 43.02 50.61
N THR H 257 17.72 42.01 50.00
CA THR H 257 18.21 42.15 48.63
C THR H 257 17.10 41.99 47.58
N CYS H 258 15.93 41.56 48.02
CA CYS H 258 14.77 41.44 47.15
C CYS H 258 13.91 42.71 47.05
N LYS H 259 14.48 43.85 47.47
CA LYS H 259 13.78 45.15 47.41
C LYS H 259 13.28 45.48 45.98
N SER H 260 14.17 45.34 45.01
CA SER H 260 13.85 45.75 43.65
C SER H 260 14.77 45.09 42.64
N LEU H 261 14.42 45.18 41.36
CA LEU H 261 15.31 44.73 40.29
C LEU H 261 16.66 45.47 40.37
N GLU H 262 16.60 46.76 40.75
CA GLU H 262 17.80 47.56 40.93
C GLU H 262 18.71 47.03 42.05
N SER H 263 18.12 46.63 43.18
CA SER H 263 18.92 46.11 44.28
C SER H 263 19.54 44.76 43.92
N GLN H 264 18.80 43.94 43.17
CA GLN H 264 19.29 42.67 42.67
C GLN H 264 20.48 42.83 41.72
N LYS H 265 20.38 43.79 40.80
CA LYS H 265 21.50 44.10 39.89
C LYS H 265 22.71 44.67 40.63
N GLU H 266 22.44 45.57 41.59
CA GLU H 266 23.52 46.21 42.37
C GLU H 266 24.32 45.18 43.18
N ARG H 267 23.63 44.20 43.75
CA ARG H 267 24.27 43.09 44.46
C ARG H 267 25.28 42.33 43.59
N LEU H 268 24.97 42.16 42.32
CA LEU H 268 25.86 41.46 41.41
C LEU H 268 27.08 42.31 41.02
N LEU H 269 26.84 43.55 40.61
CA LEU H 269 27.91 44.46 40.17
C LEU H 269 28.88 44.84 41.29
N SER H 270 28.39 44.90 42.51
CA SER H 270 29.25 45.29 43.63
C SER H 270 29.93 44.08 44.28
N ASN H 271 29.67 42.89 43.77
CA ASN H 271 30.34 41.68 44.24
C ASN H 271 31.14 40.95 43.15
N GLY H 272 31.76 41.74 42.28
CA GLY H 272 32.78 41.23 41.36
C GLY H 272 32.34 40.87 39.95
N TRP H 273 31.06 41.09 39.65
CA TRP H 273 30.53 40.76 38.33
C TRP H 273 30.56 41.98 37.42
N GLU H 274 30.86 41.76 36.15
CA GLU H 274 31.04 42.83 35.19
C GLU H 274 29.73 43.35 34.58
N THR H 275 28.76 42.44 34.39
CA THR H 275 27.45 42.81 33.84
C THR H 275 26.34 42.26 34.75
N ALA H 276 25.17 42.90 34.70
CA ALA H 276 24.02 42.46 35.48
C ALA H 276 22.74 42.83 34.74
N SER H 277 21.91 41.82 34.50
CA SER H 277 20.60 41.99 33.87
C SER H 277 19.56 41.40 34.80
N ALA H 278 18.36 41.97 34.80
CA ALA H 278 17.28 41.43 35.62
C ALA H 278 15.92 41.69 34.98
N VAL H 279 15.01 40.75 35.16
CA VAL H 279 13.68 40.83 34.59
C VAL H 279 12.73 40.30 35.65
N ASP H 280 11.57 40.93 35.84
CA ASP H 280 10.56 40.26 36.68
C ASP H 280 9.87 39.20 35.83
N MET H 281 9.26 38.21 36.48
CA MET H 281 8.72 37.05 35.76
C MET H 281 7.51 37.36 34.87
N MET H 282 6.79 38.43 35.19
CA MET H 282 5.67 38.86 34.34
C MET H 282 6.15 39.34 32.97
N GLU H 283 7.24 40.10 32.93
CA GLU H 283 7.81 40.51 31.64
C GLU H 283 8.30 39.30 30.84
N LEU H 284 8.99 38.37 31.51
CA LEU H 284 9.42 37.13 30.86
C LEU H 284 8.21 36.37 30.29
N TYR H 285 7.16 36.24 31.09
CA TYR H 285 5.93 35.54 30.71
C TYR H 285 5.27 36.24 29.53
N ASN H 286 5.19 37.57 29.61
CA ASN H 286 4.67 38.36 28.50
C ASN H 286 5.46 38.21 27.19
N ARG H 287 6.73 37.81 27.29
CA ARG H 287 7.55 37.67 26.09
C ARG H 287 7.54 36.29 25.46
N LEU H 288 6.84 35.35 26.10
CA LEU H 288 6.65 34.01 25.54
C LEU H 288 5.86 34.06 24.24
N PRO H 289 6.17 33.15 23.28
CA PRO H 289 5.35 33.07 22.07
C PRO H 289 3.87 32.86 22.43
N ARG H 290 2.98 33.54 21.70
CA ARG H 290 1.54 33.46 21.92
C ARG H 290 1.03 32.02 21.98
N ALA H 291 1.50 31.17 21.06
CA ALA H 291 1.10 29.76 21.00
C ALA H 291 1.45 29.01 22.30
N GLU H 292 2.60 29.35 22.89
CA GLU H 292 3.01 28.81 24.19
C GLU H 292 2.18 29.34 25.35
N VAL H 293 1.89 30.63 25.34
CA VAL H 293 0.99 31.23 26.33
C VAL H 293 -0.39 30.56 26.28
N SER H 294 -0.90 30.34 25.07
CA SER H 294 -2.18 29.65 24.90
C SER H 294 -2.14 28.18 25.37
N ARG H 295 -1.05 27.46 25.07
CA ARG H 295 -0.86 26.09 25.58
C ARG H 295 -0.92 26.07 27.11
N ILE H 296 -0.15 26.95 27.74
CA ILE H 296 -0.13 27.11 29.20
C ILE H 296 -1.51 27.40 29.76
N GLU H 297 -2.20 28.37 29.14
CA GLU H 297 -3.54 28.78 29.55
C GLU H 297 -4.60 27.69 29.33
N SER H 298 -4.30 26.71 28.49
CA SER H 298 -5.23 25.62 28.22
C SER H 298 -5.15 24.47 29.23
N LEU H 299 -4.16 24.50 30.11
CA LEU H 299 -3.98 23.43 31.11
C LEU H 299 -4.88 23.65 32.32
N GLU H 300 -4.96 24.90 32.77
CA GLU H 300 -5.82 25.27 33.90
C GLU H 300 -6.48 26.59 33.58
N PHE H 301 -7.69 26.77 34.07
CA PHE H 301 -8.44 28.00 33.80
C PHE H 301 -8.26 29.00 34.93
N LEU H 302 -8.05 30.25 34.55
CA LEU H 302 -7.83 31.32 35.50
C LEU H 302 -8.77 32.48 35.24
N ASP H 303 -9.48 32.87 36.29
CA ASP H 303 -10.42 34.00 36.23
C ASP H 303 -9.80 35.27 36.81
N GLU H 304 -9.03 35.14 37.89
CA GLU H 304 -8.36 36.29 38.51
C GLU H 304 -6.94 36.51 37.94
N MET H 305 -6.83 37.45 37.00
CA MET H 305 -5.53 37.78 36.40
C MET H 305 -4.64 38.61 37.33
N GLU H 306 -5.26 39.31 38.27
CA GLU H 306 -4.55 40.21 39.20
C GLU H 306 -3.65 39.45 40.18
N LEU H 307 -4.05 38.23 40.55
CA LEU H 307 -3.22 37.40 41.42
C LEU H 307 -1.97 36.93 40.66
N LEU H 308 -2.18 36.40 39.46
CA LEU H 308 -1.08 35.99 38.59
C LEU H 308 -0.09 37.14 38.32
N GLU H 309 -0.61 38.30 37.92
CA GLU H 309 0.20 39.50 37.71
C GLU H 309 1.06 39.83 38.93
N GLN H 310 0.42 39.88 40.09
CA GLN H 310 1.07 40.30 41.33
C GLN H 310 2.18 39.34 41.78
N LEU H 311 1.92 38.04 41.65
CA LEU H 311 2.92 37.02 41.98
C LEU H 311 4.09 37.06 41.00
N MET H 312 3.78 37.16 39.71
CA MET H 312 4.80 37.25 38.66
C MET H 312 5.69 38.49 38.80
N ARG H 313 5.11 39.59 39.27
CA ARG H 313 5.86 40.83 39.51
C ARG H 313 6.69 40.79 40.80
N HIS H 314 6.57 39.71 41.58
CA HIS H 314 7.34 39.58 42.82
C HIS H 314 8.38 38.45 42.80
N TYR H 315 8.69 37.98 41.60
CA TYR H 315 9.85 37.12 41.39
C TYR H 315 10.65 37.65 40.20
N CYS H 316 11.96 37.45 40.25
CA CYS H 316 12.83 37.90 39.17
C CYS H 316 13.83 36.84 38.72
N LEU H 317 14.30 37.00 37.49
CA LEU H 317 15.37 36.18 36.96
C LEU H 317 16.52 37.13 36.66
N CYS H 318 17.65 36.93 37.35
CA CYS H 318 18.80 37.81 37.19
C CYS H 318 20.02 37.03 36.72
N TRP H 319 20.88 37.68 35.95
CA TRP H 319 22.09 37.03 35.49
C TRP H 319 23.23 38.03 35.30
N ALA H 320 24.44 37.55 35.56
CA ALA H 320 25.63 38.37 35.56
C ALA H 320 26.72 37.63 34.82
N THR H 321 27.61 38.36 34.17
CA THR H 321 28.75 37.73 33.51
C THR H 321 30.05 38.44 33.89
N LYS H 322 31.16 37.76 33.63
CA LYS H 322 32.49 38.38 33.71
C LYS H 322 33.46 37.71 32.73
N GLY H 323 34.31 38.52 32.10
CA GLY H 323 35.32 38.05 31.13
C GLY H 323 34.84 37.31 29.89
N GLY H 324 33.60 37.54 29.49
CA GLY H 324 33.03 36.74 28.41
C GLY H 324 33.07 37.31 27.00
N ASN H 325 33.83 38.38 26.80
CA ASN H 325 33.78 39.11 25.51
C ASN H 325 34.15 38.31 24.27
N GLU H 326 35.17 37.46 24.38
CA GLU H 326 35.54 36.58 23.27
C GLU H 326 34.41 35.58 22.97
N LEU H 327 33.73 35.14 24.01
CA LEU H 327 32.63 34.18 23.89
C LEU H 327 31.28 34.86 23.62
N GLY H 328 31.20 36.14 23.96
CA GLY H 328 29.95 36.90 23.81
C GLY H 328 28.96 36.59 24.92
N LEU H 329 29.48 36.41 26.14
CA LEU H 329 28.65 36.09 27.30
C LEU H 329 27.68 37.22 27.66
N LYS H 330 28.13 38.46 27.48
CA LYS H 330 27.30 39.63 27.79
C LYS H 330 26.06 39.76 26.88
N GLU H 331 26.06 39.02 25.77
CA GLU H 331 24.93 39.01 24.83
C GLU H 331 23.84 38.00 25.19
N ILE H 332 24.15 37.12 26.15
CA ILE H 332 23.20 36.10 26.55
C ILE H 332 21.94 36.69 27.17
N THR H 333 20.78 36.22 26.71
CA THR H 333 19.50 36.64 27.25
C THR H 333 18.51 35.47 27.27
N TYR H 334 17.37 35.68 27.93
CA TYR H 334 16.36 34.62 28.10
C TYR H 334 15.54 34.41 26.84
N SAH I . 20.93 21.81 -17.48
CA SAH I . 20.87 22.03 -18.97
CB SAH I . 22.13 22.72 -19.52
CG SAH I . 23.43 21.93 -19.27
SD SAH I . 24.81 22.86 -19.90
C SAH I . 20.69 20.70 -19.65
O SAH I . 20.99 19.67 -19.06
OXT SAH I . 20.26 20.63 -20.81
C5' SAH I . 25.41 23.59 -18.41
C4' SAH I . 24.67 24.87 -18.06
O4' SAH I . 25.09 25.31 -16.76
C3' SAH I . 24.98 26.02 -19.02
O3' SAH I . 23.75 26.59 -19.48
C2' SAH I . 25.78 27.00 -18.18
O2' SAH I . 25.66 28.37 -18.60
C1' SAH I . 25.25 26.72 -16.77
N9 SAH I . 26.20 27.18 -15.72
C8 SAH I . 27.43 26.67 -15.48
N7 SAH I . 28.06 27.32 -14.48
C5 SAH I . 27.21 28.27 -14.03
C6 SAH I . 27.24 29.31 -12.99
N6 SAH I . 28.34 29.46 -12.19
N1 SAH I . 26.14 30.10 -12.86
C2 SAH I . 25.06 29.98 -13.66
N3 SAH I . 24.96 29.05 -14.63
C4 SAH I . 25.98 28.17 -14.86
C1 GOL J . 26.00 11.34 -24.00
O1 GOL J . 27.32 10.84 -23.93
C2 GOL J . 25.48 11.67 -22.60
O2 GOL J . 25.92 10.72 -21.67
C3 GOL J . 25.93 13.04 -22.14
O3 GOL J . 25.22 13.37 -20.97
N SAH K . 21.78 -16.68 7.87
CA SAH K . 20.75 -17.72 8.12
CB SAH K . 20.32 -17.79 9.60
CG SAH K . 19.69 -16.49 10.13
SD SAH K . 19.33 -16.62 11.85
C SAH K . 19.56 -17.42 7.26
O SAH K . 19.41 -16.31 6.77
OXT SAH K . 18.71 -18.28 7.02
C5' SAH K . 20.73 -15.86 12.60
C4' SAH K . 21.91 -16.82 12.74
O4' SAH K . 23.08 -16.10 13.17
C3' SAH K . 21.67 -17.90 13.79
O3' SAH K . 22.00 -19.16 13.20
C2' SAH K . 22.61 -17.54 14.94
O2' SAH K . 23.09 -18.66 15.70
C1' SAH K . 23.74 -16.85 14.19
N9 SAH K . 24.50 -15.94 15.08
C8 SAH K . 24.05 -14.83 15.68
N7 SAH K . 25.01 -14.25 16.42
C5 SAH K . 26.12 -15.00 16.29
C6 SAH K . 27.51 -14.98 16.80
N6 SAH K . 27.95 -14.00 17.63
N1 SAH K . 28.34 -15.97 16.42
C2 SAH K . 27.95 -16.96 15.59
N3 SAH K . 26.71 -17.05 15.09
C4 SAH K . 25.77 -16.12 15.41
O1 MES L . 16.24 4.14 -2.81
C2 MES L . 17.17 4.43 -1.76
C3 MES L . 18.46 3.64 -1.95
N4 MES L . 18.90 3.76 -3.36
C5 MES L . 17.97 3.81 -4.49
C6 MES L . 16.72 4.60 -4.08
C7 MES L . 20.33 3.76 -3.69
C8 MES L . 21.21 4.09 -2.48
S MES L . 22.82 3.82 -2.90
O1S MES L . 23.74 4.35 -1.87
O2S MES L . 22.98 2.35 -3.01
O3S MES L . 23.07 4.53 -4.16
C1 GOL M . 9.61 -11.85 6.30
O1 GOL M . 8.55 -10.98 6.63
C2 GOL M . 10.92 -11.11 6.53
O2 GOL M . 11.01 -10.05 5.60
C3 GOL M . 12.11 -12.07 6.34
O3 GOL M . 13.32 -11.40 6.58
N SAH N . -22.52 29.74 13.57
CA SAH N . -21.40 28.89 14.09
CB SAH N . -21.36 27.51 13.41
CG SAH N . -21.12 27.56 11.90
SD SAH N . -21.19 25.94 11.17
C SAH N . -20.10 29.61 13.91
O SAH N . -20.03 30.54 13.10
OXT SAH N . -19.08 29.30 14.51
C5' SAH N . -22.91 25.82 10.74
C4' SAH N . -23.79 25.42 11.91
O4' SAH N . -25.16 25.48 11.51
C3' SAH N . -23.54 23.99 12.37
O3' SAH N . -23.41 23.97 13.78
C2' SAH N . -24.80 23.25 11.93
O2' SAH N . -25.09 22.12 12.77
C1' SAH N . -25.86 24.34 12.00
N9 SAH N . -27.03 24.02 11.14
C8 SAH N . -27.00 23.88 9.80
N7 SAH N . -28.22 23.57 9.32
C5 SAH N . -29.05 23.48 10.36
C6 SAH N . -30.49 23.19 10.56
N6 SAH N . -31.31 22.92 9.51
N1 SAH N . -30.96 23.23 11.82
C2 SAH N . -30.18 23.50 12.89
N3 SAH N . -28.87 23.77 12.78
C4 SAH N . -28.26 23.78 11.57
C1 GOL O . -14.14 32.19 7.11
O1 GOL O . -15.52 32.23 6.87
C2 GOL O . -13.41 32.35 5.78
O2 GOL O . -13.36 33.72 5.45
C3 GOL O . -11.98 31.80 5.87
O3 GOL O . -11.32 32.12 4.65
N SAH P . -21.66 0.69 33.46
CA SAH P . -21.30 2.12 33.77
CB SAH P . -22.54 3.04 33.78
CG SAH P . -23.56 2.75 34.87
SD SAH P . -24.95 3.84 34.74
C SAH P . -20.57 2.19 35.08
O SAH P . -20.67 1.28 35.91
OXT SAH P . -19.82 3.13 35.37
C5' SAH P . -26.10 2.93 33.75
C4' SAH P . -25.81 3.07 32.26
O4' SAH P . -26.59 2.12 31.51
C3' SAH P . -26.12 4.45 31.71
O3' SAH P . -25.00 4.88 30.91
C2' SAH P . -27.35 4.21 30.84
O2' SAH P . -27.47 5.16 29.77
C1' SAH P . -27.11 2.79 30.37
N9 SAH P . -28.37 2.17 29.93
C8 SAH P . -29.46 1.90 30.69
N7 SAH P . -30.43 1.35 29.95
C5 SAH P . -29.97 1.25 28.68
C6 SAH P . -30.50 0.75 27.40
N6 SAH P . -31.77 0.23 27.29
N1 SAH P . -29.68 0.83 26.33
C2 SAH P . -28.44 1.35 26.39
N3 SAH P . -27.89 1.82 27.53
C4 SAH P . -28.60 1.79 28.68
O1 MES Q . -22.56 -16.62 50.31
C2 MES Q . -21.69 -17.76 50.17
C3 MES Q . -21.04 -17.79 48.79
N4 MES Q . -22.13 -17.91 47.82
C5 MES Q . -23.46 -17.36 48.10
C6 MES Q . -23.36 -16.27 49.17
C7 MES Q . -21.82 -18.60 46.57
C8 MES Q . -23.10 -18.89 45.76
S MES Q . -22.69 -19.70 44.36
O1S MES Q . -21.94 -20.91 44.76
O2S MES Q . -23.87 -20.11 43.58
O3S MES Q . -21.84 -18.80 43.55
C1 GOL R . -22.00 1.54 44.27
O1 GOL R . -22.71 0.70 43.40
C2 GOL R . -22.67 1.43 45.64
O2 GOL R . -22.21 0.25 46.25
C3 GOL R . -22.36 2.63 46.51
O3 GOL R . -23.15 2.56 47.68
N SAH S . -18.64 -38.06 -2.79
CA SAH S . -18.23 -36.65 -2.49
CB SAH S . -19.45 -35.71 -2.47
CG SAH S . -20.50 -36.02 -1.40
SD SAH S . -21.85 -34.88 -1.56
C SAH S . -17.49 -36.62 -1.19
O SAH S . -17.56 -37.55 -0.39
OXT SAH S . -16.79 -35.65 -0.86
C5' SAH S . -23.01 -35.78 -2.53
C4' SAH S . -22.71 -35.64 -4.03
O4' SAH S . -23.47 -36.59 -4.78
C3' SAH S . -23.09 -34.25 -4.55
O3' SAH S . -22.01 -33.75 -5.34
C2' SAH S . -24.29 -34.52 -5.42
O2' SAH S . -24.41 -33.59 -6.49
C1' SAH S . -24.00 -35.93 -5.92
N9 SAH S . -25.27 -36.56 -6.38
C8 SAH S . -26.33 -36.83 -5.60
N7 SAH S . -27.32 -37.39 -6.33
C5 SAH S . -26.90 -37.47 -7.60
C6 SAH S . -27.46 -37.95 -8.88
N6 SAH S . -28.72 -38.47 -8.96
N1 SAH S . -26.68 -37.84 -9.98
C2 SAH S . -25.44 -37.32 -9.94
N3 SAH S . -24.86 -36.86 -8.81
C4 SAH S . -25.53 -36.91 -7.63
O1 MES T . -19.41 -55.25 13.92
C2 MES T . -20.51 -55.42 13.03
C3 MES T . -20.01 -55.52 11.58
N4 MES T . -18.91 -56.49 11.51
C5 MES T . -17.86 -56.52 12.54
C6 MES T . -18.52 -56.37 13.91
C7 MES T . -18.75 -57.45 10.41
C8 MES T . -19.96 -57.49 9.45
S MES T . -19.53 -58.41 8.11
O1S MES T . -18.81 -59.61 8.59
O2S MES T . -20.71 -58.87 7.35
O3S MES T . -18.68 -57.56 7.25
C1 GOL U . -19.20 -36.12 10.29
O1 GOL U . -19.93 -36.14 11.51
C2 GOL U . -19.60 -37.33 9.43
O2 GOL U . -19.08 -38.49 10.03
C3 GOL U . -19.00 -37.21 8.03
O3 GOL U . -19.67 -38.06 7.13
N SAH V . -19.34 -8.89 -22.43
CA SAH V . -18.19 -9.73 -21.99
CB SAH V . -18.12 -11.09 -22.72
CG SAH V . -17.96 -11.03 -24.24
SD SAH V . -17.94 -12.68 -24.88
C SAH V . -16.94 -8.94 -22.24
O SAH V . -16.94 -8.05 -23.09
OXT SAH V . -15.92 -9.17 -21.61
C5' SAH V . -19.62 -12.86 -25.40
C4' SAH V . -20.56 -13.28 -24.26
O4' SAH V . -21.93 -13.22 -24.72
C3' SAH V . -20.32 -14.72 -23.79
O3' SAH V . -20.25 -14.74 -22.37
C2' SAH V . -21.54 -15.46 -24.28
O2' SAH V . -21.89 -16.58 -23.45
C1' SAH V . -22.61 -14.39 -24.24
N9 SAH V . -23.77 -14.75 -25.10
C8 SAH V . -23.73 -14.92 -26.43
N7 SAH V . -24.95 -15.26 -26.92
C5 SAH V . -25.79 -15.29 -25.87
C6 SAH V . -27.22 -15.59 -25.69
N6 SAH V . -27.98 -15.92 -26.76
N1 SAH V . -27.72 -15.53 -24.44
C2 SAH V . -26.95 -15.22 -23.36
N3 SAH V . -25.64 -14.94 -23.46
C4 SAH V . -25.01 -14.97 -24.66
C1 GOL W . -10.97 -6.24 -28.68
O1 GOL W . -12.25 -6.24 -29.27
C2 GOL W . -9.84 -5.88 -29.65
O2 GOL W . -10.20 -4.92 -30.61
C3 GOL W . -9.19 -7.09 -30.32
O3 GOL W . -8.14 -6.61 -31.14
N SAH X . 21.54 -13.81 -54.93
CA SAH X . 21.51 -13.60 -56.43
CB SAH X . 22.78 -12.93 -56.98
CG SAH X . 24.07 -13.68 -56.64
SD SAH X . 25.49 -12.81 -57.27
C SAH X . 21.31 -14.93 -57.10
O SAH X . 21.58 -15.96 -56.51
OXT SAH X . 20.87 -14.99 -58.26
C5' SAH X . 26.10 -11.98 -55.83
C4' SAH X . 25.27 -10.74 -55.54
O4' SAH X . 25.55 -10.23 -54.22
C3' SAH X . 25.60 -9.61 -56.53
O3' SAH X . 24.39 -8.98 -56.99
C2' SAH X . 26.38 -8.62 -55.70
O2' SAH X . 26.20 -7.27 -56.18
C1' SAH X . 25.80 -8.83 -54.30
N9 SAH X . 26.75 -8.39 -53.26
C8 SAH X . 27.97 -8.91 -53.01
N7 SAH X . 28.57 -8.24 -52.00
C5 SAH X . 27.73 -7.27 -51.60
C6 SAH X . 27.74 -6.21 -50.56
N6 SAH X . 28.82 -6.06 -49.77
N1 SAH X . 26.65 -5.41 -50.47
C2 SAH X . 25.58 -5.54 -51.27
N3 SAH X . 25.51 -6.50 -52.23
C4 SAH X . 26.53 -7.37 -52.43
C1 GOL Y . 25.60 -22.71 -59.24
O1 GOL Y . 25.99 -22.03 -58.09
C2 GOL Y . 26.72 -23.67 -59.59
O2 GOL Y . 26.52 -24.90 -58.93
C3 GOL Y . 26.75 -23.92 -61.09
O3 GOL Y . 27.89 -24.71 -61.35
N SAH Z . 17.37 24.80 43.21
CA SAH Z . 16.27 23.82 43.44
CB SAH Z . 15.87 23.73 44.91
CG SAH Z . 15.31 25.02 45.50
SD SAH Z . 14.96 24.84 47.23
C SAH Z . 15.06 24.18 42.61
O SAH Z . 14.87 25.35 42.26
OXT SAH Z . 14.24 23.33 42.28
C5' SAH Z . 16.38 25.61 47.95
C4' SAH Z . 17.56 24.65 48.02
O4' SAH Z . 18.75 25.35 48.44
C3' SAH Z . 17.33 23.54 49.05
O3' SAH Z . 17.57 22.27 48.46
C2' SAH Z . 18.33 23.83 50.16
O2' SAH Z . 18.80 22.64 50.83
C1' SAH Z . 19.44 24.55 49.40
N9 SAH Z . 20.25 25.38 50.32
C8 SAH Z . 19.82 26.43 51.03
N7 SAH Z . 20.80 26.93 51.79
C5 SAH Z . 21.91 26.19 51.57
C6 SAH Z . 23.30 26.18 52.07
N6 SAH Z . 23.72 27.10 52.97
N1 SAH Z . 24.12 25.22 51.60
C2 SAH Z . 23.72 24.28 50.71
N3 SAH Z . 22.46 24.24 50.22
C4 SAH Z . 21.53 25.15 50.60
O1 MES AA . 21.07 41.75 27.49
C2 MES AA . 20.25 41.04 28.43
C3 MES AA . 19.07 41.86 28.92
N4 MES AA . 19.62 43.07 29.55
C5 MES AA . 20.89 43.64 29.09
C6 MES AA . 21.09 43.18 27.66
C7 MES AA . 18.84 43.71 30.61
C8 MES AA . 19.71 44.68 31.43
S MES AA . 18.72 45.45 32.54
O1S MES AA . 19.46 46.28 33.51
O2S MES AA . 17.81 46.31 31.75
O3S MES AA . 18.00 44.39 33.26
C1 GOL BA . 5.25 30.15 42.52
O1 GOL BA . 4.30 31.14 42.83
C2 GOL BA . 6.61 30.82 42.32
O2 GOL BA . 6.53 31.80 41.30
C3 GOL BA . 7.64 29.78 41.89
O3 GOL BA . 8.90 30.22 42.36
#